data_2DMX
#
_entry.id   2DMX
#
_entity_poly.entity_id   1
_entity_poly.type   'polypeptide(L)'
_entity_poly.pdbx_seq_one_letter_code
;GSSGSSGMANYYEVLGVQASASPEDIKKAYRKLALRWHPDKNPDNKEEAEKKFKLVSEAYEVLSDSKKRSLYDRAGCDSW
RAGGGASGPSSG
;
_entity_poly.pdbx_strand_id   A
#
# COMPACT_ATOMS: atom_id res chain seq x y z
N GLY A 1 21.61 10.91 10.81
CA GLY A 1 20.34 11.59 10.91
C GLY A 1 19.81 12.03 9.56
N SER A 2 18.49 11.99 9.40
CA SER A 2 17.86 12.39 8.15
C SER A 2 16.36 12.59 8.33
N SER A 3 15.75 13.34 7.42
CA SER A 3 14.33 13.62 7.49
C SER A 3 13.51 12.40 7.08
N GLY A 4 12.29 12.31 7.60
CA GLY A 4 11.43 11.18 7.28
C GLY A 4 11.22 11.01 5.79
N SER A 5 10.64 9.88 5.39
CA SER A 5 10.39 9.60 3.98
C SER A 5 8.90 9.75 3.66
N SER A 6 8.61 10.19 2.44
CA SER A 6 7.24 10.39 2.00
C SER A 6 6.56 9.05 1.71
N GLY A 7 7.27 8.20 0.95
CA GLY A 7 6.73 6.90 0.61
C GLY A 7 6.69 6.66 -0.89
N MET A 8 5.83 7.41 -1.57
CA MET A 8 5.69 7.28 -3.02
C MET A 8 5.42 5.83 -3.42
N ALA A 9 4.58 5.16 -2.63
CA ALA A 9 4.23 3.77 -2.90
C ALA A 9 2.75 3.64 -3.26
N ASN A 10 2.46 2.98 -4.37
CA ASN A 10 1.10 2.78 -4.82
C ASN A 10 0.40 1.69 -4.01
N TYR A 11 -0.65 2.06 -3.30
CA TYR A 11 -1.39 1.11 -2.48
C TYR A 11 -1.75 -0.13 -3.28
N TYR A 12 -2.41 0.07 -4.42
CA TYR A 12 -2.82 -1.03 -5.28
C TYR A 12 -1.64 -1.97 -5.55
N GLU A 13 -0.49 -1.39 -5.83
CA GLU A 13 0.71 -2.16 -6.12
C GLU A 13 1.11 -3.00 -4.90
N VAL A 14 1.27 -2.34 -3.76
CA VAL A 14 1.66 -3.03 -2.53
C VAL A 14 0.86 -4.31 -2.34
N LEU A 15 -0.46 -4.20 -2.45
CA LEU A 15 -1.33 -5.36 -2.29
C LEU A 15 -1.23 -6.29 -3.50
N GLY A 16 -1.20 -5.71 -4.69
CA GLY A 16 -1.09 -6.50 -5.90
C GLY A 16 -2.43 -6.75 -6.55
N VAL A 17 -3.29 -5.73 -6.54
CA VAL A 17 -4.61 -5.84 -7.14
C VAL A 17 -4.92 -4.64 -8.03
N GLN A 18 -6.03 -4.72 -8.76
CA GLN A 18 -6.43 -3.64 -9.66
C GLN A 18 -7.51 -2.78 -9.01
N ALA A 19 -7.71 -1.58 -9.57
CA ALA A 19 -8.71 -0.66 -9.06
C ALA A 19 -10.11 -1.23 -9.20
N SER A 20 -10.34 -1.99 -10.26
CA SER A 20 -11.64 -2.60 -10.52
C SER A 20 -11.79 -3.90 -9.74
N ALA A 21 -10.93 -4.09 -8.75
CA ALA A 21 -10.96 -5.30 -7.92
C ALA A 21 -12.16 -5.27 -6.97
N SER A 22 -12.47 -6.44 -6.39
CA SER A 22 -13.60 -6.55 -5.47
C SER A 22 -13.14 -6.30 -4.03
N PRO A 23 -14.09 -5.96 -3.15
CA PRO A 23 -13.82 -5.70 -1.74
C PRO A 23 -13.45 -6.96 -0.98
N GLU A 24 -13.61 -8.11 -1.63
CA GLU A 24 -13.30 -9.39 -1.01
C GLU A 24 -11.89 -9.84 -1.38
N ASP A 25 -11.50 -9.58 -2.63
CA ASP A 25 -10.18 -9.95 -3.11
C ASP A 25 -9.08 -9.27 -2.30
N ILE A 26 -9.24 -7.97 -2.10
CA ILE A 26 -8.25 -7.19 -1.34
C ILE A 26 -8.11 -7.74 0.08
N LYS A 27 -9.24 -8.08 0.69
CA LYS A 27 -9.25 -8.61 2.05
C LYS A 27 -8.46 -9.92 2.12
N LYS A 28 -8.87 -10.89 1.31
CA LYS A 28 -8.21 -12.19 1.28
C LYS A 28 -6.72 -12.04 0.93
N ALA A 29 -6.44 -11.19 -0.06
CA ALA A 29 -5.07 -10.95 -0.48
C ALA A 29 -4.21 -10.42 0.67
N TYR A 30 -4.71 -9.39 1.33
CA TYR A 30 -3.99 -8.79 2.45
C TYR A 30 -3.63 -9.85 3.50
N ARG A 31 -4.66 -10.44 4.10
CA ARG A 31 -4.45 -11.46 5.12
C ARG A 31 -3.27 -12.36 4.76
N LYS A 32 -3.36 -13.01 3.60
CA LYS A 32 -2.30 -13.89 3.13
C LYS A 32 -0.97 -13.14 3.01
N LEU A 33 -1.03 -11.93 2.47
CA LEU A 33 0.16 -11.11 2.30
C LEU A 33 0.86 -10.89 3.64
N ALA A 34 0.11 -10.45 4.63
CA ALA A 34 0.66 -10.20 5.96
C ALA A 34 1.59 -11.34 6.39
N LEU A 35 1.12 -12.57 6.23
CA LEU A 35 1.91 -13.74 6.59
C LEU A 35 3.12 -13.89 5.68
N ARG A 36 2.91 -13.68 4.39
CA ARG A 36 4.00 -13.78 3.42
C ARG A 36 5.14 -12.83 3.77
N TRP A 37 4.81 -11.55 3.92
CA TRP A 37 5.80 -10.54 4.24
C TRP A 37 6.04 -10.48 5.75
N HIS A 38 5.61 -11.53 6.45
CA HIS A 38 5.78 -11.59 7.91
C HIS A 38 7.25 -11.70 8.28
N PRO A 39 7.66 -10.94 9.31
CA PRO A 39 9.05 -10.94 9.79
C PRO A 39 9.43 -12.25 10.47
N ASP A 40 8.54 -12.75 11.30
CA ASP A 40 8.78 -14.00 12.01
C ASP A 40 8.98 -15.16 11.04
N LYS A 41 8.25 -15.12 9.94
CA LYS A 41 8.35 -16.17 8.91
C LYS A 41 9.65 -16.02 8.11
N ASN A 42 10.22 -14.83 8.14
CA ASN A 42 11.46 -14.57 7.42
C ASN A 42 12.62 -14.36 8.39
N PRO A 43 13.45 -15.40 8.54
CA PRO A 43 14.62 -15.37 9.43
C PRO A 43 15.71 -14.44 8.92
N ASP A 44 16.10 -14.62 7.66
CA ASP A 44 17.13 -13.80 7.05
C ASP A 44 16.95 -12.33 7.41
N ASN A 45 15.81 -11.77 7.01
CA ASN A 45 15.51 -10.37 7.29
C ASN A 45 14.16 -10.23 8.01
N LYS A 46 14.21 -9.75 9.24
CA LYS A 46 12.99 -9.57 10.03
C LYS A 46 12.45 -8.16 9.88
N GLU A 47 13.31 -7.16 10.08
CA GLU A 47 12.91 -5.76 9.95
C GLU A 47 12.31 -5.49 8.58
N GLU A 48 13.08 -5.77 7.53
CA GLU A 48 12.61 -5.56 6.17
C GLU A 48 11.18 -6.02 6.00
N ALA A 49 10.89 -7.24 6.45
CA ALA A 49 9.54 -7.79 6.36
C ALA A 49 8.55 -6.96 7.16
N GLU A 50 8.88 -6.68 8.40
CA GLU A 50 8.02 -5.89 9.27
C GLU A 50 7.39 -4.73 8.51
N LYS A 51 8.24 -3.86 7.97
CA LYS A 51 7.77 -2.70 7.22
C LYS A 51 6.64 -3.10 6.26
N LYS A 52 6.91 -4.09 5.42
CA LYS A 52 5.93 -4.56 4.46
C LYS A 52 4.62 -4.93 5.16
N PHE A 53 4.73 -5.54 6.33
CA PHE A 53 3.55 -5.94 7.10
C PHE A 53 2.66 -4.74 7.38
N LYS A 54 3.27 -3.63 7.76
CA LYS A 54 2.52 -2.41 8.06
C LYS A 54 1.89 -1.83 6.80
N LEU A 55 2.62 -1.91 5.69
CA LEU A 55 2.13 -1.41 4.42
C LEU A 55 0.91 -2.19 3.94
N VAL A 56 1.06 -3.51 3.87
CA VAL A 56 -0.03 -4.38 3.43
C VAL A 56 -1.29 -4.12 4.25
N SER A 57 -1.11 -3.74 5.50
CA SER A 57 -2.24 -3.47 6.40
C SER A 57 -2.78 -2.07 6.17
N GLU A 58 -1.88 -1.10 6.03
CA GLU A 58 -2.27 0.28 5.81
C GLU A 58 -3.12 0.42 4.56
N ALA A 59 -2.56 -0.01 3.42
CA ALA A 59 -3.26 0.05 2.15
C ALA A 59 -4.58 -0.72 2.20
N TYR A 60 -4.53 -1.91 2.78
CA TYR A 60 -5.72 -2.75 2.89
C TYR A 60 -6.93 -1.93 3.33
N GLU A 61 -6.72 -1.02 4.27
CA GLU A 61 -7.79 -0.16 4.76
C GLU A 61 -8.06 0.99 3.80
N VAL A 62 -6.98 1.64 3.35
CA VAL A 62 -7.11 2.76 2.43
C VAL A 62 -8.05 2.43 1.28
N LEU A 63 -7.97 1.20 0.79
CA LEU A 63 -8.81 0.75 -0.31
C LEU A 63 -10.13 0.18 0.22
N SER A 64 -10.03 -0.67 1.23
CA SER A 64 -11.21 -1.29 1.82
C SER A 64 -12.33 -0.28 2.00
N ASP A 65 -11.98 0.91 2.49
CA ASP A 65 -12.95 1.97 2.69
C ASP A 65 -13.35 2.61 1.37
N SER A 66 -14.53 3.23 1.36
CA SER A 66 -15.03 3.88 0.15
C SER A 66 -14.46 5.29 0.01
N LYS A 67 -14.39 6.00 1.14
CA LYS A 67 -13.87 7.36 1.14
C LYS A 67 -12.37 7.36 0.88
N LYS A 68 -11.64 6.52 1.60
CA LYS A 68 -10.20 6.42 1.45
C LYS A 68 -9.83 5.96 0.04
N ARG A 69 -10.53 4.95 -0.45
CA ARG A 69 -10.28 4.42 -1.79
C ARG A 69 -10.56 5.47 -2.85
N SER A 70 -11.75 6.06 -2.80
CA SER A 70 -12.14 7.09 -3.76
C SER A 70 -11.19 8.28 -3.71
N LEU A 71 -10.90 8.73 -2.49
CA LEU A 71 -10.00 9.86 -2.30
C LEU A 71 -8.64 9.60 -2.92
N TYR A 72 -8.12 8.39 -2.70
CA TYR A 72 -6.82 8.01 -3.24
C TYR A 72 -6.88 7.89 -4.76
N ASP A 73 -7.96 7.31 -5.26
CA ASP A 73 -8.15 7.13 -6.69
C ASP A 73 -8.24 8.48 -7.39
N ARG A 74 -9.24 9.26 -7.02
CA ARG A 74 -9.46 10.57 -7.62
C ARG A 74 -8.14 11.34 -7.73
N ALA A 75 -7.32 11.24 -6.69
CA ALA A 75 -6.03 11.92 -6.67
C ALA A 75 -5.20 11.56 -7.89
N GLY A 76 -4.98 10.27 -8.09
CA GLY A 76 -4.20 9.82 -9.23
C GLY A 76 -2.80 9.39 -8.84
N CYS A 77 -1.93 9.23 -9.83
CA CYS A 77 -0.55 8.81 -9.58
C CYS A 77 0.11 9.73 -8.56
N ASP A 78 0.13 11.02 -8.84
CA ASP A 78 0.72 11.99 -7.94
C ASP A 78 -0.28 12.47 -6.90
N SER A 79 0.17 12.63 -5.67
CA SER A 79 -0.70 13.08 -4.58
C SER A 79 -0.40 14.52 -4.21
N TRP A 80 0.88 14.89 -4.23
CA TRP A 80 1.30 16.24 -3.90
C TRP A 80 0.73 17.25 -4.90
N ARG A 81 0.77 16.90 -6.18
CA ARG A 81 0.25 17.78 -7.23
C ARG A 81 -0.97 17.16 -7.90
N ALA A 82 -2.13 17.77 -7.69
CA ALA A 82 -3.37 17.29 -8.27
C ALA A 82 -3.60 17.89 -9.66
N GLY A 83 -3.44 19.20 -9.76
CA GLY A 83 -3.65 19.88 -11.03
C GLY A 83 -2.54 19.57 -12.02
N GLY A 84 -2.73 18.50 -12.79
CA GLY A 84 -1.74 18.12 -13.77
C GLY A 84 -2.35 17.37 -14.95
N GLY A 85 -3.35 17.99 -15.58
CA GLY A 85 -4.00 17.36 -16.72
C GLY A 85 -4.09 18.29 -17.91
N ALA A 86 -5.29 18.44 -18.45
CA ALA A 86 -5.51 19.30 -19.61
C ALA A 86 -5.72 20.75 -19.18
N SER A 87 -4.77 21.62 -19.55
CA SER A 87 -4.86 23.02 -19.19
C SER A 87 -6.06 23.69 -19.85
N GLY A 88 -6.91 24.32 -19.05
CA GLY A 88 -8.08 24.98 -19.57
C GLY A 88 -8.88 25.68 -18.49
N PRO A 89 -8.28 26.73 -17.89
CA PRO A 89 -8.93 27.52 -16.84
C PRO A 89 -10.10 28.35 -17.36
N SER A 90 -11.28 28.08 -16.82
CA SER A 90 -12.48 28.80 -17.24
C SER A 90 -13.40 29.06 -16.05
N SER A 91 -13.97 30.26 -15.99
CA SER A 91 -14.86 30.64 -14.91
C SER A 91 -16.18 31.19 -15.45
N GLY A 92 -17.21 31.17 -14.61
CA GLY A 92 -18.51 31.67 -15.02
C GLY A 92 -19.38 32.07 -13.84
N GLY A 1 -12.83 1.13 -16.20
CA GLY A 1 -11.82 0.85 -15.21
C GLY A 1 -11.06 2.09 -14.78
N SER A 2 -10.63 2.12 -13.53
CA SER A 2 -9.89 3.26 -13.00
C SER A 2 -8.59 3.47 -13.76
N SER A 3 -8.14 4.72 -13.83
CA SER A 3 -6.90 5.06 -14.53
C SER A 3 -5.69 4.65 -13.71
N GLY A 4 -5.72 4.95 -12.41
CA GLY A 4 -4.61 4.60 -11.54
C GLY A 4 -3.90 5.82 -11.01
N SER A 5 -3.23 5.66 -9.87
CA SER A 5 -2.50 6.77 -9.25
C SER A 5 -1.24 7.10 -10.04
N SER A 6 -0.59 8.20 -9.66
CA SER A 6 0.62 8.64 -10.35
C SER A 6 1.76 8.82 -9.34
N GLY A 7 2.85 8.07 -9.54
CA GLY A 7 3.98 8.17 -8.66
C GLY A 7 4.75 6.86 -8.55
N MET A 8 4.72 6.25 -7.38
CA MET A 8 5.41 4.99 -7.15
C MET A 8 4.89 4.30 -5.89
N ALA A 9 5.00 2.97 -5.86
CA ALA A 9 4.54 2.19 -4.73
C ALA A 9 3.02 2.29 -4.57
N ASN A 10 2.31 2.17 -5.68
CA ASN A 10 0.86 2.24 -5.66
C ASN A 10 0.26 1.15 -4.76
N TYR A 11 -0.63 1.56 -3.86
CA TYR A 11 -1.26 0.64 -2.94
C TYR A 11 -1.65 -0.66 -3.66
N TYR A 12 -2.08 -0.53 -4.90
CA TYR A 12 -2.47 -1.69 -5.70
C TYR A 12 -1.32 -2.69 -5.82
N GLU A 13 -0.13 -2.17 -6.05
CA GLU A 13 1.05 -3.01 -6.19
C GLU A 13 1.48 -3.58 -4.84
N VAL A 14 1.39 -2.75 -3.80
CA VAL A 14 1.78 -3.16 -2.45
C VAL A 14 1.02 -4.42 -2.03
N LEU A 15 -0.26 -4.47 -2.36
CA LEU A 15 -1.09 -5.61 -2.01
C LEU A 15 -1.06 -6.67 -3.12
N GLY A 16 -1.02 -6.20 -4.37
CA GLY A 16 -0.98 -7.11 -5.50
C GLY A 16 -2.35 -7.30 -6.14
N VAL A 17 -3.11 -6.21 -6.23
CA VAL A 17 -4.43 -6.26 -6.82
C VAL A 17 -4.67 -5.08 -7.76
N GLN A 18 -5.77 -5.11 -8.50
CA GLN A 18 -6.10 -4.04 -9.43
C GLN A 18 -7.44 -3.42 -9.08
N ALA A 19 -7.66 -2.20 -9.56
CA ALA A 19 -8.91 -1.49 -9.30
C ALA A 19 -10.12 -2.33 -9.69
N SER A 20 -10.03 -2.98 -10.83
CA SER A 20 -11.12 -3.83 -11.32
C SER A 20 -11.33 -5.03 -10.41
N ALA A 21 -10.45 -5.18 -9.42
CA ALA A 21 -10.54 -6.28 -8.47
C ALA A 21 -11.76 -6.13 -7.57
N SER A 22 -12.25 -7.25 -7.07
CA SER A 22 -13.42 -7.26 -6.19
C SER A 22 -13.05 -6.79 -4.78
N PRO A 23 -14.03 -6.25 -4.06
CA PRO A 23 -13.83 -5.75 -2.69
C PRO A 23 -13.59 -6.88 -1.70
N GLU A 24 -13.80 -8.12 -2.14
CA GLU A 24 -13.61 -9.29 -1.30
C GLU A 24 -12.22 -9.88 -1.49
N ASP A 25 -11.65 -9.66 -2.68
CA ASP A 25 -10.33 -10.18 -2.98
C ASP A 25 -9.25 -9.42 -2.21
N ILE A 26 -9.34 -8.10 -2.22
CA ILE A 26 -8.38 -7.26 -1.52
C ILE A 26 -8.29 -7.63 -0.05
N LYS A 27 -9.44 -7.92 0.55
CA LYS A 27 -9.50 -8.30 1.96
C LYS A 27 -8.84 -9.67 2.18
N LYS A 28 -9.27 -10.65 1.40
CA LYS A 28 -8.73 -12.00 1.50
C LYS A 28 -7.23 -12.01 1.26
N ALA A 29 -6.79 -11.23 0.28
CA ALA A 29 -5.36 -11.14 -0.04
C ALA A 29 -4.56 -10.63 1.15
N TYR A 30 -4.99 -9.51 1.71
CA TYR A 30 -4.30 -8.91 2.86
C TYR A 30 -3.99 -9.97 3.91
N ARG A 31 -5.04 -10.59 4.45
CA ARG A 31 -4.88 -11.62 5.48
C ARG A 31 -3.62 -12.45 5.21
N LYS A 32 -3.56 -13.08 4.05
CA LYS A 32 -2.42 -13.90 3.68
C LYS A 32 -1.15 -13.06 3.59
N LEU A 33 -1.23 -11.94 2.88
CA LEU A 33 -0.09 -11.05 2.72
C LEU A 33 0.59 -10.78 4.05
N ALA A 34 -0.22 -10.49 5.07
CA ALA A 34 0.30 -10.22 6.41
C ALA A 34 1.30 -11.29 6.83
N LEU A 35 0.97 -12.54 6.55
CA LEU A 35 1.83 -13.66 6.91
C LEU A 35 3.02 -13.76 5.95
N ARG A 36 2.77 -13.50 4.67
CA ARG A 36 3.80 -13.56 3.65
C ARG A 36 4.91 -12.56 3.96
N TRP A 37 4.55 -11.30 4.13
CA TRP A 37 5.51 -10.25 4.43
C TRP A 37 5.83 -10.20 5.91
N HIS A 38 5.43 -11.25 6.63
CA HIS A 38 5.68 -11.34 8.06
C HIS A 38 7.17 -11.42 8.35
N PRO A 39 7.61 -10.71 9.40
CA PRO A 39 9.02 -10.68 9.81
C PRO A 39 9.48 -12.01 10.39
N ASP A 40 8.62 -12.65 11.16
CA ASP A 40 8.94 -13.94 11.78
C ASP A 40 9.10 -15.02 10.72
N LYS A 41 8.27 -14.93 9.67
CA LYS A 41 8.31 -15.91 8.58
C LYS A 41 9.55 -15.71 7.72
N ASN A 42 10.13 -14.52 7.79
CA ASN A 42 11.33 -14.21 7.02
C ASN A 42 12.55 -14.09 7.93
N PRO A 43 13.38 -15.14 7.92
CA PRO A 43 14.59 -15.20 8.75
C PRO A 43 15.67 -14.23 8.24
N ASP A 44 15.96 -14.30 6.95
CA ASP A 44 16.96 -13.44 6.34
C ASP A 44 16.72 -11.98 6.71
N ASN A 45 15.54 -11.48 6.35
CA ASN A 45 15.18 -10.10 6.65
C ASN A 45 13.94 -10.03 7.52
N LYS A 46 14.14 -9.69 8.79
CA LYS A 46 13.03 -9.59 9.74
C LYS A 46 12.50 -8.16 9.81
N GLU A 47 13.41 -7.20 9.92
CA GLU A 47 13.04 -5.80 10.00
C GLU A 47 12.31 -5.35 8.73
N GLU A 48 13.02 -5.41 7.60
CA GLU A 48 12.45 -5.02 6.33
C GLU A 48 11.00 -5.51 6.20
N ALA A 49 10.81 -6.82 6.31
CA ALA A 49 9.48 -7.40 6.22
C ALA A 49 8.50 -6.68 7.13
N GLU A 50 8.92 -6.42 8.36
CA GLU A 50 8.08 -5.74 9.33
C GLU A 50 7.47 -4.47 8.73
N LYS A 51 8.29 -3.70 8.03
CA LYS A 51 7.83 -2.47 7.39
C LYS A 51 6.72 -2.76 6.39
N LYS A 52 6.98 -3.64 5.44
CA LYS A 52 6.01 -4.00 4.42
C LYS A 52 4.67 -4.37 5.07
N PHE A 53 4.74 -4.98 6.25
CA PHE A 53 3.54 -5.39 6.97
C PHE A 53 2.61 -4.20 7.21
N LYS A 54 3.20 -3.06 7.55
CA LYS A 54 2.44 -1.84 7.80
C LYS A 54 1.74 -1.36 6.52
N LEU A 55 2.49 -1.35 5.43
CA LEU A 55 1.96 -0.90 4.15
C LEU A 55 0.76 -1.75 3.73
N VAL A 56 0.91 -3.07 3.83
CA VAL A 56 -0.16 -3.99 3.47
C VAL A 56 -1.43 -3.68 4.24
N SER A 57 -1.29 -3.48 5.54
CA SER A 57 -2.43 -3.17 6.41
C SER A 57 -3.02 -1.81 6.05
N GLU A 58 -2.16 -0.80 5.95
CA GLU A 58 -2.61 0.55 5.63
C GLU A 58 -3.33 0.58 4.29
N ALA A 59 -2.62 0.17 3.23
CA ALA A 59 -3.20 0.14 1.89
C ALA A 59 -4.46 -0.70 1.85
N TYR A 60 -4.43 -1.83 2.55
CA TYR A 60 -5.58 -2.73 2.59
C TYR A 60 -6.81 -2.02 3.14
N GLU A 61 -6.61 -1.22 4.18
CA GLU A 61 -7.70 -0.48 4.80
C GLU A 61 -8.15 0.68 3.91
N VAL A 62 -7.19 1.50 3.50
CA VAL A 62 -7.48 2.66 2.66
C VAL A 62 -8.32 2.25 1.45
N LEU A 63 -7.95 1.13 0.83
CA LEU A 63 -8.67 0.63 -0.34
C LEU A 63 -9.99 -0.02 0.07
N SER A 64 -9.93 -0.88 1.08
CA SER A 64 -11.11 -1.57 1.57
C SER A 64 -12.28 -0.61 1.73
N ASP A 65 -11.98 0.62 2.16
CA ASP A 65 -13.00 1.63 2.35
C ASP A 65 -13.43 2.23 1.02
N SER A 66 -14.60 2.85 0.99
CA SER A 66 -15.13 3.46 -0.23
C SER A 66 -14.76 4.93 -0.30
N LYS A 67 -14.99 5.65 0.79
CA LYS A 67 -14.68 7.07 0.86
C LYS A 67 -13.16 7.30 0.86
N LYS A 68 -12.46 6.50 1.65
CA LYS A 68 -11.00 6.61 1.75
C LYS A 68 -10.34 6.29 0.41
N ARG A 69 -10.78 5.20 -0.22
CA ARG A 69 -10.23 4.78 -1.50
C ARG A 69 -10.42 5.88 -2.55
N SER A 70 -11.61 6.46 -2.59
CA SER A 70 -11.92 7.52 -3.54
C SER A 70 -11.04 8.74 -3.30
N LEU A 71 -10.72 8.98 -2.03
CA LEU A 71 -9.88 10.13 -1.66
C LEU A 71 -8.43 9.88 -2.05
N TYR A 72 -7.91 8.74 -1.67
CA TYR A 72 -6.51 8.39 -1.98
C TYR A 72 -6.24 8.52 -3.48
N ASP A 73 -7.23 8.14 -4.29
CA ASP A 73 -7.10 8.21 -5.73
C ASP A 73 -7.02 9.66 -6.20
N ARG A 74 -8.05 10.43 -5.88
CA ARG A 74 -8.09 11.84 -6.27
C ARG A 74 -6.91 12.60 -5.69
N ALA A 75 -6.44 12.15 -4.53
CA ALA A 75 -5.30 12.80 -3.86
C ALA A 75 -3.98 12.25 -4.39
N GLY A 76 -4.04 11.59 -5.53
CA GLY A 76 -2.83 11.02 -6.12
C GLY A 76 -1.97 12.07 -6.79
N CYS A 77 -1.01 12.61 -6.05
CA CYS A 77 -0.12 13.64 -6.60
C CYS A 77 0.94 13.02 -7.48
N ASP A 78 1.59 13.85 -8.30
CA ASP A 78 2.63 13.38 -9.20
C ASP A 78 3.99 13.35 -8.51
N SER A 79 4.91 12.53 -9.02
CA SER A 79 6.24 12.41 -8.45
C SER A 79 7.19 13.45 -9.05
N TRP A 80 8.04 14.03 -8.21
CA TRP A 80 9.00 15.03 -8.65
C TRP A 80 10.43 14.53 -8.49
N ARG A 81 11.05 14.18 -9.61
CA ARG A 81 12.42 13.67 -9.58
C ARG A 81 13.31 14.51 -10.49
N ALA A 82 14.35 15.09 -9.91
CA ALA A 82 15.29 15.92 -10.68
C ALA A 82 16.59 16.12 -9.91
N GLY A 83 17.64 16.53 -10.62
CA GLY A 83 18.92 16.75 -9.99
C GLY A 83 19.19 15.77 -8.87
N GLY A 84 19.70 16.29 -7.75
CA GLY A 84 19.99 15.44 -6.61
C GLY A 84 18.76 14.75 -6.06
N GLY A 85 18.96 13.79 -5.17
CA GLY A 85 17.85 13.07 -4.57
C GLY A 85 17.86 11.60 -4.93
N ALA A 86 16.68 11.04 -5.20
CA ALA A 86 16.56 9.63 -5.56
C ALA A 86 16.97 8.74 -4.39
N SER A 87 16.59 9.14 -3.18
CA SER A 87 16.92 8.39 -1.98
C SER A 87 15.67 8.14 -1.13
N GLY A 88 15.30 6.87 -0.99
CA GLY A 88 14.13 6.52 -0.21
C GLY A 88 14.49 5.92 1.14
N PRO A 89 13.55 5.16 1.72
CA PRO A 89 13.75 4.50 3.02
C PRO A 89 14.77 3.37 2.95
N SER A 90 15.11 2.95 1.73
CA SER A 90 16.07 1.88 1.54
C SER A 90 17.50 2.39 1.69
N SER A 91 18.19 1.87 2.70
CA SER A 91 19.57 2.28 2.95
C SER A 91 20.53 1.63 1.95
N GLY A 92 20.39 0.32 1.76
CA GLY A 92 21.24 -0.38 0.83
C GLY A 92 22.71 -0.21 1.14
N GLY A 1 12.80 8.87 -18.54
CA GLY A 1 12.03 7.95 -19.34
C GLY A 1 12.56 6.53 -19.27
N SER A 2 12.42 5.91 -18.09
CA SER A 2 12.89 4.55 -17.89
C SER A 2 11.74 3.62 -17.52
N SER A 3 12.02 2.33 -17.47
CA SER A 3 11.01 1.33 -17.14
C SER A 3 10.05 1.87 -16.07
N GLY A 4 10.60 2.19 -14.91
CA GLY A 4 9.79 2.71 -13.82
C GLY A 4 10.38 3.94 -13.19
N SER A 5 9.70 4.49 -12.18
CA SER A 5 10.17 5.68 -11.49
C SER A 5 10.04 5.51 -9.98
N SER A 6 11.15 5.74 -9.27
CA SER A 6 11.16 5.62 -7.81
C SER A 6 10.59 6.87 -7.15
N GLY A 7 9.49 6.69 -6.43
CA GLY A 7 8.86 7.82 -5.75
C GLY A 7 7.88 7.38 -4.69
N MET A 8 6.59 7.48 -5.00
CA MET A 8 5.55 7.08 -4.06
C MET A 8 5.08 5.66 -4.33
N ALA A 9 4.71 4.95 -3.26
CA ALA A 9 4.24 3.58 -3.38
C ALA A 9 2.76 3.53 -3.71
N ASN A 10 2.39 2.62 -4.62
CA ASN A 10 1.00 2.48 -5.04
C ASN A 10 0.31 1.38 -4.24
N TYR A 11 -0.67 1.76 -3.44
CA TYR A 11 -1.41 0.81 -2.62
C TYR A 11 -1.74 -0.45 -3.43
N TYR A 12 -2.34 -0.26 -4.59
CA TYR A 12 -2.71 -1.37 -5.45
C TYR A 12 -1.54 -2.33 -5.64
N GLU A 13 -0.36 -1.76 -5.89
CA GLU A 13 0.84 -2.56 -6.10
C GLU A 13 1.23 -3.30 -4.82
N VAL A 14 1.37 -2.54 -3.73
CA VAL A 14 1.74 -3.13 -2.44
C VAL A 14 0.93 -4.39 -2.15
N LEU A 15 -0.38 -4.30 -2.36
CA LEU A 15 -1.27 -5.43 -2.13
C LEU A 15 -1.17 -6.45 -3.26
N GLY A 16 -1.12 -5.96 -4.50
CA GLY A 16 -1.02 -6.84 -5.64
C GLY A 16 -2.37 -7.16 -6.25
N VAL A 17 -3.23 -6.15 -6.35
CA VAL A 17 -4.56 -6.33 -6.91
C VAL A 17 -4.81 -5.34 -8.04
N GLN A 18 -5.96 -5.50 -8.71
CA GLN A 18 -6.33 -4.61 -9.81
C GLN A 18 -7.19 -3.46 -9.33
N ALA A 19 -7.17 -2.36 -10.07
CA ALA A 19 -7.95 -1.17 -9.71
C ALA A 19 -9.43 -1.50 -9.61
N SER A 20 -9.91 -2.31 -10.55
CA SER A 20 -11.32 -2.70 -10.57
C SER A 20 -11.54 -3.98 -9.76
N ALA A 21 -10.59 -4.30 -8.90
CA ALA A 21 -10.68 -5.49 -8.06
C ALA A 21 -11.82 -5.36 -7.06
N SER A 22 -12.46 -6.49 -6.75
CA SER A 22 -13.56 -6.50 -5.81
C SER A 22 -13.07 -6.28 -4.38
N PRO A 23 -13.99 -5.90 -3.48
CA PRO A 23 -13.67 -5.64 -2.08
C PRO A 23 -13.33 -6.92 -1.32
N GLU A 24 -13.49 -8.06 -1.98
CA GLU A 24 -13.21 -9.35 -1.38
C GLU A 24 -11.76 -9.76 -1.64
N ASP A 25 -11.32 -9.59 -2.89
CA ASP A 25 -9.95 -9.95 -3.26
C ASP A 25 -8.94 -9.23 -2.38
N ILE A 26 -9.14 -7.93 -2.21
CA ILE A 26 -8.23 -7.12 -1.39
C ILE A 26 -8.16 -7.65 0.04
N LYS A 27 -9.33 -7.97 0.61
CA LYS A 27 -9.39 -8.50 1.96
C LYS A 27 -8.55 -9.76 2.10
N LYS A 28 -8.86 -10.77 1.29
CA LYS A 28 -8.14 -12.02 1.32
C LYS A 28 -6.64 -11.79 1.11
N ALA A 29 -6.31 -10.96 0.12
CA ALA A 29 -4.92 -10.66 -0.18
C ALA A 29 -4.19 -10.13 1.04
N TYR A 30 -4.85 -9.24 1.79
CA TYR A 30 -4.27 -8.65 2.98
C TYR A 30 -3.92 -9.74 4.00
N ARG A 31 -4.94 -10.42 4.50
CA ARG A 31 -4.74 -11.47 5.49
C ARG A 31 -3.55 -12.34 5.13
N LYS A 32 -3.64 -13.00 3.97
CA LYS A 32 -2.55 -13.87 3.51
C LYS A 32 -1.24 -13.10 3.42
N LEU A 33 -1.28 -11.93 2.80
CA LEU A 33 -0.09 -11.10 2.65
C LEU A 33 0.62 -10.92 3.99
N ALA A 34 -0.09 -10.38 4.98
CA ALA A 34 0.47 -10.16 6.30
C ALA A 34 1.43 -11.29 6.67
N LEU A 35 1.01 -12.53 6.46
CA LEU A 35 1.83 -13.69 6.76
C LEU A 35 2.99 -13.81 5.78
N ARG A 36 2.72 -13.54 4.51
CA ARG A 36 3.74 -13.62 3.48
C ARG A 36 4.90 -12.68 3.77
N TRP A 37 4.57 -11.45 4.14
CA TRP A 37 5.59 -10.45 4.46
C TRP A 37 5.93 -10.46 5.95
N HIS A 38 5.55 -11.55 6.62
CA HIS A 38 5.81 -11.68 8.06
C HIS A 38 7.31 -11.75 8.33
N PRO A 39 7.74 -11.06 9.40
CA PRO A 39 9.16 -11.01 9.79
C PRO A 39 9.65 -12.35 10.34
N ASP A 40 8.80 -12.99 11.14
CA ASP A 40 9.14 -14.28 11.73
C ASP A 40 9.34 -15.34 10.66
N LYS A 41 8.53 -15.27 9.61
CA LYS A 41 8.61 -16.22 8.51
C LYS A 41 9.86 -15.98 7.68
N ASN A 42 10.41 -14.78 7.78
CA ASN A 42 11.62 -14.42 7.03
C ASN A 42 12.82 -14.32 7.96
N PRO A 43 13.66 -15.36 7.96
CA PRO A 43 14.86 -15.40 8.80
C PRO A 43 15.93 -14.41 8.34
N ASP A 44 16.25 -14.46 7.06
CA ASP A 44 17.26 -13.55 6.49
C ASP A 44 16.96 -12.11 6.87
N ASN A 45 15.78 -11.63 6.48
CA ASN A 45 15.39 -10.25 6.78
C ASN A 45 14.14 -10.23 7.66
N LYS A 46 14.31 -9.83 8.91
CA LYS A 46 13.20 -9.75 9.86
C LYS A 46 12.57 -8.35 9.85
N GLU A 47 13.39 -7.34 10.13
CA GLU A 47 12.91 -5.97 10.15
C GLU A 47 12.24 -5.59 8.82
N GLU A 48 13.02 -5.64 7.75
CA GLU A 48 12.50 -5.31 6.42
C GLU A 48 11.08 -5.82 6.26
N ALA A 49 10.88 -7.11 6.49
CA ALA A 49 9.57 -7.73 6.35
C ALA A 49 8.54 -7.01 7.22
N GLU A 50 8.87 -6.82 8.49
CA GLU A 50 7.97 -6.14 9.42
C GLU A 50 7.38 -4.88 8.79
N LYS A 51 8.24 -4.11 8.12
CA LYS A 51 7.81 -2.88 7.47
C LYS A 51 6.67 -3.15 6.49
N LYS A 52 6.89 -4.09 5.56
CA LYS A 52 5.88 -4.43 4.57
C LYS A 52 4.55 -4.76 5.25
N PHE A 53 4.61 -5.44 6.39
CA PHE A 53 3.41 -5.80 7.13
C PHE A 53 2.57 -4.57 7.45
N LYS A 54 3.25 -3.48 7.79
CA LYS A 54 2.57 -2.23 8.12
C LYS A 54 1.90 -1.63 6.89
N LEU A 55 2.56 -1.78 5.75
CA LEU A 55 2.03 -1.25 4.50
C LEU A 55 0.76 -1.99 4.07
N VAL A 56 0.86 -3.30 3.98
CA VAL A 56 -0.28 -4.13 3.59
C VAL A 56 -1.47 -3.88 4.51
N SER A 57 -1.19 -3.46 5.73
CA SER A 57 -2.23 -3.19 6.71
C SER A 57 -2.85 -1.82 6.48
N GLU A 58 -2.03 -0.85 6.08
CA GLU A 58 -2.49 0.50 5.82
C GLU A 58 -3.25 0.57 4.50
N ALA A 59 -2.61 0.09 3.44
CA ALA A 59 -3.22 0.11 2.11
C ALA A 59 -4.53 -0.69 2.10
N TYR A 60 -4.50 -1.86 2.73
CA TYR A 60 -5.68 -2.72 2.80
C TYR A 60 -6.92 -1.92 3.18
N GLU A 61 -6.76 -1.03 4.16
CA GLU A 61 -7.87 -0.20 4.63
C GLU A 61 -8.14 0.94 3.65
N VAL A 62 -7.08 1.65 3.28
CA VAL A 62 -7.19 2.77 2.35
C VAL A 62 -8.14 2.44 1.20
N LEU A 63 -8.13 1.17 0.78
CA LEU A 63 -8.99 0.73 -0.31
C LEU A 63 -10.31 0.19 0.23
N SER A 64 -10.23 -0.56 1.32
CA SER A 64 -11.41 -1.15 1.94
C SER A 64 -12.49 -0.09 2.15
N ASP A 65 -12.08 1.09 2.58
CA ASP A 65 -13.01 2.19 2.82
C ASP A 65 -13.38 2.88 1.51
N SER A 66 -14.65 3.25 1.38
CA SER A 66 -15.13 3.91 0.18
C SER A 66 -14.60 5.35 0.10
N LYS A 67 -14.56 6.01 1.25
CA LYS A 67 -14.07 7.39 1.32
C LYS A 67 -12.61 7.46 0.92
N LYS A 68 -11.78 6.63 1.55
CA LYS A 68 -10.35 6.60 1.26
C LYS A 68 -10.09 6.06 -0.14
N ARG A 69 -10.77 4.96 -0.48
CA ARG A 69 -10.61 4.35 -1.80
C ARG A 69 -10.79 5.38 -2.91
N SER A 70 -11.94 6.03 -2.92
CA SER A 70 -12.25 7.04 -3.94
C SER A 70 -11.27 8.20 -3.85
N LEU A 71 -11.03 8.68 -2.63
CA LEU A 71 -10.11 9.80 -2.40
C LEU A 71 -8.74 9.50 -2.99
N TYR A 72 -8.27 8.27 -2.80
CA TYR A 72 -6.97 7.86 -3.33
C TYR A 72 -6.93 7.97 -4.84
N ASP A 73 -8.05 7.64 -5.48
CA ASP A 73 -8.14 7.71 -6.94
C ASP A 73 -8.10 9.16 -7.42
N ARG A 74 -9.06 9.95 -6.97
CA ARG A 74 -9.13 11.36 -7.35
C ARG A 74 -7.83 12.09 -7.02
N ALA A 75 -7.32 11.84 -5.82
CA ALA A 75 -6.08 12.47 -5.38
C ALA A 75 -4.88 11.91 -6.14
N GLY A 76 -4.87 10.59 -6.34
CA GLY A 76 -3.78 9.96 -7.05
C GLY A 76 -3.21 10.84 -8.15
N CYS A 77 -3.75 10.69 -9.36
CA CYS A 77 -3.29 11.48 -10.49
C CYS A 77 -4.07 12.78 -10.61
N ASP A 78 -5.39 12.67 -10.76
CA ASP A 78 -6.25 13.83 -10.88
C ASP A 78 -7.69 13.49 -10.50
N SER A 79 -8.40 14.48 -9.96
CA SER A 79 -9.79 14.28 -9.54
C SER A 79 -10.75 14.57 -10.70
N TRP A 80 -11.95 14.01 -10.61
CA TRP A 80 -12.96 14.20 -11.64
C TRP A 80 -13.13 15.68 -11.96
N ARG A 81 -13.41 16.48 -10.93
CA ARG A 81 -13.61 17.91 -11.11
C ARG A 81 -12.63 18.47 -12.13
N ALA A 82 -11.34 18.23 -11.90
CA ALA A 82 -10.30 18.71 -12.81
C ALA A 82 -10.29 20.24 -12.88
N GLY A 83 -10.45 20.87 -11.72
CA GLY A 83 -10.46 22.32 -11.67
C GLY A 83 -10.25 22.86 -10.26
N GLY A 84 -9.26 22.31 -9.57
CA GLY A 84 -8.98 22.76 -8.21
C GLY A 84 -7.80 23.71 -8.14
N GLY A 85 -6.77 23.33 -7.39
CA GLY A 85 -5.60 24.17 -7.26
C GLY A 85 -4.58 23.60 -6.30
N ALA A 86 -3.46 23.13 -6.85
CA ALA A 86 -2.39 22.56 -6.03
C ALA A 86 -1.50 23.64 -5.46
N SER A 87 -1.34 23.65 -4.13
CA SER A 87 -0.51 24.63 -3.47
C SER A 87 0.97 24.24 -3.53
N GLY A 88 1.84 25.23 -3.59
CA GLY A 88 3.26 24.96 -3.65
C GLY A 88 4.00 25.95 -4.54
N PRO A 89 4.07 27.22 -4.08
CA PRO A 89 4.75 28.28 -4.81
C PRO A 89 6.26 28.11 -4.84
N SER A 90 6.92 28.72 -5.81
CA SER A 90 8.37 28.63 -5.95
C SER A 90 9.06 29.66 -5.06
N SER A 91 9.64 29.18 -3.96
CA SER A 91 10.33 30.06 -3.02
C SER A 91 11.54 30.71 -3.69
N GLY A 92 12.10 30.04 -4.69
CA GLY A 92 13.25 30.57 -5.40
C GLY A 92 13.72 29.66 -6.51
N GLY A 1 -3.68 6.53 -17.77
CA GLY A 1 -5.04 7.02 -17.97
C GLY A 1 -5.42 8.08 -16.96
N SER A 2 -4.66 9.18 -16.95
CA SER A 2 -4.92 10.27 -16.02
C SER A 2 -4.86 9.79 -14.57
N SER A 3 -3.87 8.94 -14.27
CA SER A 3 -3.71 8.41 -12.93
C SER A 3 -2.51 9.04 -12.24
N GLY A 4 -2.64 9.26 -10.93
CA GLY A 4 -1.56 9.86 -10.17
C GLY A 4 -1.22 9.08 -8.92
N SER A 5 -0.02 8.51 -8.88
CA SER A 5 0.41 7.71 -7.74
C SER A 5 1.03 8.61 -6.66
N SER A 6 0.82 8.24 -5.40
CA SER A 6 1.35 9.01 -4.28
C SER A 6 2.28 8.15 -3.43
N GLY A 7 3.38 8.75 -2.99
CA GLY A 7 4.34 8.03 -2.18
C GLY A 7 5.23 7.11 -2.99
N MET A 8 6.06 6.33 -2.30
CA MET A 8 6.96 5.40 -2.97
C MET A 8 6.39 4.00 -2.98
N ALA A 9 5.09 3.89 -2.76
CA ALA A 9 4.41 2.60 -2.74
C ALA A 9 2.94 2.74 -3.10
N ASN A 10 2.52 2.01 -4.14
CA ASN A 10 1.13 2.06 -4.59
C ASN A 10 0.28 1.01 -3.88
N TYR A 11 -0.67 1.47 -3.09
CA TYR A 11 -1.55 0.56 -2.36
C TYR A 11 -1.93 -0.65 -3.21
N TYR A 12 -2.43 -0.38 -4.41
CA TYR A 12 -2.83 -1.44 -5.33
C TYR A 12 -1.68 -2.42 -5.56
N GLU A 13 -0.50 -1.89 -5.83
CA GLU A 13 0.67 -2.72 -6.07
C GLU A 13 1.03 -3.53 -4.83
N VAL A 14 1.19 -2.84 -3.70
CA VAL A 14 1.53 -3.49 -2.45
C VAL A 14 0.73 -4.78 -2.26
N LEU A 15 -0.60 -4.65 -2.33
CA LEU A 15 -1.47 -5.81 -2.17
C LEU A 15 -1.42 -6.72 -3.40
N GLY A 16 -1.39 -6.11 -4.57
CA GLY A 16 -1.33 -6.87 -5.81
C GLY A 16 -2.71 -7.11 -6.40
N VAL A 17 -3.52 -6.06 -6.48
CA VAL A 17 -4.86 -6.16 -7.02
C VAL A 17 -5.09 -5.12 -8.12
N GLN A 18 -6.20 -5.26 -8.83
CA GLN A 18 -6.53 -4.33 -9.91
C GLN A 18 -7.36 -3.16 -9.38
N ALA A 19 -7.40 -2.08 -10.16
CA ALA A 19 -8.15 -0.89 -9.76
C ALA A 19 -9.62 -1.22 -9.52
N SER A 20 -10.18 -2.07 -10.39
CA SER A 20 -11.57 -2.46 -10.27
C SER A 20 -11.71 -3.78 -9.51
N ALA A 21 -10.65 -4.16 -8.79
CA ALA A 21 -10.64 -5.39 -8.02
C ALA A 21 -11.81 -5.42 -7.03
N SER A 22 -12.31 -6.63 -6.76
CA SER A 22 -13.43 -6.79 -5.83
C SER A 22 -12.98 -6.59 -4.39
N PRO A 23 -13.94 -6.30 -3.51
CA PRO A 23 -13.67 -6.08 -2.08
C PRO A 23 -13.25 -7.36 -1.37
N GLU A 24 -13.30 -8.48 -2.09
CA GLU A 24 -12.93 -9.77 -1.52
C GLU A 24 -11.47 -10.10 -1.82
N ASP A 25 -11.02 -9.74 -3.02
CA ASP A 25 -9.65 -9.99 -3.43
C ASP A 25 -8.66 -9.23 -2.55
N ILE A 26 -8.99 -7.97 -2.27
CA ILE A 26 -8.13 -7.14 -1.43
C ILE A 26 -8.04 -7.68 -0.01
N LYS A 27 -9.19 -8.13 0.51
CA LYS A 27 -9.25 -8.68 1.87
C LYS A 27 -8.47 -10.00 1.96
N LYS A 28 -8.91 -10.98 1.18
CA LYS A 28 -8.26 -12.29 1.17
C LYS A 28 -6.77 -12.15 0.89
N ALA A 29 -6.42 -11.23 0.00
CA ALA A 29 -5.03 -10.99 -0.36
C ALA A 29 -4.23 -10.51 0.84
N TYR A 30 -4.77 -9.51 1.55
CA TYR A 30 -4.10 -8.96 2.72
C TYR A 30 -3.79 -10.05 3.74
N ARG A 31 -4.82 -10.69 4.25
CA ARG A 31 -4.66 -11.76 5.22
C ARG A 31 -3.39 -12.56 4.95
N LYS A 32 -3.33 -13.19 3.79
CA LYS A 32 -2.17 -13.98 3.40
C LYS A 32 -0.91 -13.13 3.37
N LEU A 33 -0.98 -12.00 2.67
CA LEU A 33 0.16 -11.10 2.56
C LEU A 33 0.77 -10.83 3.94
N ALA A 34 -0.01 -10.22 4.82
CA ALA A 34 0.45 -9.92 6.17
C ALA A 34 1.39 -11.00 6.68
N LEU A 35 0.99 -12.26 6.50
CA LEU A 35 1.79 -13.39 6.95
C LEU A 35 3.01 -13.58 6.05
N ARG A 36 2.81 -13.41 4.75
CA ARG A 36 3.88 -13.58 3.78
C ARG A 36 5.02 -12.59 4.05
N TRP A 37 4.68 -11.31 4.10
CA TRP A 37 5.66 -10.26 4.37
C TRP A 37 5.96 -10.16 5.85
N HIS A 38 5.52 -11.15 6.62
CA HIS A 38 5.75 -11.17 8.06
C HIS A 38 7.24 -11.28 8.38
N PRO A 39 7.68 -10.54 9.39
CA PRO A 39 9.09 -10.56 9.82
C PRO A 39 9.49 -11.87 10.47
N ASP A 40 8.59 -12.42 11.29
CA ASP A 40 8.86 -13.68 11.97
C ASP A 40 9.00 -14.81 10.97
N LYS A 41 8.20 -14.78 9.92
CA LYS A 41 8.24 -15.80 8.88
C LYS A 41 9.51 -15.70 8.05
N ASN A 42 10.14 -14.52 8.06
CA ASN A 42 11.35 -14.28 7.31
C ASN A 42 12.56 -14.17 8.25
N PRO A 43 13.35 -15.24 8.35
CA PRO A 43 14.53 -15.28 9.20
C PRO A 43 15.65 -14.40 8.68
N ASP A 44 15.98 -14.54 7.40
CA ASP A 44 17.04 -13.75 6.79
C ASP A 44 16.79 -12.26 7.00
N ASN A 45 15.63 -11.78 6.55
CA ASN A 45 15.27 -10.37 6.68
C ASN A 45 14.02 -10.22 7.53
N LYS A 46 14.20 -9.70 8.75
CA LYS A 46 13.09 -9.50 9.66
C LYS A 46 12.52 -8.08 9.53
N GLU A 47 13.39 -7.08 9.65
CA GLU A 47 12.99 -5.70 9.54
C GLU A 47 12.31 -5.43 8.20
N GLU A 48 13.04 -5.69 7.11
CA GLU A 48 12.50 -5.48 5.77
C GLU A 48 11.05 -5.92 5.69
N ALA A 49 10.79 -7.19 6.00
CA ALA A 49 9.44 -7.73 5.96
C ALA A 49 8.52 -6.97 6.91
N GLU A 50 9.03 -6.65 8.10
CA GLU A 50 8.25 -5.93 9.09
C GLU A 50 7.57 -4.71 8.48
N LYS A 51 8.34 -3.91 7.76
CA LYS A 51 7.81 -2.71 7.11
C LYS A 51 6.64 -3.06 6.21
N LYS A 52 6.87 -3.98 5.27
CA LYS A 52 5.83 -4.40 4.34
C LYS A 52 4.55 -4.76 5.08
N PHE A 53 4.70 -5.36 6.25
CA PHE A 53 3.54 -5.75 7.07
C PHE A 53 2.65 -4.55 7.36
N LYS A 54 3.28 -3.41 7.60
CA LYS A 54 2.54 -2.18 7.90
C LYS A 54 1.87 -1.63 6.64
N LEU A 55 2.58 -1.72 5.52
CA LEU A 55 2.07 -1.23 4.25
C LEU A 55 0.82 -2.00 3.83
N VAL A 56 0.87 -3.33 3.98
CA VAL A 56 -0.25 -4.18 3.62
C VAL A 56 -1.44 -3.94 4.54
N SER A 57 -1.15 -3.56 5.78
CA SER A 57 -2.19 -3.30 6.76
C SER A 57 -2.86 -1.95 6.52
N GLU A 58 -2.07 -0.99 6.07
CA GLU A 58 -2.58 0.35 5.78
C GLU A 58 -3.36 0.36 4.47
N ALA A 59 -2.71 -0.08 3.40
CA ALA A 59 -3.33 -0.12 2.09
C ALA A 59 -4.67 -0.87 2.13
N TYR A 60 -4.67 -2.00 2.82
CA TYR A 60 -5.88 -2.82 2.94
C TYR A 60 -7.04 -1.98 3.48
N GLU A 61 -6.75 -1.14 4.47
CA GLU A 61 -7.77 -0.29 5.07
C GLU A 61 -8.11 0.89 4.16
N VAL A 62 -7.07 1.56 3.66
CA VAL A 62 -7.25 2.71 2.78
C VAL A 62 -8.19 2.37 1.64
N LEU A 63 -8.08 1.16 1.11
CA LEU A 63 -8.92 0.71 0.01
C LEU A 63 -10.25 0.19 0.52
N SER A 64 -10.20 -0.64 1.56
CA SER A 64 -11.41 -1.21 2.14
C SER A 64 -12.52 -0.16 2.23
N ASP A 65 -12.15 1.05 2.62
CA ASP A 65 -13.10 2.15 2.74
C ASP A 65 -13.51 2.67 1.37
N SER A 66 -14.61 3.41 1.33
CA SER A 66 -15.11 3.97 0.07
C SER A 66 -14.59 5.39 -0.13
N LYS A 67 -14.55 6.16 0.95
CA LYS A 67 -14.07 7.54 0.88
C LYS A 67 -12.56 7.58 0.70
N LYS A 68 -11.86 6.67 1.38
CA LYS A 68 -10.41 6.61 1.29
C LYS A 68 -9.96 6.06 -0.06
N ARG A 69 -10.59 4.96 -0.48
CA ARG A 69 -10.26 4.34 -1.76
C ARG A 69 -10.55 5.29 -2.91
N SER A 70 -11.72 5.91 -2.89
CA SER A 70 -12.13 6.84 -3.93
C SER A 70 -11.21 8.05 -3.96
N LEU A 71 -11.01 8.67 -2.81
CA LEU A 71 -10.15 9.85 -2.70
C LEU A 71 -8.75 9.54 -3.21
N TYR A 72 -8.18 8.45 -2.73
CA TYR A 72 -6.84 8.04 -3.15
C TYR A 72 -6.60 8.36 -4.63
N ASP A 73 -7.52 7.89 -5.47
CA ASP A 73 -7.41 8.11 -6.91
C ASP A 73 -7.56 9.59 -7.24
N ARG A 74 -8.57 10.23 -6.66
CA ARG A 74 -8.82 11.64 -6.89
C ARG A 74 -7.57 12.46 -6.61
N ALA A 75 -7.07 12.38 -5.38
CA ALA A 75 -5.89 13.12 -4.97
C ALA A 75 -4.68 12.74 -5.84
N GLY A 76 -4.26 11.49 -5.74
CA GLY A 76 -3.13 11.02 -6.52
C GLY A 76 -2.07 12.08 -6.70
N CYS A 77 -1.40 12.44 -5.60
CA CYS A 77 -0.36 13.45 -5.64
C CYS A 77 0.95 12.91 -5.09
N ASP A 78 2.07 13.46 -5.57
CA ASP A 78 3.39 13.02 -5.12
C ASP A 78 3.59 13.35 -3.65
N SER A 79 4.40 12.52 -2.97
CA SER A 79 4.67 12.72 -1.55
C SER A 79 5.71 13.81 -1.34
N TRP A 80 5.58 14.53 -0.24
CA TRP A 80 6.51 15.61 0.08
C TRP A 80 6.55 15.85 1.58
N ARG A 81 7.66 15.49 2.21
CA ARG A 81 7.83 15.67 3.65
C ARG A 81 8.91 16.72 3.94
N ALA A 82 8.49 17.83 4.52
CA ALA A 82 9.42 18.91 4.86
C ALA A 82 10.48 18.43 5.83
N GLY A 83 11.69 19.00 5.72
CA GLY A 83 12.77 18.61 6.59
C GLY A 83 12.95 17.12 6.68
N GLY A 84 13.85 16.67 7.56
CA GLY A 84 14.09 15.25 7.71
C GLY A 84 15.00 14.94 8.88
N GLY A 85 15.95 14.04 8.67
CA GLY A 85 16.88 13.67 9.73
C GLY A 85 17.66 14.86 10.26
N ALA A 86 18.04 14.81 11.53
CA ALA A 86 18.79 15.88 12.15
C ALA A 86 20.07 15.36 12.78
N SER A 87 21.15 16.13 12.65
CA SER A 87 22.44 15.75 13.21
C SER A 87 22.63 16.33 14.60
N GLY A 88 23.20 15.53 15.50
CA GLY A 88 23.43 15.99 16.85
C GLY A 88 24.14 14.94 17.70
N PRO A 89 23.35 14.07 18.36
CA PRO A 89 23.89 13.02 19.22
C PRO A 89 24.59 11.92 18.42
N SER A 90 25.85 11.67 18.77
CA SER A 90 26.63 10.64 18.07
C SER A 90 25.82 9.37 17.89
N SER A 91 25.39 8.78 19.01
CA SER A 91 24.60 7.55 18.96
C SER A 91 23.15 7.82 19.33
N GLY A 92 22.29 6.82 19.11
CA GLY A 92 20.88 6.98 19.42
C GLY A 92 20.55 6.55 20.84
N GLY A 1 8.25 -4.04 -8.73
CA GLY A 1 9.15 -4.50 -9.76
C GLY A 1 9.32 -3.50 -10.89
N SER A 2 9.95 -2.37 -10.59
CA SER A 2 10.16 -1.32 -11.58
C SER A 2 11.65 -1.13 -11.85
N SER A 3 11.96 -0.45 -12.95
CA SER A 3 13.34 -0.20 -13.33
C SER A 3 14.12 0.39 -12.17
N GLY A 4 13.63 1.50 -11.63
CA GLY A 4 14.30 2.15 -10.52
C GLY A 4 13.83 3.58 -10.32
N SER A 5 12.52 3.80 -10.41
CA SER A 5 11.96 5.13 -10.24
C SER A 5 11.71 5.43 -8.77
N SER A 6 11.74 6.71 -8.42
CA SER A 6 11.52 7.14 -7.04
C SER A 6 10.19 7.88 -6.91
N GLY A 7 9.46 7.58 -5.83
CA GLY A 7 8.19 8.23 -5.60
C GLY A 7 7.42 7.62 -4.44
N MET A 8 6.13 7.37 -4.64
CA MET A 8 5.30 6.78 -3.61
C MET A 8 4.70 5.46 -4.07
N ALA A 9 4.82 4.43 -3.23
CA ALA A 9 4.31 3.11 -3.55
C ALA A 9 2.82 3.19 -3.91
N ASN A 10 2.37 2.27 -4.77
CA ASN A 10 0.98 2.24 -5.19
C ASN A 10 0.21 1.19 -4.40
N TYR A 11 -0.67 1.64 -3.52
CA TYR A 11 -1.49 0.75 -2.70
C TYR A 11 -1.93 -0.46 -3.50
N TYR A 12 -2.61 -0.21 -4.61
CA TYR A 12 -3.09 -1.29 -5.47
C TYR A 12 -1.99 -2.29 -5.77
N GLU A 13 -0.81 -1.79 -6.12
CA GLU A 13 0.33 -2.64 -6.42
C GLU A 13 0.79 -3.41 -5.18
N VAL A 14 0.99 -2.67 -4.10
CA VAL A 14 1.42 -3.28 -2.84
C VAL A 14 0.68 -4.58 -2.57
N LEU A 15 -0.65 -4.53 -2.68
CA LEU A 15 -1.48 -5.70 -2.45
C LEU A 15 -1.38 -6.68 -3.62
N GLY A 16 -1.42 -6.15 -4.83
CA GLY A 16 -1.33 -6.98 -6.02
C GLY A 16 -2.67 -7.18 -6.68
N VAL A 17 -3.48 -6.12 -6.71
CA VAL A 17 -4.80 -6.18 -7.33
C VAL A 17 -5.03 -4.99 -8.26
N GLN A 18 -6.08 -5.06 -9.07
CA GLN A 18 -6.40 -4.00 -10.01
C GLN A 18 -7.36 -2.99 -9.37
N ALA A 19 -7.53 -1.86 -10.02
CA ALA A 19 -8.42 -0.82 -9.53
C ALA A 19 -9.87 -1.29 -9.52
N SER A 20 -10.25 -2.08 -10.52
CA SER A 20 -11.60 -2.60 -10.63
C SER A 20 -11.74 -3.89 -9.85
N ALA A 21 -10.80 -4.14 -8.94
CA ALA A 21 -10.83 -5.35 -8.12
C ALA A 21 -12.05 -5.37 -7.21
N SER A 22 -12.34 -6.53 -6.65
CA SER A 22 -13.48 -6.68 -5.76
C SER A 22 -13.11 -6.33 -4.31
N PRO A 23 -14.12 -5.99 -3.50
CA PRO A 23 -13.92 -5.63 -2.10
C PRO A 23 -13.51 -6.82 -1.24
N GLU A 24 -13.63 -8.02 -1.81
CA GLU A 24 -13.28 -9.24 -1.09
C GLU A 24 -11.85 -9.66 -1.42
N ASP A 25 -11.44 -9.43 -2.67
CA ASP A 25 -10.09 -9.79 -3.11
C ASP A 25 -9.04 -9.04 -2.29
N ILE A 26 -9.23 -7.74 -2.14
CA ILE A 26 -8.30 -6.91 -1.38
C ILE A 26 -8.19 -7.39 0.06
N LYS A 27 -9.30 -7.87 0.61
CA LYS A 27 -9.33 -8.36 1.98
C LYS A 27 -8.61 -9.70 2.09
N LYS A 28 -9.06 -10.68 1.32
CA LYS A 28 -8.45 -12.01 1.33
C LYS A 28 -6.99 -11.94 0.90
N ALA A 29 -6.68 -11.00 0.00
CA ALA A 29 -5.33 -10.83 -0.50
C ALA A 29 -4.39 -10.35 0.61
N TYR A 30 -4.86 -9.38 1.39
CA TYR A 30 -4.05 -8.84 2.49
C TYR A 30 -3.68 -9.93 3.48
N ARG A 31 -4.68 -10.53 4.10
CA ARG A 31 -4.46 -11.59 5.09
C ARG A 31 -3.24 -12.43 4.70
N LYS A 32 -3.30 -13.05 3.53
CA LYS A 32 -2.20 -13.88 3.06
C LYS A 32 -0.91 -13.07 2.96
N LEU A 33 -1.01 -11.86 2.41
CA LEU A 33 0.15 -10.99 2.26
C LEU A 33 0.84 -10.77 3.60
N ALA A 34 0.07 -10.36 4.60
CA ALA A 34 0.61 -10.13 5.94
C ALA A 34 1.57 -11.23 6.34
N LEU A 35 1.16 -12.47 6.15
CA LEU A 35 1.99 -13.62 6.50
C LEU A 35 3.24 -13.68 5.64
N ARG A 36 3.09 -13.31 4.36
CA ARG A 36 4.21 -13.32 3.43
C ARG A 36 5.30 -12.36 3.89
N TRP A 37 4.92 -11.13 4.20
CA TRP A 37 5.87 -10.12 4.66
C TRP A 37 6.07 -10.20 6.17
N HIS A 38 5.63 -11.31 6.76
CA HIS A 38 5.78 -11.51 8.20
C HIS A 38 7.24 -11.64 8.59
N PRO A 39 7.61 -10.97 9.69
CA PRO A 39 8.99 -11.00 10.20
C PRO A 39 9.36 -12.35 10.78
N ASP A 40 8.43 -12.98 11.49
CA ASP A 40 8.66 -14.28 12.09
C ASP A 40 8.86 -15.35 11.02
N LYS A 41 8.13 -15.20 9.92
CA LYS A 41 8.23 -16.16 8.82
C LYS A 41 9.53 -15.98 8.04
N ASN A 42 10.12 -14.79 8.17
CA ASN A 42 11.38 -14.49 7.49
C ASN A 42 12.54 -14.43 8.48
N PRO A 43 13.33 -15.51 8.52
CA PRO A 43 14.49 -15.60 9.41
C PRO A 43 15.62 -14.66 9.00
N ASP A 44 16.00 -14.71 7.73
CA ASP A 44 17.07 -13.86 7.22
C ASP A 44 16.78 -12.40 7.50
N ASN A 45 15.64 -11.91 7.04
CA ASN A 45 15.24 -10.53 7.25
C ASN A 45 13.97 -10.44 8.07
N LYS A 46 14.11 -10.07 9.34
CA LYS A 46 12.97 -9.95 10.24
C LYS A 46 12.44 -8.51 10.25
N GLU A 47 13.34 -7.55 10.46
CA GLU A 47 12.95 -6.15 10.50
C GLU A 47 12.40 -5.70 9.14
N GLU A 48 13.23 -5.82 8.10
CA GLU A 48 12.83 -5.43 6.76
C GLU A 48 11.38 -5.83 6.48
N ALA A 49 11.08 -7.11 6.68
CA ALA A 49 9.74 -7.62 6.46
C ALA A 49 8.73 -6.97 7.39
N GLU A 50 9.10 -6.85 8.66
CA GLU A 50 8.23 -6.23 9.66
C GLU A 50 7.72 -4.87 9.17
N LYS A 51 8.61 -4.08 8.58
CA LYS A 51 8.26 -2.77 8.07
C LYS A 51 7.16 -2.87 7.01
N LYS A 52 7.46 -3.58 5.93
CA LYS A 52 6.50 -3.75 4.85
C LYS A 52 5.13 -4.15 5.39
N PHE A 53 5.13 -4.88 6.49
CA PHE A 53 3.88 -5.33 7.12
C PHE A 53 2.91 -4.16 7.27
N LYS A 54 3.45 -2.98 7.55
CA LYS A 54 2.63 -1.78 7.72
C LYS A 54 2.05 -1.32 6.38
N LEU A 55 2.80 -1.58 5.30
CA LEU A 55 2.36 -1.20 3.97
C LEU A 55 1.21 -2.07 3.50
N VAL A 56 1.35 -3.38 3.66
CA VAL A 56 0.31 -4.33 3.26
C VAL A 56 -0.94 -4.17 4.12
N SER A 57 -0.76 -3.66 5.33
CA SER A 57 -1.87 -3.46 6.25
C SER A 57 -2.53 -2.11 6.02
N GLU A 58 -1.71 -1.10 5.75
CA GLU A 58 -2.21 0.25 5.51
C GLU A 58 -3.02 0.30 4.22
N ALA A 59 -2.39 -0.08 3.11
CA ALA A 59 -3.05 -0.08 1.81
C ALA A 59 -4.38 -0.84 1.88
N TYR A 60 -4.36 -2.02 2.47
CA TYR A 60 -5.55 -2.84 2.58
C TYR A 60 -6.73 -2.01 3.08
N GLU A 61 -6.46 -1.11 4.01
CA GLU A 61 -7.49 -0.24 4.57
C GLU A 61 -7.81 0.92 3.63
N VAL A 62 -6.76 1.54 3.09
CA VAL A 62 -6.93 2.66 2.17
C VAL A 62 -7.92 2.33 1.07
N LEU A 63 -7.81 1.12 0.53
CA LEU A 63 -8.70 0.68 -0.54
C LEU A 63 -9.98 0.08 0.03
N SER A 64 -9.84 -0.79 1.04
CA SER A 64 -10.97 -1.43 1.66
C SER A 64 -12.05 -0.40 2.02
N ASP A 65 -11.62 0.74 2.56
CA ASP A 65 -12.55 1.80 2.93
C ASP A 65 -13.20 2.42 1.70
N SER A 66 -14.26 3.18 1.92
CA SER A 66 -14.98 3.83 0.82
C SER A 66 -14.47 5.25 0.60
N LYS A 67 -14.26 5.97 1.71
CA LYS A 67 -13.77 7.34 1.64
C LYS A 67 -12.30 7.38 1.23
N LYS A 68 -11.52 6.47 1.80
CA LYS A 68 -10.08 6.39 1.50
C LYS A 68 -9.86 6.00 0.04
N ARG A 69 -10.57 4.97 -0.41
CA ARG A 69 -10.44 4.50 -1.79
C ARG A 69 -10.92 5.57 -2.78
N SER A 70 -12.08 6.14 -2.50
CA SER A 70 -12.65 7.18 -3.36
C SER A 70 -11.73 8.40 -3.43
N LEU A 71 -11.22 8.80 -2.27
CA LEU A 71 -10.33 9.96 -2.19
C LEU A 71 -9.02 9.69 -2.92
N TYR A 72 -8.48 8.49 -2.73
CA TYR A 72 -7.22 8.11 -3.38
C TYR A 72 -7.38 8.07 -4.89
N ASP A 73 -8.58 7.68 -5.34
CA ASP A 73 -8.86 7.61 -6.77
C ASP A 73 -8.91 9.00 -7.39
N ARG A 74 -9.63 9.90 -6.75
CA ARG A 74 -9.75 11.28 -7.25
C ARG A 74 -8.43 12.03 -7.09
N ALA A 75 -7.84 11.95 -5.91
CA ALA A 75 -6.58 12.63 -5.64
C ALA A 75 -5.50 12.16 -6.62
N GLY A 76 -5.16 10.88 -6.56
CA GLY A 76 -4.15 10.34 -7.44
C GLY A 76 -2.75 10.69 -6.98
N CYS A 77 -2.12 11.63 -7.68
CA CYS A 77 -0.76 12.06 -7.34
C CYS A 77 -0.74 12.78 -5.99
N ASP A 78 -1.54 13.83 -5.88
CA ASP A 78 -1.61 14.62 -4.65
C ASP A 78 -2.31 13.82 -3.55
N SER A 79 -1.80 13.94 -2.32
CA SER A 79 -2.38 13.23 -1.19
C SER A 79 -1.91 13.86 0.13
N TRP A 80 -2.47 13.38 1.23
CA TRP A 80 -2.11 13.88 2.55
C TRP A 80 -0.67 13.55 2.89
N ARG A 81 -0.26 12.33 2.61
CA ARG A 81 1.10 11.88 2.89
C ARG A 81 1.97 12.02 1.64
N ALA A 82 2.89 12.98 1.66
CA ALA A 82 3.78 13.22 0.54
C ALA A 82 5.05 13.93 0.99
N GLY A 83 6.14 13.73 0.24
CA GLY A 83 7.40 14.36 0.57
C GLY A 83 8.56 13.40 0.53
N GLY A 84 9.75 13.91 0.25
CA GLY A 84 10.93 13.06 0.18
C GLY A 84 10.94 12.00 1.26
N GLY A 85 11.50 10.84 0.94
CA GLY A 85 11.56 9.75 1.91
C GLY A 85 12.95 9.14 1.99
N ALA A 86 13.18 8.11 1.18
CA ALA A 86 14.48 7.43 1.17
C ALA A 86 15.46 8.13 0.23
N SER A 87 16.75 8.01 0.54
CA SER A 87 17.78 8.63 -0.28
C SER A 87 18.92 7.66 -0.55
N GLY A 88 19.83 8.05 -1.44
CA GLY A 88 20.96 7.19 -1.76
C GLY A 88 21.65 6.63 -0.54
N PRO A 89 22.54 5.66 -0.74
CA PRO A 89 23.27 5.02 0.35
C PRO A 89 24.30 5.95 0.98
N SER A 90 24.02 6.39 2.20
CA SER A 90 24.92 7.29 2.91
C SER A 90 24.99 6.93 4.39
N SER A 91 26.00 7.46 5.07
CA SER A 91 26.18 7.20 6.50
C SER A 91 25.67 8.36 7.34
N GLY A 92 24.74 8.06 8.26
CA GLY A 92 24.19 9.09 9.11
C GLY A 92 23.17 9.95 8.39
N GLY A 1 5.66 -4.27 -9.16
CA GLY A 1 6.19 -2.99 -8.73
C GLY A 1 6.91 -2.26 -9.84
N SER A 2 7.84 -1.39 -9.47
CA SER A 2 8.60 -0.61 -10.44
C SER A 2 10.08 -0.57 -10.06
N SER A 3 10.95 -0.63 -11.08
CA SER A 3 12.39 -0.59 -10.86
C SER A 3 12.75 0.47 -9.82
N GLY A 4 12.36 1.71 -10.09
CA GLY A 4 12.65 2.80 -9.17
C GLY A 4 12.16 2.52 -7.77
N SER A 5 13.07 2.20 -6.86
CA SER A 5 12.72 1.91 -5.47
C SER A 5 12.41 3.20 -4.72
N SER A 6 13.24 4.22 -4.92
CA SER A 6 13.05 5.50 -4.25
C SER A 6 11.94 6.30 -4.91
N GLY A 7 11.05 6.86 -4.09
CA GLY A 7 9.94 7.63 -4.61
C GLY A 7 8.67 7.47 -3.81
N MET A 8 7.55 7.27 -4.50
CA MET A 8 6.27 7.09 -3.82
C MET A 8 5.77 5.66 -3.98
N ALA A 9 4.86 5.26 -3.10
CA ALA A 9 4.30 3.92 -3.13
C ALA A 9 2.85 3.93 -3.62
N ASN A 10 2.42 2.83 -4.22
CA ASN A 10 1.06 2.70 -4.72
C ASN A 10 0.30 1.62 -3.99
N TYR A 11 -0.65 2.03 -3.15
CA TYR A 11 -1.45 1.09 -2.37
C TYR A 11 -1.82 -0.14 -3.21
N TYR A 12 -2.45 0.12 -4.37
CA TYR A 12 -2.85 -0.96 -5.27
C TYR A 12 -1.69 -1.92 -5.53
N GLU A 13 -0.51 -1.34 -5.77
CA GLU A 13 0.68 -2.15 -6.04
C GLU A 13 1.10 -2.92 -4.80
N VAL A 14 1.28 -2.21 -3.69
CA VAL A 14 1.68 -2.83 -2.44
C VAL A 14 0.92 -4.14 -2.20
N LEU A 15 -0.40 -4.07 -2.34
CA LEU A 15 -1.23 -5.25 -2.14
C LEU A 15 -1.10 -6.22 -3.31
N GLY A 16 -1.09 -5.69 -4.52
CA GLY A 16 -0.96 -6.52 -5.71
C GLY A 16 -2.31 -6.85 -6.32
N VAL A 17 -3.20 -5.88 -6.36
CA VAL A 17 -4.53 -6.08 -6.92
C VAL A 17 -4.83 -5.03 -7.99
N GLN A 18 -5.98 -5.18 -8.65
CA GLN A 18 -6.39 -4.25 -9.70
C GLN A 18 -7.38 -3.22 -9.15
N ALA A 19 -7.48 -2.09 -9.83
CA ALA A 19 -8.39 -1.02 -9.42
C ALA A 19 -9.84 -1.51 -9.42
N SER A 20 -10.20 -2.27 -10.44
CA SER A 20 -11.56 -2.80 -10.57
C SER A 20 -11.71 -4.09 -9.77
N ALA A 21 -10.78 -4.33 -8.86
CA ALA A 21 -10.81 -5.53 -8.03
C ALA A 21 -12.00 -5.51 -7.08
N SER A 22 -12.49 -6.69 -6.74
CA SER A 22 -13.64 -6.82 -5.83
C SER A 22 -13.22 -6.56 -4.39
N PRO A 23 -14.21 -6.28 -3.53
CA PRO A 23 -13.97 -6.01 -2.11
C PRO A 23 -13.53 -7.26 -1.35
N GLU A 24 -13.65 -8.41 -2.00
CA GLU A 24 -13.26 -9.67 -1.38
C GLU A 24 -11.80 -10.00 -1.66
N ASP A 25 -11.34 -9.67 -2.86
CA ASP A 25 -9.96 -9.91 -3.25
C ASP A 25 -9.00 -9.12 -2.37
N ILE A 26 -9.28 -7.83 -2.20
CA ILE A 26 -8.43 -6.96 -1.38
C ILE A 26 -8.39 -7.45 0.06
N LYS A 27 -9.53 -7.90 0.57
CA LYS A 27 -9.62 -8.40 1.94
C LYS A 27 -8.85 -9.71 2.09
N LYS A 28 -9.22 -10.70 1.29
CA LYS A 28 -8.57 -12.01 1.34
C LYS A 28 -7.09 -11.88 0.99
N ALA A 29 -6.77 -10.95 0.09
CA ALA A 29 -5.39 -10.73 -0.32
C ALA A 29 -4.52 -10.32 0.86
N TYR A 30 -4.97 -9.31 1.60
CA TYR A 30 -4.23 -8.81 2.75
C TYR A 30 -3.93 -9.94 3.73
N ARG A 31 -4.99 -10.51 4.32
CA ARG A 31 -4.83 -11.60 5.27
C ARG A 31 -3.65 -12.48 4.90
N LYS A 32 -3.57 -12.86 3.63
CA LYS A 32 -2.49 -13.70 3.14
C LYS A 32 -1.18 -12.93 3.07
N LEU A 33 -1.24 -11.74 2.50
CA LEU A 33 -0.06 -10.89 2.36
C LEU A 33 0.64 -10.71 3.70
N ALA A 34 -0.11 -10.23 4.70
CA ALA A 34 0.43 -10.03 6.04
C ALA A 34 1.33 -11.18 6.45
N LEU A 35 0.87 -12.40 6.21
CA LEU A 35 1.63 -13.60 6.56
C LEU A 35 2.83 -13.76 5.64
N ARG A 36 2.65 -13.45 4.36
CA ARG A 36 3.72 -13.56 3.38
C ARG A 36 4.88 -12.63 3.74
N TRP A 37 4.59 -11.36 3.92
CA TRP A 37 5.61 -10.38 4.27
C TRP A 37 5.90 -10.39 5.76
N HIS A 38 5.44 -11.45 6.44
CA HIS A 38 5.65 -11.58 7.88
C HIS A 38 7.13 -11.72 8.19
N PRO A 39 7.58 -11.02 9.25
CA PRO A 39 8.97 -11.04 9.68
C PRO A 39 9.37 -12.38 10.29
N ASP A 40 8.47 -12.97 11.07
CA ASP A 40 8.72 -14.25 11.71
C ASP A 40 8.93 -15.35 10.66
N LYS A 41 8.17 -15.27 9.57
CA LYS A 41 8.28 -16.24 8.49
C LYS A 41 9.56 -16.06 7.70
N ASN A 42 10.13 -14.85 7.79
CA ASN A 42 11.37 -14.54 7.08
C ASN A 42 12.54 -14.45 8.05
N PRO A 43 13.36 -15.51 8.10
CA PRO A 43 14.53 -15.58 8.99
C PRO A 43 15.63 -14.62 8.55
N ASP A 44 16.01 -14.69 7.27
CA ASP A 44 17.05 -13.83 6.73
C ASP A 44 16.92 -12.41 7.27
N ASN A 45 15.79 -11.77 6.96
CA ASN A 45 15.55 -10.41 7.42
C ASN A 45 14.20 -10.31 8.11
N LYS A 46 14.21 -9.87 9.37
CA LYS A 46 12.98 -9.72 10.15
C LYS A 46 12.45 -8.30 10.04
N GLU A 47 13.31 -7.32 10.29
CA GLU A 47 12.93 -5.92 10.22
C GLU A 47 12.38 -5.58 8.84
N GLU A 48 13.23 -5.72 7.81
CA GLU A 48 12.83 -5.42 6.44
C GLU A 48 11.40 -5.88 6.18
N ALA A 49 11.08 -7.08 6.63
CA ALA A 49 9.75 -7.63 6.45
C ALA A 49 8.71 -6.87 7.25
N GLU A 50 9.01 -6.62 8.52
CA GLU A 50 8.11 -5.89 9.41
C GLU A 50 7.51 -4.69 8.69
N LYS A 51 8.39 -3.78 8.26
CA LYS A 51 7.95 -2.57 7.56
C LYS A 51 6.88 -2.90 6.51
N LYS A 52 7.21 -3.83 5.62
CA LYS A 52 6.28 -4.24 4.57
C LYS A 52 4.91 -4.54 5.15
N PHE A 53 4.89 -5.21 6.31
CA PHE A 53 3.65 -5.57 6.98
C PHE A 53 2.78 -4.34 7.21
N LYS A 54 3.36 -3.31 7.82
CA LYS A 54 2.66 -2.07 8.10
C LYS A 54 2.02 -1.51 6.84
N LEU A 55 2.77 -1.51 5.74
CA LEU A 55 2.28 -1.00 4.47
C LEU A 55 1.06 -1.79 4.00
N VAL A 56 1.22 -3.10 3.88
CA VAL A 56 0.13 -3.96 3.45
C VAL A 56 -1.14 -3.69 4.27
N SER A 57 -0.97 -3.60 5.59
CA SER A 57 -2.10 -3.36 6.48
C SER A 57 -2.69 -1.98 6.24
N GLU A 58 -1.84 -0.97 6.18
CA GLU A 58 -2.29 0.40 5.95
C GLU A 58 -3.05 0.51 4.64
N ALA A 59 -2.38 0.18 3.54
CA ALA A 59 -3.01 0.25 2.22
C ALA A 59 -4.27 -0.60 2.17
N TYR A 60 -4.19 -1.82 2.71
CA TYR A 60 -5.33 -2.72 2.73
C TYR A 60 -6.62 -1.98 3.10
N GLU A 61 -6.51 -1.09 4.07
CA GLU A 61 -7.66 -0.30 4.51
C GLU A 61 -7.94 0.86 3.57
N VAL A 62 -6.88 1.57 3.19
CA VAL A 62 -7.01 2.71 2.29
C VAL A 62 -7.97 2.38 1.14
N LEU A 63 -7.87 1.16 0.61
CA LEU A 63 -8.73 0.74 -0.48
C LEU A 63 -10.02 0.10 0.05
N SER A 64 -9.88 -0.72 1.09
CA SER A 64 -11.03 -1.39 1.68
C SER A 64 -12.14 -0.40 1.99
N ASP A 65 -11.77 0.74 2.56
CA ASP A 65 -12.74 1.78 2.90
C ASP A 65 -13.39 2.34 1.65
N SER A 66 -14.43 3.15 1.84
CA SER A 66 -15.16 3.75 0.73
C SER A 66 -14.60 5.13 0.40
N LYS A 67 -14.40 5.94 1.44
CA LYS A 67 -13.87 7.29 1.26
C LYS A 67 -12.37 7.27 1.00
N LYS A 68 -11.64 6.58 1.87
CA LYS A 68 -10.18 6.47 1.74
C LYS A 68 -9.81 6.01 0.33
N ARG A 69 -10.52 5.00 -0.18
CA ARG A 69 -10.26 4.47 -1.50
C ARG A 69 -10.50 5.53 -2.58
N SER A 70 -11.73 6.00 -2.67
CA SER A 70 -12.09 7.02 -3.65
C SER A 70 -11.11 8.19 -3.60
N LEU A 71 -10.86 8.69 -2.39
CA LEU A 71 -9.94 9.81 -2.21
C LEU A 71 -8.60 9.53 -2.87
N TYR A 72 -8.13 8.30 -2.76
CA TYR A 72 -6.85 7.90 -3.36
C TYR A 72 -6.99 7.77 -4.87
N ASP A 73 -8.03 7.09 -5.31
CA ASP A 73 -8.27 6.88 -6.73
C ASP A 73 -8.39 8.22 -7.46
N ARG A 74 -9.28 9.07 -6.98
CA ARG A 74 -9.49 10.38 -7.59
C ARG A 74 -8.17 11.16 -7.68
N ALA A 75 -7.41 11.13 -6.59
CA ALA A 75 -6.13 11.83 -6.55
C ALA A 75 -5.13 11.20 -7.51
N GLY A 76 -4.75 9.95 -7.24
CA GLY A 76 -3.80 9.26 -8.09
C GLY A 76 -2.43 9.13 -7.45
N CYS A 77 -1.68 10.22 -7.44
CA CYS A 77 -0.35 10.22 -6.86
C CYS A 77 -0.38 10.70 -5.41
N ASP A 78 0.45 10.10 -4.57
CA ASP A 78 0.50 10.46 -3.16
C ASP A 78 1.81 11.17 -2.84
N SER A 79 1.80 11.98 -1.79
CA SER A 79 2.98 12.73 -1.37
C SER A 79 3.05 12.85 0.15
N TRP A 80 4.26 12.95 0.68
CA TRP A 80 4.45 13.08 2.12
C TRP A 80 5.29 14.31 2.45
N ARG A 81 4.68 15.28 3.12
CA ARG A 81 5.37 16.51 3.49
C ARG A 81 6.74 16.19 4.10
N ALA A 82 6.74 15.40 5.17
CA ALA A 82 7.97 15.03 5.84
C ALA A 82 8.07 13.52 6.01
N GLY A 83 9.24 12.97 5.67
CA GLY A 83 9.44 11.54 5.78
C GLY A 83 8.79 10.96 7.03
N GLY A 84 9.24 11.41 8.20
CA GLY A 84 8.68 10.91 9.43
C GLY A 84 9.35 11.51 10.65
N GLY A 85 9.64 10.67 11.65
CA GLY A 85 10.28 11.15 12.85
C GLY A 85 10.09 10.20 14.02
N ALA A 86 11.07 10.17 14.93
CA ALA A 86 11.01 9.30 16.09
C ALA A 86 9.60 9.26 16.67
N SER A 87 9.04 10.43 16.95
CA SER A 87 7.69 10.52 17.51
C SER A 87 6.64 10.45 16.41
N GLY A 88 5.63 9.62 16.62
CA GLY A 88 4.58 9.47 15.64
C GLY A 88 3.47 8.54 16.10
N PRO A 89 2.34 8.55 15.38
CA PRO A 89 1.18 7.70 15.71
C PRO A 89 1.45 6.22 15.45
N SER A 90 1.77 5.49 16.52
CA SER A 90 2.05 4.07 16.41
C SER A 90 0.77 3.28 16.17
N SER A 91 -0.23 3.48 17.03
CA SER A 91 -1.50 2.79 16.91
C SER A 91 -2.21 3.18 15.62
N GLY A 92 -2.67 2.17 14.88
CA GLY A 92 -3.36 2.43 13.63
C GLY A 92 -2.42 2.90 12.53
N GLY A 1 18.15 -3.72 -9.46
CA GLY A 1 19.04 -3.86 -8.32
C GLY A 1 18.32 -3.64 -7.00
N SER A 2 18.71 -4.40 -5.98
CA SER A 2 18.10 -4.29 -4.67
C SER A 2 18.07 -2.84 -4.20
N SER A 3 19.24 -2.20 -4.18
CA SER A 3 19.34 -0.81 -3.75
C SER A 3 18.60 0.11 -4.72
N GLY A 4 18.17 1.27 -4.22
CA GLY A 4 17.46 2.22 -5.05
C GLY A 4 16.12 1.70 -5.51
N SER A 5 15.04 2.28 -4.97
CA SER A 5 13.69 1.87 -5.32
C SER A 5 12.94 3.00 -6.02
N SER A 6 11.78 2.67 -6.58
CA SER A 6 10.97 3.66 -7.29
C SER A 6 10.90 4.96 -6.50
N GLY A 7 10.71 4.85 -5.19
CA GLY A 7 10.63 6.02 -4.35
C GLY A 7 9.38 6.05 -3.49
N MET A 8 8.24 5.73 -4.10
CA MET A 8 6.97 5.71 -3.39
C MET A 8 6.28 4.36 -3.54
N ALA A 9 5.40 4.03 -2.60
CA ALA A 9 4.66 2.77 -2.64
C ALA A 9 3.21 2.99 -3.04
N ASN A 10 2.62 1.99 -3.68
CA ASN A 10 1.23 2.07 -4.12
C ASN A 10 0.35 1.09 -3.34
N TYR A 11 -0.88 1.51 -3.06
CA TYR A 11 -1.81 0.67 -2.33
C TYR A 11 -2.22 -0.55 -3.15
N TYR A 12 -2.29 -0.37 -4.47
CA TYR A 12 -2.67 -1.46 -5.37
C TYR A 12 -1.52 -2.44 -5.54
N GLU A 13 -0.31 -1.91 -5.68
CA GLU A 13 0.87 -2.75 -5.85
C GLU A 13 1.20 -3.50 -4.56
N VAL A 14 1.25 -2.77 -3.46
CA VAL A 14 1.54 -3.36 -2.16
C VAL A 14 0.66 -4.57 -1.88
N LEU A 15 -0.63 -4.41 -2.14
CA LEU A 15 -1.59 -5.50 -1.92
C LEU A 15 -1.63 -6.44 -3.12
N GLY A 16 -0.81 -6.14 -4.12
CA GLY A 16 -0.77 -6.97 -5.31
C GLY A 16 -2.14 -7.17 -5.93
N VAL A 17 -2.92 -6.09 -6.02
CA VAL A 17 -4.25 -6.14 -6.60
C VAL A 17 -4.47 -5.00 -7.57
N GLN A 18 -5.31 -5.23 -8.58
CA GLN A 18 -5.61 -4.22 -9.58
C GLN A 18 -6.79 -3.36 -9.15
N ALA A 19 -6.94 -2.20 -9.78
CA ALA A 19 -8.03 -1.28 -9.46
C ALA A 19 -9.38 -1.95 -9.68
N SER A 20 -9.50 -2.71 -10.76
CA SER A 20 -10.74 -3.40 -11.10
C SER A 20 -11.00 -4.54 -10.12
N ALA A 21 -10.06 -4.75 -9.20
CA ALA A 21 -10.19 -5.82 -8.21
C ALA A 21 -11.40 -5.59 -7.31
N SER A 22 -12.01 -6.68 -6.88
CA SER A 22 -13.19 -6.61 -6.02
C SER A 22 -12.79 -6.34 -4.57
N PRO A 23 -13.74 -5.84 -3.78
CA PRO A 23 -13.51 -5.54 -2.36
C PRO A 23 -13.33 -6.80 -1.51
N GLU A 24 -13.55 -7.95 -2.13
CA GLU A 24 -13.41 -9.23 -1.44
C GLU A 24 -12.02 -9.83 -1.66
N ASP A 25 -11.45 -9.57 -2.83
CA ASP A 25 -10.12 -10.08 -3.15
C ASP A 25 -9.05 -9.34 -2.35
N ILE A 26 -9.26 -8.05 -2.12
CA ILE A 26 -8.32 -7.23 -1.37
C ILE A 26 -8.29 -7.64 0.10
N LYS A 27 -9.47 -7.94 0.65
CA LYS A 27 -9.58 -8.34 2.05
C LYS A 27 -8.91 -9.71 2.27
N LYS A 28 -9.33 -10.70 1.50
CA LYS A 28 -8.77 -12.04 1.61
C LYS A 28 -7.27 -12.03 1.31
N ALA A 29 -6.86 -11.19 0.38
CA ALA A 29 -5.46 -11.08 0.01
C ALA A 29 -4.62 -10.55 1.17
N TYR A 30 -5.14 -9.56 1.86
CA TYR A 30 -4.45 -8.96 2.99
C TYR A 30 -4.10 -10.02 4.04
N ARG A 31 -5.13 -10.70 4.54
CA ARG A 31 -4.95 -11.73 5.54
C ARG A 31 -3.68 -12.54 5.27
N LYS A 32 -3.61 -13.13 4.08
CA LYS A 32 -2.45 -13.93 3.69
C LYS A 32 -1.20 -13.07 3.59
N LEU A 33 -1.28 -12.01 2.79
CA LEU A 33 -0.15 -11.10 2.61
C LEU A 33 0.55 -10.84 3.94
N ALA A 34 -0.22 -10.43 4.94
CA ALA A 34 0.33 -10.15 6.26
C ALA A 34 1.37 -11.20 6.66
N LEU A 35 1.05 -12.46 6.40
CA LEU A 35 1.94 -13.56 6.73
C LEU A 35 3.12 -13.61 5.77
N ARG A 36 2.86 -13.29 4.51
CA ARG A 36 3.90 -13.30 3.48
C ARG A 36 5.00 -12.28 3.81
N TRP A 37 4.59 -11.08 4.17
CA TRP A 37 5.54 -10.02 4.51
C TRP A 37 5.86 -10.03 5.99
N HIS A 38 5.56 -11.15 6.65
CA HIS A 38 5.81 -11.30 8.08
C HIS A 38 7.32 -11.43 8.35
N PRO A 39 7.78 -10.78 9.43
CA PRO A 39 9.19 -10.82 9.81
C PRO A 39 9.62 -12.18 10.33
N ASP A 40 8.72 -12.83 11.05
CA ASP A 40 9.00 -14.15 11.62
C ASP A 40 9.08 -15.21 10.52
N LYS A 41 8.27 -15.04 9.48
CA LYS A 41 8.26 -15.97 8.36
C LYS A 41 9.49 -15.80 7.49
N ASN A 42 10.12 -14.64 7.60
CA ASN A 42 11.33 -14.34 6.82
C ASN A 42 12.57 -14.36 7.71
N PRO A 43 13.33 -15.45 7.64
CA PRO A 43 14.56 -15.63 8.43
C PRO A 43 15.67 -14.71 7.96
N ASP A 44 15.95 -14.71 6.67
CA ASP A 44 16.99 -13.87 6.09
C ASP A 44 16.79 -12.42 6.49
N ASN A 45 15.63 -11.86 6.17
CA ASN A 45 15.33 -10.48 6.49
C ASN A 45 14.06 -10.39 7.34
N LYS A 46 14.22 -10.01 8.60
CA LYS A 46 13.08 -9.88 9.50
C LYS A 46 12.55 -8.45 9.51
N GLU A 47 13.43 -7.50 9.80
CA GLU A 47 13.04 -6.08 9.83
C GLU A 47 12.41 -5.66 8.51
N GLU A 48 13.17 -5.74 7.43
CA GLU A 48 12.67 -5.37 6.11
C GLU A 48 11.22 -5.78 5.94
N ALA A 49 10.96 -7.08 6.07
CA ALA A 49 9.60 -7.60 5.93
C ALA A 49 8.64 -6.89 6.88
N GLU A 50 9.06 -6.72 8.13
CA GLU A 50 8.24 -6.05 9.13
C GLU A 50 7.72 -4.71 8.61
N LYS A 51 8.61 -3.94 8.01
CA LYS A 51 8.25 -2.63 7.47
C LYS A 51 7.02 -2.74 6.57
N LYS A 52 7.13 -3.54 5.52
CA LYS A 52 6.03 -3.73 4.58
C LYS A 52 4.75 -4.10 5.32
N PHE A 53 4.89 -4.91 6.36
CA PHE A 53 3.73 -5.34 7.15
C PHE A 53 2.82 -4.15 7.47
N LYS A 54 3.42 -3.09 8.01
CA LYS A 54 2.67 -1.90 8.36
C LYS A 54 1.88 -1.37 7.17
N LEU A 55 2.47 -1.48 5.98
CA LEU A 55 1.81 -1.03 4.76
C LEU A 55 0.65 -1.94 4.39
N VAL A 56 0.95 -3.22 4.19
CA VAL A 56 -0.08 -4.20 3.84
C VAL A 56 -1.39 -3.89 4.54
N SER A 57 -1.32 -3.56 5.82
CA SER A 57 -2.51 -3.25 6.59
C SER A 57 -3.03 -1.85 6.25
N GLU A 58 -2.12 -0.92 6.02
CA GLU A 58 -2.49 0.45 5.69
C GLU A 58 -3.25 0.50 4.37
N ALA A 59 -2.60 0.05 3.30
CA ALA A 59 -3.23 0.04 1.97
C ALA A 59 -4.53 -0.73 1.99
N TYR A 60 -4.54 -1.85 2.72
CA TYR A 60 -5.73 -2.69 2.81
C TYR A 60 -6.93 -1.88 3.30
N GLU A 61 -6.69 -0.98 4.24
CA GLU A 61 -7.75 -0.14 4.80
C GLU A 61 -8.09 1.00 3.84
N VAL A 62 -7.07 1.72 3.39
CA VAL A 62 -7.27 2.83 2.47
C VAL A 62 -8.18 2.44 1.32
N LEU A 63 -8.01 1.22 0.82
CA LEU A 63 -8.82 0.73 -0.28
C LEU A 63 -10.11 0.08 0.23
N SER A 64 -9.97 -0.74 1.26
CA SER A 64 -11.13 -1.42 1.85
C SER A 64 -12.30 -0.46 2.00
N ASP A 65 -12.00 0.77 2.38
CA ASP A 65 -13.03 1.79 2.58
C ASP A 65 -13.44 2.41 1.24
N SER A 66 -14.58 3.08 1.23
CA SER A 66 -15.09 3.71 0.01
C SER A 66 -14.63 5.16 -0.08
N LYS A 67 -14.67 5.85 1.05
CA LYS A 67 -14.26 7.26 1.10
C LYS A 67 -12.76 7.39 0.83
N LYS A 68 -11.96 6.59 1.51
CA LYS A 68 -10.52 6.61 1.34
C LYS A 68 -10.13 6.16 -0.07
N ARG A 69 -10.59 4.99 -0.46
CA ARG A 69 -10.29 4.44 -1.78
C ARG A 69 -10.62 5.46 -2.87
N SER A 70 -11.85 5.97 -2.85
CA SER A 70 -12.28 6.94 -3.84
C SER A 70 -11.37 8.17 -3.83
N LEU A 71 -11.21 8.77 -2.67
CA LEU A 71 -10.37 9.95 -2.53
C LEU A 71 -8.99 9.71 -3.14
N TYR A 72 -8.45 8.51 -2.93
CA TYR A 72 -7.14 8.16 -3.45
C TYR A 72 -7.09 8.39 -4.96
N ASP A 73 -8.07 7.86 -5.67
CA ASP A 73 -8.13 8.01 -7.12
C ASP A 73 -8.23 9.48 -7.52
N ARG A 74 -9.14 10.20 -6.85
CA ARG A 74 -9.33 11.61 -7.13
C ARG A 74 -8.03 12.39 -6.99
N ALA A 75 -7.42 12.31 -5.82
CA ALA A 75 -6.16 13.01 -5.56
C ALA A 75 -5.17 12.79 -6.70
N GLY A 76 -4.82 11.53 -6.93
CA GLY A 76 -3.88 11.20 -8.00
C GLY A 76 -2.57 11.93 -7.85
N CYS A 77 -1.98 11.88 -6.66
CA CYS A 77 -0.72 12.54 -6.40
C CYS A 77 0.45 11.56 -6.52
N ASP A 78 1.24 11.72 -7.57
CA ASP A 78 2.39 10.85 -7.80
C ASP A 78 3.64 11.67 -8.13
N SER A 79 4.68 11.47 -7.35
CA SER A 79 5.94 12.19 -7.55
C SER A 79 6.85 11.43 -8.52
N TRP A 80 6.91 11.92 -9.76
CA TRP A 80 7.75 11.28 -10.77
C TRP A 80 9.19 11.17 -10.30
N ARG A 81 9.72 12.25 -9.77
CA ARG A 81 11.09 12.28 -9.27
C ARG A 81 11.15 12.70 -7.81
N ALA A 82 11.75 11.86 -6.97
CA ALA A 82 11.87 12.16 -5.55
C ALA A 82 13.27 11.86 -5.03
N GLY A 83 13.83 12.80 -4.27
CA GLY A 83 15.16 12.60 -3.74
C GLY A 83 15.25 12.96 -2.26
N GLY A 84 14.69 14.12 -1.90
CA GLY A 84 14.72 14.55 -0.52
C GLY A 84 16.04 15.19 -0.14
N GLY A 85 16.43 15.03 1.12
CA GLY A 85 17.69 15.60 1.59
C GLY A 85 18.90 15.04 0.87
N ALA A 86 19.77 14.38 1.62
CA ALA A 86 20.97 13.79 1.05
C ALA A 86 20.61 12.61 0.14
N SER A 87 21.34 12.49 -0.97
CA SER A 87 21.10 11.42 -1.92
C SER A 87 21.53 10.07 -1.34
N GLY A 88 22.72 10.04 -0.75
CA GLY A 88 23.23 8.81 -0.16
C GLY A 88 24.39 8.23 -0.94
N PRO A 89 24.83 7.03 -0.55
CA PRO A 89 25.95 6.34 -1.21
C PRO A 89 25.60 5.87 -2.62
N SER A 90 24.47 5.18 -2.74
CA SER A 90 24.02 4.66 -4.03
C SER A 90 25.13 3.88 -4.72
N SER A 91 25.88 3.10 -3.93
CA SER A 91 26.97 2.30 -4.47
C SER A 91 26.61 0.81 -4.44
N GLY A 92 27.37 0.02 -5.19
CA GLY A 92 27.13 -1.41 -5.25
C GLY A 92 25.81 -1.74 -5.93
N GLY A 1 20.17 11.38 -13.32
CA GLY A 1 19.41 12.51 -12.84
C GLY A 1 19.24 12.48 -11.33
N SER A 2 18.36 11.62 -10.85
CA SER A 2 18.11 11.51 -9.41
C SER A 2 18.30 10.07 -8.94
N SER A 3 19.35 9.85 -8.15
CA SER A 3 19.65 8.52 -7.64
C SER A 3 18.37 7.75 -7.33
N GLY A 4 17.53 8.33 -6.47
CA GLY A 4 16.28 7.69 -6.12
C GLY A 4 15.12 8.65 -6.09
N SER A 5 14.09 8.33 -5.31
CA SER A 5 12.91 9.17 -5.21
C SER A 5 12.49 9.34 -3.75
N SER A 6 11.74 10.40 -3.47
CA SER A 6 11.28 10.69 -2.12
C SER A 6 10.74 9.42 -1.46
N GLY A 7 9.97 8.65 -2.20
CA GLY A 7 9.41 7.42 -1.67
C GLY A 7 7.93 7.27 -1.99
N MET A 8 7.64 6.78 -3.18
CA MET A 8 6.26 6.58 -3.61
C MET A 8 5.94 5.10 -3.76
N ALA A 9 4.77 4.70 -3.28
CA ALA A 9 4.34 3.31 -3.36
C ALA A 9 2.84 3.21 -3.57
N ASN A 10 2.44 2.69 -4.73
CA ASN A 10 1.03 2.55 -5.06
C ASN A 10 0.38 1.47 -4.20
N TYR A 11 -0.65 1.85 -3.46
CA TYR A 11 -1.36 0.92 -2.60
C TYR A 11 -1.71 -0.37 -3.34
N TYR A 12 -2.44 -0.22 -4.44
CA TYR A 12 -2.85 -1.36 -5.25
C TYR A 12 -1.66 -2.29 -5.50
N GLU A 13 -0.51 -1.70 -5.79
CA GLU A 13 0.71 -2.47 -6.07
C GLU A 13 1.17 -3.20 -4.82
N VAL A 14 1.39 -2.46 -3.74
CA VAL A 14 1.84 -3.04 -2.49
C VAL A 14 1.08 -4.32 -2.18
N LEU A 15 -0.24 -4.26 -2.27
CA LEU A 15 -1.08 -5.42 -2.00
C LEU A 15 -1.06 -6.40 -3.17
N GLY A 16 -1.11 -5.86 -4.38
CA GLY A 16 -1.07 -6.71 -5.57
C GLY A 16 -2.46 -7.01 -6.10
N VAL A 17 -3.30 -5.97 -6.19
CA VAL A 17 -4.65 -6.13 -6.69
C VAL A 17 -4.94 -5.15 -7.83
N GLN A 18 -6.03 -5.40 -8.54
CA GLN A 18 -6.41 -4.55 -9.67
C GLN A 18 -7.23 -3.36 -9.19
N ALA A 19 -7.23 -2.28 -9.97
CA ALA A 19 -7.97 -1.08 -9.63
C ALA A 19 -9.45 -1.38 -9.44
N SER A 20 -9.99 -2.24 -10.30
CA SER A 20 -11.40 -2.61 -10.24
C SER A 20 -11.57 -3.97 -9.54
N ALA A 21 -10.54 -4.39 -8.82
CA ALA A 21 -10.58 -5.65 -8.11
C ALA A 21 -11.82 -5.75 -7.22
N SER A 22 -12.17 -6.98 -6.84
CA SER A 22 -13.34 -7.20 -6.00
C SER A 22 -13.06 -6.79 -4.56
N PRO A 23 -14.13 -6.45 -3.82
CA PRO A 23 -14.02 -6.03 -2.42
C PRO A 23 -13.64 -7.18 -1.50
N GLU A 24 -13.71 -8.40 -2.01
CA GLU A 24 -13.38 -9.59 -1.24
C GLU A 24 -11.93 -10.00 -1.49
N ASP A 25 -11.47 -9.82 -2.72
CA ASP A 25 -10.11 -10.18 -3.09
C ASP A 25 -9.10 -9.37 -2.28
N ILE A 26 -9.42 -8.11 -2.03
CA ILE A 26 -8.55 -7.23 -1.27
C ILE A 26 -8.42 -7.70 0.17
N LYS A 27 -9.52 -8.15 0.75
CA LYS A 27 -9.55 -8.63 2.12
C LYS A 27 -8.73 -9.91 2.26
N LYS A 28 -9.11 -10.94 1.50
CA LYS A 28 -8.42 -12.21 1.53
C LYS A 28 -6.94 -12.04 1.22
N ALA A 29 -6.64 -11.15 0.28
CA ALA A 29 -5.27 -10.88 -0.11
C ALA A 29 -4.43 -10.40 1.07
N TYR A 30 -5.01 -9.50 1.86
CA TYR A 30 -4.32 -8.96 3.03
C TYR A 30 -3.99 -10.07 4.02
N ARG A 31 -5.03 -10.73 4.53
CA ARG A 31 -4.85 -11.81 5.49
C ARG A 31 -3.65 -12.68 5.12
N LYS A 32 -3.60 -13.10 3.87
CA LYS A 32 -2.50 -13.94 3.38
C LYS A 32 -1.20 -13.14 3.32
N LEU A 33 -1.26 -11.97 2.69
CA LEU A 33 -0.09 -11.11 2.56
C LEU A 33 0.61 -10.95 3.90
N ALA A 34 -0.10 -10.41 4.87
CA ALA A 34 0.46 -10.20 6.21
C ALA A 34 1.37 -11.35 6.61
N LEU A 35 0.89 -12.58 6.44
CA LEU A 35 1.67 -13.76 6.78
C LEU A 35 2.87 -13.91 5.86
N ARG A 36 2.68 -13.56 4.59
CA ARG A 36 3.75 -13.66 3.60
C ARG A 36 4.88 -12.68 3.93
N TRP A 37 4.52 -11.41 4.09
CA TRP A 37 5.50 -10.38 4.40
C TRP A 37 5.85 -10.39 5.88
N HIS A 38 5.45 -11.45 6.58
CA HIS A 38 5.72 -11.58 8.00
C HIS A 38 7.22 -11.68 8.26
N PRO A 39 7.68 -11.01 9.33
CA PRO A 39 9.10 -11.01 9.71
C PRO A 39 9.55 -12.36 10.25
N ASP A 40 8.71 -12.98 11.06
CA ASP A 40 9.02 -14.29 11.63
C ASP A 40 9.22 -15.34 10.54
N LYS A 41 8.42 -15.24 9.49
CA LYS A 41 8.50 -16.17 8.37
C LYS A 41 9.76 -15.92 7.54
N ASN A 42 10.30 -14.71 7.65
CA ASN A 42 11.51 -14.35 6.91
C ASN A 42 12.71 -14.25 7.85
N PRO A 43 13.56 -15.28 7.84
CA PRO A 43 14.75 -15.33 8.68
C PRO A 43 15.82 -14.33 8.23
N ASP A 44 16.17 -14.38 6.95
CA ASP A 44 17.17 -13.47 6.39
C ASP A 44 16.98 -12.05 6.92
N ASN A 45 15.82 -11.46 6.60
CA ASN A 45 15.51 -10.10 7.04
C ASN A 45 14.24 -10.08 7.88
N LYS A 46 14.36 -9.63 9.13
CA LYS A 46 13.22 -9.55 10.03
C LYS A 46 12.57 -8.18 9.98
N GLU A 47 13.40 -7.13 10.04
CA GLU A 47 12.91 -5.77 10.00
C GLU A 47 12.28 -5.45 8.64
N GLU A 48 13.08 -5.51 7.60
CA GLU A 48 12.61 -5.23 6.25
C GLU A 48 11.19 -5.76 6.05
N ALA A 49 10.98 -7.02 6.43
CA ALA A 49 9.68 -7.65 6.30
C ALA A 49 8.66 -7.01 7.24
N GLU A 50 9.07 -6.79 8.49
CA GLU A 50 8.19 -6.19 9.48
C GLU A 50 7.56 -4.91 8.94
N LYS A 51 8.36 -4.07 8.30
CA LYS A 51 7.88 -2.82 7.73
C LYS A 51 6.75 -3.07 6.74
N LYS A 52 7.02 -3.90 5.73
CA LYS A 52 6.03 -4.22 4.71
C LYS A 52 4.69 -4.58 5.36
N PHE A 53 4.75 -5.30 6.47
CA PHE A 53 3.54 -5.70 7.19
C PHE A 53 2.61 -4.51 7.40
N LYS A 54 3.18 -3.38 7.78
CA LYS A 54 2.41 -2.17 8.02
C LYS A 54 1.80 -1.65 6.72
N LEU A 55 2.60 -1.66 5.66
CA LEU A 55 2.15 -1.19 4.36
C LEU A 55 0.92 -1.97 3.90
N VAL A 56 1.00 -3.29 3.98
CA VAL A 56 -0.10 -4.15 3.57
C VAL A 56 -1.37 -3.82 4.36
N SER A 57 -1.23 -3.62 5.67
CA SER A 57 -2.35 -3.30 6.53
C SER A 57 -2.92 -1.92 6.20
N GLU A 58 -2.03 -0.95 6.06
CA GLU A 58 -2.44 0.42 5.74
C GLU A 58 -3.24 0.46 4.44
N ALA A 59 -2.63 0.00 3.35
CA ALA A 59 -3.29 -0.03 2.05
C ALA A 59 -4.61 -0.77 2.12
N TYR A 60 -4.60 -1.94 2.77
CA TYR A 60 -5.81 -2.75 2.90
C TYR A 60 -7.00 -1.89 3.33
N GLU A 61 -6.75 -0.94 4.21
CA GLU A 61 -7.80 -0.05 4.69
C GLU A 61 -8.08 1.06 3.69
N VAL A 62 -7.01 1.72 3.23
CA VAL A 62 -7.14 2.81 2.27
C VAL A 62 -8.08 2.43 1.13
N LEU A 63 -8.01 1.17 0.71
CA LEU A 63 -8.86 0.69 -0.37
C LEU A 63 -10.15 0.09 0.17
N SER A 64 -10.04 -0.72 1.23
CA SER A 64 -11.19 -1.34 1.85
C SER A 64 -12.28 -0.31 2.14
N ASP A 65 -11.87 0.88 2.58
CA ASP A 65 -12.81 1.94 2.89
C ASP A 65 -13.63 2.32 1.66
N SER A 66 -14.67 3.13 1.87
CA SER A 66 -15.53 3.55 0.77
C SER A 66 -15.09 4.90 0.22
N LYS A 67 -14.60 5.76 1.11
CA LYS A 67 -14.14 7.08 0.72
C LYS A 67 -12.64 7.07 0.41
N LYS A 68 -11.84 6.63 1.38
CA LYS A 68 -10.40 6.57 1.21
C LYS A 68 -10.04 6.11 -0.20
N ARG A 69 -10.61 4.99 -0.62
CA ARG A 69 -10.35 4.45 -1.95
C ARG A 69 -10.59 5.51 -3.02
N SER A 70 -11.66 6.27 -2.87
CA SER A 70 -12.00 7.31 -3.83
C SER A 70 -10.98 8.44 -3.79
N LEU A 71 -10.74 8.97 -2.60
CA LEU A 71 -9.79 10.06 -2.42
C LEU A 71 -8.45 9.73 -3.09
N TYR A 72 -8.00 8.49 -2.91
CA TYR A 72 -6.74 8.06 -3.51
C TYR A 72 -6.70 8.36 -4.99
N ASP A 73 -7.78 8.02 -5.69
CA ASP A 73 -7.88 8.25 -7.13
C ASP A 73 -7.99 9.74 -7.42
N ARG A 74 -8.86 10.41 -6.67
CA ARG A 74 -9.07 11.84 -6.86
C ARG A 74 -7.75 12.59 -6.90
N ALA A 75 -6.92 12.37 -5.89
CA ALA A 75 -5.61 13.02 -5.82
C ALA A 75 -4.66 12.45 -6.86
N GLY A 76 -4.59 11.12 -6.95
CA GLY A 76 -3.71 10.48 -7.90
C GLY A 76 -2.31 10.27 -7.35
N CYS A 77 -1.70 11.35 -6.86
CA CYS A 77 -0.35 11.27 -6.31
C CYS A 77 -0.38 11.38 -4.79
N ASP A 78 0.13 10.35 -4.11
CA ASP A 78 0.16 10.34 -2.66
C ASP A 78 1.00 11.49 -2.12
N SER A 79 0.34 12.40 -1.39
CA SER A 79 1.02 13.55 -0.82
C SER A 79 1.05 13.47 0.70
N TRP A 80 2.19 13.84 1.29
CA TRP A 80 2.34 13.80 2.74
C TRP A 80 2.81 15.15 3.27
N ARG A 81 1.94 15.82 4.02
CA ARG A 81 2.26 17.13 4.59
C ARG A 81 2.01 17.14 6.09
N ALA A 82 3.03 17.51 6.86
CA ALA A 82 2.92 17.57 8.30
C ALA A 82 1.79 18.50 8.74
N GLY A 83 1.71 19.66 8.09
CA GLY A 83 0.68 20.62 8.42
C GLY A 83 -0.71 20.12 8.07
N GLY A 84 -1.60 21.05 7.74
CA GLY A 84 -2.97 20.69 7.38
C GLY A 84 -3.73 20.07 8.55
N GLY A 85 -4.36 18.93 8.30
CA GLY A 85 -5.12 18.26 9.35
C GLY A 85 -4.70 16.81 9.52
N ALA A 86 -3.47 16.59 9.93
CA ALA A 86 -2.95 15.24 10.15
C ALA A 86 -3.84 14.46 11.13
N SER A 87 -4.15 15.10 12.25
CA SER A 87 -4.98 14.46 13.27
C SER A 87 -5.97 15.47 13.88
N GLY A 88 -6.98 14.96 14.55
CA GLY A 88 -7.97 15.82 15.17
C GLY A 88 -9.23 15.07 15.56
N PRO A 89 -10.37 15.77 15.46
CA PRO A 89 -11.68 15.19 15.79
C PRO A 89 -12.12 14.12 14.79
N SER A 90 -11.76 12.87 15.05
CA SER A 90 -12.11 11.77 14.17
C SER A 90 -13.60 11.45 14.27
N SER A 91 -14.08 11.24 15.49
CA SER A 91 -15.48 10.92 15.73
C SER A 91 -16.24 12.15 16.23
N GLY A 92 -17.54 12.00 16.37
CA GLY A 92 -18.37 13.10 16.83
C GLY A 92 -19.71 12.64 17.38
N GLY A 1 -8.29 18.45 -7.64
CA GLY A 1 -7.44 17.28 -7.68
C GLY A 1 -7.07 16.88 -9.09
N SER A 2 -6.04 16.06 -9.23
CA SER A 2 -5.59 15.60 -10.54
C SER A 2 -4.89 14.24 -10.42
N SER A 3 -5.00 13.45 -11.48
CA SER A 3 -4.38 12.13 -11.51
C SER A 3 -2.89 12.21 -11.16
N GLY A 4 -2.41 11.23 -10.41
CA GLY A 4 -1.02 11.21 -10.01
C GLY A 4 -0.18 10.31 -10.89
N SER A 5 0.77 10.90 -11.63
CA SER A 5 1.63 10.13 -12.52
C SER A 5 2.76 9.46 -11.73
N SER A 6 3.58 10.28 -11.09
CA SER A 6 4.71 9.77 -10.30
C SER A 6 4.22 9.22 -8.97
N GLY A 7 4.87 8.14 -8.52
CA GLY A 7 4.50 7.53 -7.26
C GLY A 7 5.23 6.22 -7.00
N MET A 8 5.44 5.90 -5.74
CA MET A 8 6.14 4.67 -5.37
C MET A 8 5.37 3.91 -4.29
N ALA A 9 5.35 2.60 -4.39
CA ALA A 9 4.65 1.75 -3.43
C ALA A 9 3.15 1.98 -3.49
N ASN A 10 2.61 1.98 -4.71
CA ASN A 10 1.17 2.20 -4.90
C ASN A 10 0.37 1.14 -4.16
N TYR A 11 -0.54 1.60 -3.29
CA TYR A 11 -1.37 0.70 -2.51
C TYR A 11 -1.75 -0.55 -3.33
N TYR A 12 -2.36 -0.33 -4.49
CA TYR A 12 -2.76 -1.42 -5.35
C TYR A 12 -1.59 -2.33 -5.67
N GLU A 13 -0.41 -1.74 -5.85
CA GLU A 13 0.79 -2.51 -6.15
C GLU A 13 1.23 -3.32 -4.95
N VAL A 14 1.38 -2.65 -3.81
CA VAL A 14 1.80 -3.31 -2.57
C VAL A 14 1.01 -4.59 -2.35
N LEU A 15 -0.30 -4.51 -2.52
CA LEU A 15 -1.17 -5.66 -2.33
C LEU A 15 -1.13 -6.58 -3.54
N GLY A 16 -1.15 -5.99 -4.73
CA GLY A 16 -1.10 -6.76 -5.95
C GLY A 16 -2.49 -7.02 -6.53
N VAL A 17 -3.30 -5.97 -6.59
CA VAL A 17 -4.65 -6.08 -7.11
C VAL A 17 -4.96 -4.94 -8.08
N GLN A 18 -6.11 -5.03 -8.75
CA GLN A 18 -6.52 -4.01 -9.70
C GLN A 18 -7.58 -3.09 -9.09
N ALA A 19 -7.77 -1.93 -9.72
CA ALA A 19 -8.76 -0.97 -9.24
C ALA A 19 -10.17 -1.53 -9.34
N SER A 20 -10.44 -2.26 -10.41
CA SER A 20 -11.76 -2.85 -10.63
C SER A 20 -11.88 -4.18 -9.89
N ALA A 21 -11.00 -4.39 -8.93
CA ALA A 21 -11.01 -5.63 -8.15
C ALA A 21 -12.18 -5.65 -7.17
N SER A 22 -12.57 -6.84 -6.74
CA SER A 22 -13.67 -7.00 -5.80
C SER A 22 -13.25 -6.63 -4.39
N PRO A 23 -14.24 -6.23 -3.56
CA PRO A 23 -13.98 -5.84 -2.17
C PRO A 23 -13.59 -7.03 -1.29
N GLU A 24 -13.83 -8.23 -1.81
CA GLU A 24 -13.50 -9.45 -1.07
C GLU A 24 -12.12 -9.98 -1.47
N ASP A 25 -11.74 -9.71 -2.72
CA ASP A 25 -10.44 -10.15 -3.24
C ASP A 25 -9.30 -9.46 -2.50
N ILE A 26 -9.45 -8.16 -2.27
CA ILE A 26 -8.43 -7.39 -1.57
C ILE A 26 -8.22 -7.90 -0.15
N LYS A 27 -9.32 -8.18 0.55
CA LYS A 27 -9.26 -8.69 1.91
C LYS A 27 -8.50 -10.00 1.96
N LYS A 28 -8.99 -11.01 1.24
CA LYS A 28 -8.36 -12.31 1.21
C LYS A 28 -6.85 -12.19 0.98
N ALA A 29 -6.49 -11.46 -0.07
CA ALA A 29 -5.08 -11.26 -0.40
C ALA A 29 -4.31 -10.69 0.79
N TYR A 30 -4.92 -9.72 1.47
CA TYR A 30 -4.28 -9.09 2.62
C TYR A 30 -3.95 -10.13 3.69
N ARG A 31 -4.97 -10.81 4.19
CA ARG A 31 -4.78 -11.83 5.21
C ARG A 31 -3.47 -12.58 4.99
N LYS A 32 -3.32 -13.18 3.81
CA LYS A 32 -2.12 -13.93 3.48
C LYS A 32 -0.91 -13.00 3.38
N LEU A 33 -0.99 -12.03 2.49
CA LEU A 33 0.09 -11.07 2.30
C LEU A 33 0.73 -10.70 3.64
N ALA A 34 -0.11 -10.51 4.65
CA ALA A 34 0.38 -10.15 5.98
C ALA A 34 1.36 -11.19 6.51
N LEU A 35 1.00 -12.46 6.37
CA LEU A 35 1.86 -13.54 6.83
C LEU A 35 3.11 -13.64 5.98
N ARG A 36 2.97 -13.44 4.68
CA ARG A 36 4.10 -13.50 3.75
C ARG A 36 5.14 -12.44 4.11
N TRP A 37 4.72 -11.19 4.15
CA TRP A 37 5.61 -10.08 4.48
C TRP A 37 5.95 -10.08 5.96
N HIS A 38 5.26 -10.92 6.73
CA HIS A 38 5.50 -11.01 8.17
C HIS A 38 6.97 -11.27 8.47
N PRO A 39 7.49 -10.61 9.51
CA PRO A 39 8.89 -10.76 9.92
C PRO A 39 9.17 -12.13 10.52
N ASP A 40 8.34 -12.55 11.47
CA ASP A 40 8.50 -13.83 12.13
C ASP A 40 8.54 -14.96 11.09
N LYS A 41 7.80 -14.80 10.01
CA LYS A 41 7.75 -15.80 8.95
C LYS A 41 9.01 -15.73 8.09
N ASN A 42 9.68 -14.59 8.12
CA ASN A 42 10.90 -14.39 7.33
C ASN A 42 12.13 -14.35 8.24
N PRO A 43 12.87 -15.47 8.29
CA PRO A 43 14.07 -15.58 9.11
C PRO A 43 15.22 -14.74 8.58
N ASP A 44 15.52 -14.88 7.29
CA ASP A 44 16.59 -14.12 6.65
C ASP A 44 16.52 -12.65 7.04
N ASN A 45 15.41 -12.00 6.69
CA ASN A 45 15.21 -10.60 7.00
C ASN A 45 13.95 -10.39 7.84
N LYS A 46 14.14 -9.92 9.07
CA LYS A 46 13.04 -9.68 9.98
C LYS A 46 12.56 -8.23 9.89
N GLU A 47 13.48 -7.30 10.04
CA GLU A 47 13.15 -5.87 9.97
C GLU A 47 12.58 -5.52 8.61
N GLU A 48 13.43 -5.62 7.58
CA GLU A 48 13.00 -5.31 6.21
C GLU A 48 11.57 -5.75 5.97
N ALA A 49 11.26 -6.98 6.37
CA ALA A 49 9.92 -7.52 6.19
C ALA A 49 8.91 -6.78 7.08
N GLU A 50 9.26 -6.60 8.34
CA GLU A 50 8.39 -5.91 9.28
C GLU A 50 7.87 -4.60 8.69
N LYS A 51 8.79 -3.77 8.21
CA LYS A 51 8.42 -2.49 7.61
C LYS A 51 7.25 -2.65 6.65
N LYS A 52 7.43 -3.49 5.64
CA LYS A 52 6.38 -3.74 4.66
C LYS A 52 5.04 -4.00 5.33
N PHE A 53 5.08 -4.82 6.38
CA PHE A 53 3.86 -5.16 7.12
C PHE A 53 2.96 -3.94 7.27
N LYS A 54 3.56 -2.82 7.63
CA LYS A 54 2.81 -1.58 7.81
C LYS A 54 2.13 -1.15 6.52
N LEU A 55 2.88 -1.23 5.42
CA LEU A 55 2.35 -0.86 4.11
C LEU A 55 1.08 -1.63 3.80
N VAL A 56 1.16 -2.96 3.90
CA VAL A 56 0.01 -3.81 3.64
C VAL A 56 -1.18 -3.44 4.51
N SER A 57 -0.94 -3.33 5.82
CA SER A 57 -2.00 -2.98 6.77
C SER A 57 -2.68 -1.67 6.36
N GLU A 58 -1.87 -0.69 5.95
CA GLU A 58 -2.40 0.60 5.53
C GLU A 58 -3.13 0.49 4.20
N ALA A 59 -2.39 0.15 3.15
CA ALA A 59 -2.97 0.00 1.82
C ALA A 59 -4.27 -0.80 1.88
N TYR A 60 -4.25 -1.91 2.61
CA TYR A 60 -5.42 -2.77 2.74
C TYR A 60 -6.62 -1.98 3.21
N GLU A 61 -6.39 -1.03 4.12
CA GLU A 61 -7.46 -0.21 4.65
C GLU A 61 -7.81 0.92 3.68
N VAL A 62 -6.78 1.57 3.14
CA VAL A 62 -6.97 2.67 2.21
C VAL A 62 -7.94 2.28 1.09
N LEU A 63 -7.77 1.07 0.56
CA LEU A 63 -8.63 0.58 -0.51
C LEU A 63 -9.89 -0.05 0.06
N SER A 64 -9.73 -0.86 1.11
CA SER A 64 -10.85 -1.54 1.74
C SER A 64 -12.02 -0.56 1.95
N ASP A 65 -11.68 0.66 2.34
CA ASP A 65 -12.69 1.69 2.58
C ASP A 65 -13.02 2.45 1.30
N SER A 66 -14.27 2.39 0.87
CA SER A 66 -14.70 3.07 -0.34
C SER A 66 -14.30 4.54 -0.31
N LYS A 67 -14.39 5.15 0.86
CA LYS A 67 -14.04 6.55 1.04
C LYS A 67 -12.56 6.78 0.75
N LYS A 68 -11.70 6.14 1.53
CA LYS A 68 -10.25 6.27 1.36
C LYS A 68 -9.83 5.77 -0.02
N ARG A 69 -10.60 4.84 -0.56
CA ARG A 69 -10.29 4.27 -1.87
C ARG A 69 -10.57 5.30 -2.98
N SER A 70 -11.82 5.76 -3.06
CA SER A 70 -12.21 6.73 -4.07
C SER A 70 -11.50 8.06 -3.85
N LEU A 71 -11.47 8.50 -2.59
CA LEU A 71 -10.82 9.77 -2.25
C LEU A 71 -9.35 9.74 -2.62
N TYR A 72 -8.67 8.65 -2.28
CA TYR A 72 -7.26 8.50 -2.59
C TYR A 72 -6.97 8.82 -4.05
N ASP A 73 -7.85 8.36 -4.93
CA ASP A 73 -7.70 8.61 -6.37
C ASP A 73 -7.88 10.08 -6.69
N ARG A 74 -9.00 10.65 -6.24
CA ARG A 74 -9.29 12.06 -6.48
C ARG A 74 -8.06 12.92 -6.25
N ALA A 75 -7.52 12.86 -5.03
CA ALA A 75 -6.35 13.63 -4.68
C ALA A 75 -5.14 13.23 -5.53
N GLY A 76 -4.87 11.93 -5.58
CA GLY A 76 -3.75 11.44 -6.36
C GLY A 76 -2.42 11.62 -5.65
N CYS A 77 -2.12 12.86 -5.27
CA CYS A 77 -0.87 13.17 -4.58
C CYS A 77 -0.73 12.33 -3.31
N ASP A 78 0.48 11.88 -3.04
CA ASP A 78 0.75 11.07 -1.85
C ASP A 78 0.66 11.92 -0.58
N SER A 79 -0.09 11.42 0.39
CA SER A 79 -0.27 12.13 1.65
C SER A 79 0.94 11.94 2.55
N TRP A 80 0.98 12.71 3.65
CA TRP A 80 2.08 12.62 4.59
C TRP A 80 1.58 12.65 6.03
N ARG A 81 1.59 11.49 6.68
CA ARG A 81 1.13 11.38 8.06
C ARG A 81 2.11 10.56 8.90
N ALA A 82 2.47 11.09 10.07
CA ALA A 82 3.39 10.42 10.96
C ALA A 82 2.71 10.02 12.25
N GLY A 83 2.75 8.73 12.58
CA GLY A 83 2.13 8.24 13.79
C GLY A 83 3.14 7.71 14.79
N GLY A 84 2.77 6.64 15.50
CA GLY A 84 3.66 6.06 16.48
C GLY A 84 3.94 4.59 16.21
N GLY A 85 3.51 3.73 17.14
CA GLY A 85 3.71 2.31 16.98
C GLY A 85 2.51 1.50 17.40
N ALA A 86 2.63 0.17 17.34
CA ALA A 86 1.55 -0.72 17.72
C ALA A 86 1.32 -0.71 19.23
N SER A 87 2.42 -0.81 19.99
CA SER A 87 2.35 -0.82 21.44
C SER A 87 2.82 0.51 22.01
N GLY A 88 1.94 1.17 22.77
CA GLY A 88 2.28 2.44 23.36
C GLY A 88 1.06 3.18 23.89
N PRO A 89 1.18 4.52 24.00
CA PRO A 89 0.09 5.35 24.50
C PRO A 89 -1.07 5.45 23.53
N SER A 90 -2.29 5.36 24.06
CA SER A 90 -3.49 5.43 23.23
C SER A 90 -4.65 6.03 24.01
N SER A 91 -5.49 6.79 23.31
CA SER A 91 -6.64 7.43 23.94
C SER A 91 -7.94 6.79 23.46
N GLY A 92 -9.03 7.05 24.19
CA GLY A 92 -10.32 6.50 23.83
C GLY A 92 -11.43 7.51 23.95
N GLY A 1 8.77 -0.30 -12.94
CA GLY A 1 8.53 0.71 -11.93
C GLY A 1 9.53 1.84 -11.99
N SER A 2 9.37 2.72 -12.97
CA SER A 2 10.28 3.85 -13.15
C SER A 2 10.59 4.50 -11.80
N SER A 3 9.55 4.98 -11.12
CA SER A 3 9.73 5.63 -9.83
C SER A 3 9.04 4.83 -8.72
N GLY A 4 9.83 4.16 -7.91
CA GLY A 4 9.28 3.36 -6.82
C GLY A 4 9.95 3.65 -5.49
N SER A 5 11.27 3.54 -5.46
CA SER A 5 12.02 3.78 -4.24
C SER A 5 11.79 5.20 -3.73
N SER A 6 12.04 6.18 -4.59
CA SER A 6 11.85 7.58 -4.23
C SER A 6 10.43 8.04 -4.53
N GLY A 7 9.61 8.13 -3.49
CA GLY A 7 8.24 8.57 -3.67
C GLY A 7 7.29 7.91 -2.69
N MET A 8 6.08 7.60 -3.15
CA MET A 8 5.08 6.95 -2.31
C MET A 8 4.74 5.57 -2.84
N ALA A 9 4.62 4.60 -1.93
CA ALA A 9 4.29 3.23 -2.31
C ALA A 9 2.81 3.10 -2.66
N ASN A 10 2.54 2.74 -3.91
CA ASN A 10 1.17 2.58 -4.39
C ASN A 10 0.47 1.44 -3.64
N TYR A 11 -0.62 1.77 -2.95
CA TYR A 11 -1.38 0.78 -2.20
C TYR A 11 -1.70 -0.43 -3.08
N TYR A 12 -2.40 -0.20 -4.17
CA TYR A 12 -2.78 -1.26 -5.09
C TYR A 12 -1.60 -2.20 -5.35
N GLU A 13 -0.45 -1.61 -5.63
CA GLU A 13 0.76 -2.39 -5.90
C GLU A 13 1.19 -3.16 -4.66
N VAL A 14 1.34 -2.45 -3.55
CA VAL A 14 1.76 -3.07 -2.29
C VAL A 14 0.99 -4.35 -2.03
N LEU A 15 -0.33 -4.31 -2.26
CA LEU A 15 -1.17 -5.48 -2.05
C LEU A 15 -1.12 -6.41 -3.26
N GLY A 16 -1.04 -5.82 -4.45
CA GLY A 16 -0.97 -6.62 -5.67
C GLY A 16 -2.33 -6.79 -6.31
N VAL A 17 -3.17 -5.76 -6.20
CA VAL A 17 -4.51 -5.79 -6.78
C VAL A 17 -4.77 -4.55 -7.62
N GLN A 18 -5.87 -4.58 -8.37
CA GLN A 18 -6.25 -3.45 -9.21
C GLN A 18 -7.59 -2.86 -8.78
N ALA A 19 -7.81 -1.60 -9.12
CA ALA A 19 -9.05 -0.92 -8.76
C ALA A 19 -10.26 -1.74 -9.21
N SER A 20 -10.20 -2.28 -10.42
CA SER A 20 -11.29 -3.08 -10.96
C SER A 20 -11.57 -4.28 -10.07
N ALA A 21 -10.62 -4.61 -9.20
CA ALA A 21 -10.76 -5.73 -8.29
C ALA A 21 -12.01 -5.59 -7.42
N SER A 22 -12.30 -6.62 -6.65
CA SER A 22 -13.47 -6.61 -5.76
C SER A 22 -13.06 -6.27 -4.33
N PRO A 23 -14.05 -5.83 -3.54
CA PRO A 23 -13.82 -5.45 -2.13
C PRO A 23 -13.52 -6.66 -1.26
N GLU A 24 -13.87 -7.85 -1.75
CA GLU A 24 -13.63 -9.08 -1.00
C GLU A 24 -12.32 -9.72 -1.42
N ASP A 25 -11.90 -9.46 -2.65
CA ASP A 25 -10.66 -10.02 -3.18
C ASP A 25 -9.45 -9.28 -2.60
N ILE A 26 -9.66 -8.04 -2.20
CA ILE A 26 -8.59 -7.23 -1.62
C ILE A 26 -8.34 -7.60 -0.17
N LYS A 27 -9.41 -7.94 0.53
CA LYS A 27 -9.31 -8.32 1.94
C LYS A 27 -8.75 -9.72 2.09
N LYS A 28 -9.24 -10.65 1.26
CA LYS A 28 -8.78 -12.03 1.29
C LYS A 28 -7.31 -12.12 0.95
N ALA A 29 -6.83 -11.15 0.18
CA ALA A 29 -5.43 -11.13 -0.23
C ALA A 29 -4.53 -10.65 0.91
N TYR A 30 -4.97 -9.59 1.58
CA TYR A 30 -4.21 -9.04 2.69
C TYR A 30 -3.86 -10.11 3.72
N ARG A 31 -4.87 -10.86 4.15
CA ARG A 31 -4.68 -11.91 5.14
C ARG A 31 -3.43 -12.72 4.82
N LYS A 32 -3.40 -13.32 3.64
CA LYS A 32 -2.25 -14.13 3.21
C LYS A 32 -0.98 -13.29 3.21
N LEU A 33 -1.07 -12.08 2.66
CA LEU A 33 0.08 -11.19 2.60
C LEU A 33 0.71 -11.01 3.98
N ALA A 34 -0.08 -10.51 4.92
CA ALA A 34 0.40 -10.29 6.28
C ALA A 34 1.39 -11.39 6.69
N LEU A 35 1.09 -12.63 6.32
CA LEU A 35 1.96 -13.75 6.65
C LEU A 35 3.15 -13.81 5.70
N ARG A 36 2.90 -13.52 4.43
CA ARG A 36 3.96 -13.55 3.42
C ARG A 36 5.06 -12.54 3.75
N TRP A 37 4.66 -11.31 4.02
CA TRP A 37 5.61 -10.25 4.36
C TRP A 37 5.92 -10.25 5.85
N HIS A 38 5.54 -11.33 6.52
CA HIS A 38 5.78 -11.45 7.95
C HIS A 38 7.28 -11.54 8.24
N PRO A 39 7.71 -10.87 9.32
CA PRO A 39 9.12 -10.84 9.73
C PRO A 39 9.58 -12.20 10.28
N ASP A 40 8.71 -12.86 11.04
CA ASP A 40 9.03 -14.15 11.61
C ASP A 40 9.20 -15.20 10.51
N LYS A 41 8.37 -15.11 9.49
CA LYS A 41 8.42 -16.06 8.37
C LYS A 41 9.68 -15.85 7.54
N ASN A 42 10.27 -14.66 7.66
CA ASN A 42 11.47 -14.33 6.91
C ASN A 42 12.69 -14.27 7.84
N PRO A 43 13.50 -15.34 7.82
CA PRO A 43 14.70 -15.43 8.66
C PRO A 43 15.80 -14.47 8.21
N ASP A 44 16.11 -14.49 6.92
CA ASP A 44 17.13 -13.61 6.36
C ASP A 44 16.87 -12.16 6.75
N ASN A 45 15.70 -11.66 6.38
CA ASN A 45 15.34 -10.28 6.69
C ASN A 45 14.08 -10.22 7.56
N LYS A 46 14.26 -9.86 8.82
CA LYS A 46 13.15 -9.77 9.76
C LYS A 46 12.58 -8.35 9.78
N GLU A 47 13.44 -7.37 10.03
CA GLU A 47 13.01 -5.98 10.08
C GLU A 47 12.38 -5.56 8.76
N GLU A 48 13.17 -5.59 7.70
CA GLU A 48 12.68 -5.21 6.37
C GLU A 48 11.24 -5.67 6.17
N ALA A 49 11.02 -6.97 6.26
CA ALA A 49 9.69 -7.54 6.10
C ALA A 49 8.68 -6.85 6.99
N GLU A 50 9.07 -6.59 8.25
CA GLU A 50 8.19 -5.94 9.20
C GLU A 50 7.61 -4.66 8.61
N LYS A 51 8.48 -3.79 8.11
CA LYS A 51 8.05 -2.53 7.52
C LYS A 51 6.83 -2.73 6.63
N LYS A 52 6.99 -3.57 5.61
CA LYS A 52 5.91 -3.86 4.67
C LYS A 52 4.63 -4.21 5.42
N PHE A 53 4.76 -5.02 6.46
CA PHE A 53 3.62 -5.45 7.26
C PHE A 53 2.68 -4.27 7.52
N LYS A 54 3.26 -3.14 7.94
CA LYS A 54 2.47 -1.95 8.22
C LYS A 54 1.75 -1.45 6.97
N LEU A 55 2.47 -1.45 5.85
CA LEU A 55 1.89 -1.00 4.58
C LEU A 55 0.74 -1.91 4.15
N VAL A 56 0.93 -3.21 4.30
CA VAL A 56 -0.10 -4.18 3.94
C VAL A 56 -1.37 -3.94 4.72
N SER A 57 -1.23 -3.66 6.01
CA SER A 57 -2.38 -3.42 6.88
C SER A 57 -3.02 -2.07 6.56
N GLU A 58 -2.19 -1.04 6.46
CA GLU A 58 -2.68 0.31 6.17
C GLU A 58 -3.39 0.34 4.82
N ALA A 59 -2.70 -0.10 3.77
CA ALA A 59 -3.26 -0.12 2.44
C ALA A 59 -4.58 -0.88 2.41
N TYR A 60 -4.56 -2.10 2.91
CA TYR A 60 -5.76 -2.93 2.94
C TYR A 60 -6.99 -2.10 3.33
N GLU A 61 -6.81 -1.23 4.31
CA GLU A 61 -7.90 -0.37 4.78
C GLU A 61 -8.14 0.78 3.81
N VAL A 62 -7.07 1.46 3.42
CA VAL A 62 -7.16 2.58 2.49
C VAL A 62 -8.02 2.21 1.28
N LEU A 63 -7.93 0.96 0.86
CA LEU A 63 -8.69 0.48 -0.29
C LEU A 63 -10.06 -0.03 0.13
N SER A 64 -10.08 -0.84 1.18
CA SER A 64 -11.33 -1.41 1.69
C SER A 64 -12.39 -0.33 1.83
N ASP A 65 -11.98 0.85 2.31
CA ASP A 65 -12.90 1.96 2.49
C ASP A 65 -13.26 2.59 1.15
N SER A 66 -14.32 3.39 1.15
CA SER A 66 -14.77 4.06 -0.08
C SER A 66 -14.16 5.45 -0.19
N LYS A 67 -14.23 6.21 0.90
CA LYS A 67 -13.69 7.57 0.92
C LYS A 67 -12.17 7.55 0.72
N LYS A 68 -11.52 6.55 1.27
CA LYS A 68 -10.07 6.40 1.15
C LYS A 68 -9.69 5.89 -0.23
N ARG A 69 -10.36 4.83 -0.67
CA ARG A 69 -10.08 4.25 -1.98
C ARG A 69 -10.39 5.24 -3.09
N SER A 70 -11.52 5.92 -2.98
CA SER A 70 -11.93 6.89 -3.98
C SER A 70 -11.01 8.10 -3.98
N LEU A 71 -10.78 8.66 -2.80
CA LEU A 71 -9.90 9.82 -2.65
C LEU A 71 -8.53 9.55 -3.26
N TYR A 72 -7.96 8.40 -2.94
CA TYR A 72 -6.65 8.02 -3.45
C TYR A 72 -6.68 7.88 -4.97
N ASP A 73 -7.81 7.41 -5.49
CA ASP A 73 -7.98 7.23 -6.93
C ASP A 73 -8.08 8.59 -7.63
N ARG A 74 -9.03 9.40 -7.20
CA ARG A 74 -9.23 10.72 -7.79
C ARG A 74 -7.98 11.58 -7.64
N ALA A 75 -7.35 11.50 -6.47
CA ALA A 75 -6.14 12.27 -6.20
C ALA A 75 -5.04 11.94 -7.20
N GLY A 76 -4.62 10.68 -7.22
CA GLY A 76 -3.57 10.26 -8.14
C GLY A 76 -2.24 10.90 -7.82
N CYS A 77 -1.36 10.94 -8.82
CA CYS A 77 -0.03 11.53 -8.64
C CYS A 77 0.23 12.62 -9.68
N ASP A 78 1.02 13.61 -9.30
CA ASP A 78 1.34 14.71 -10.21
C ASP A 78 2.82 15.07 -10.11
N SER A 79 3.55 14.90 -11.21
CA SER A 79 4.97 15.21 -11.25
C SER A 79 5.22 16.68 -10.97
N TRP A 80 6.35 16.97 -10.34
CA TRP A 80 6.71 18.35 -10.01
C TRP A 80 8.22 18.51 -9.89
N ARG A 81 8.81 19.20 -10.86
CA ARG A 81 10.26 19.42 -10.86
C ARG A 81 10.63 20.57 -9.92
N ALA A 82 10.03 21.73 -10.15
CA ALA A 82 10.30 22.90 -9.34
C ALA A 82 9.59 22.81 -7.99
N GLY A 83 8.28 22.55 -8.04
CA GLY A 83 7.51 22.44 -6.81
C GLY A 83 7.68 21.09 -6.14
N GLY A 84 6.66 20.67 -5.40
CA GLY A 84 6.72 19.40 -4.70
C GLY A 84 5.36 18.72 -4.61
N GLY A 85 5.15 17.98 -3.53
CA GLY A 85 3.88 17.29 -3.35
C GLY A 85 3.42 17.31 -1.90
N ALA A 86 3.13 16.13 -1.36
CA ALA A 86 2.68 16.01 0.01
C ALA A 86 3.20 14.72 0.66
N SER A 87 3.56 14.82 1.93
CA SER A 87 4.08 13.66 2.66
C SER A 87 3.04 13.13 3.64
N GLY A 88 3.15 11.83 3.96
CA GLY A 88 2.21 11.22 4.88
C GLY A 88 2.77 11.10 6.28
N PRO A 89 2.37 10.04 7.00
CA PRO A 89 2.82 9.79 8.36
C PRO A 89 4.29 9.39 8.42
N SER A 90 4.82 9.24 9.63
CA SER A 90 6.21 8.86 9.83
C SER A 90 6.34 7.78 10.89
N SER A 91 7.32 6.90 10.71
CA SER A 91 7.56 5.81 11.65
C SER A 91 8.86 6.02 12.41
N GLY A 92 8.73 6.38 13.69
CA GLY A 92 9.91 6.61 14.52
C GLY A 92 9.55 7.14 15.89
N GLY A 1 -3.38 4.56 -20.34
CA GLY A 1 -2.24 5.28 -20.88
C GLY A 1 -1.66 6.28 -19.89
N SER A 2 -2.55 6.97 -19.16
CA SER A 2 -2.13 7.95 -18.18
C SER A 2 -2.60 7.56 -16.78
N SER A 3 -1.80 7.92 -15.78
CA SER A 3 -2.13 7.61 -14.39
C SER A 3 -1.34 8.50 -13.44
N GLY A 4 -1.82 8.58 -12.19
CA GLY A 4 -1.16 9.40 -11.19
C GLY A 4 -0.28 8.59 -10.26
N SER A 5 0.58 9.26 -9.51
CA SER A 5 1.48 8.60 -8.58
C SER A 5 1.40 9.25 -7.20
N SER A 6 1.00 8.46 -6.21
CA SER A 6 0.87 8.95 -4.84
C SER A 6 1.81 8.19 -3.90
N GLY A 7 2.62 8.94 -3.16
CA GLY A 7 3.55 8.32 -2.25
C GLY A 7 4.58 7.46 -2.94
N MET A 8 5.55 6.94 -2.18
CA MET A 8 6.60 6.11 -2.74
C MET A 8 6.12 4.65 -2.86
N ALA A 9 4.81 4.46 -2.82
CA ALA A 9 4.23 3.13 -2.93
C ALA A 9 2.78 3.20 -3.41
N ASN A 10 2.39 2.23 -4.22
CA ASN A 10 1.03 2.18 -4.74
C ASN A 10 0.20 1.12 -4.01
N TYR A 11 -0.69 1.60 -3.14
CA TYR A 11 -1.55 0.70 -2.36
C TYR A 11 -1.97 -0.51 -3.20
N TYR A 12 -2.48 -0.24 -4.40
CA TYR A 12 -2.92 -1.30 -5.30
C TYR A 12 -1.80 -2.30 -5.55
N GLU A 13 -0.62 -1.78 -5.87
CA GLU A 13 0.54 -2.63 -6.14
C GLU A 13 0.94 -3.41 -4.89
N VAL A 14 1.10 -2.69 -3.78
CA VAL A 14 1.49 -3.32 -2.52
C VAL A 14 0.71 -4.59 -2.27
N LEU A 15 -0.62 -4.49 -2.39
CA LEU A 15 -1.48 -5.65 -2.17
C LEU A 15 -1.45 -6.58 -3.38
N GLY A 16 -1.47 -6.00 -4.58
CA GLY A 16 -1.44 -6.80 -5.79
C GLY A 16 -2.83 -7.03 -6.36
N VAL A 17 -3.62 -5.97 -6.45
CA VAL A 17 -4.97 -6.06 -6.98
C VAL A 17 -5.22 -4.98 -8.03
N GLN A 18 -6.40 -5.02 -8.63
CA GLN A 18 -6.77 -4.04 -9.64
C GLN A 18 -7.57 -2.88 -9.03
N ALA A 19 -7.74 -1.82 -9.80
CA ALA A 19 -8.49 -0.65 -9.33
C ALA A 19 -9.98 -0.95 -9.23
N SER A 20 -10.46 -1.85 -10.10
CA SER A 20 -11.87 -2.22 -10.10
C SER A 20 -12.07 -3.58 -9.44
N ALA A 21 -11.08 -4.01 -8.67
CA ALA A 21 -11.15 -5.29 -7.97
C ALA A 21 -12.23 -5.27 -6.90
N SER A 22 -12.72 -6.46 -6.54
CA SER A 22 -13.76 -6.58 -5.53
C SER A 22 -13.20 -6.31 -4.14
N PRO A 23 -14.07 -5.87 -3.22
CA PRO A 23 -13.69 -5.58 -1.83
C PRO A 23 -13.34 -6.84 -1.05
N GLU A 24 -13.70 -7.99 -1.60
CA GLU A 24 -13.43 -9.27 -0.94
C GLU A 24 -12.10 -9.85 -1.41
N ASP A 25 -11.69 -9.47 -2.61
CA ASP A 25 -10.43 -9.94 -3.18
C ASP A 25 -9.24 -9.20 -2.58
N ILE A 26 -9.47 -7.96 -2.16
CA ILE A 26 -8.42 -7.15 -1.57
C ILE A 26 -8.17 -7.56 -0.13
N LYS A 27 -9.24 -7.89 0.58
CA LYS A 27 -9.13 -8.30 1.98
C LYS A 27 -8.48 -9.69 2.09
N LYS A 28 -8.98 -10.63 1.29
CA LYS A 28 -8.45 -11.98 1.31
C LYS A 28 -6.96 -11.99 1.01
N ALA A 29 -6.50 -11.00 0.25
CA ALA A 29 -5.09 -10.89 -0.11
C ALA A 29 -4.26 -10.43 1.08
N TYR A 30 -4.77 -9.45 1.82
CA TYR A 30 -4.08 -8.92 2.98
C TYR A 30 -3.76 -10.03 3.97
N ARG A 31 -4.76 -10.84 4.29
CA ARG A 31 -4.59 -11.94 5.23
C ARG A 31 -3.34 -12.76 4.89
N LYS A 32 -3.34 -13.35 3.70
CA LYS A 32 -2.21 -14.15 3.25
C LYS A 32 -0.93 -13.32 3.22
N LEU A 33 -1.00 -12.15 2.58
CA LEU A 33 0.15 -11.27 2.47
C LEU A 33 0.83 -11.08 3.83
N ALA A 34 0.07 -10.52 4.78
CA ALA A 34 0.60 -10.29 6.12
C ALA A 34 1.54 -11.41 6.54
N LEU A 35 1.10 -12.65 6.37
CA LEU A 35 1.90 -13.82 6.73
C LEU A 35 3.10 -13.97 5.79
N ARG A 36 2.89 -13.66 4.51
CA ARG A 36 3.94 -13.75 3.52
C ARG A 36 5.08 -12.81 3.85
N TRP A 37 4.75 -11.53 4.05
CA TRP A 37 5.76 -10.52 4.36
C TRP A 37 6.06 -10.50 5.86
N HIS A 38 5.62 -11.56 6.56
CA HIS A 38 5.85 -11.67 7.99
C HIS A 38 7.35 -11.72 8.30
N PRO A 39 7.75 -11.00 9.37
CA PRO A 39 9.16 -10.95 9.79
C PRO A 39 9.64 -12.27 10.37
N ASP A 40 8.78 -12.91 11.16
CA ASP A 40 9.12 -14.18 11.79
C ASP A 40 9.36 -15.26 10.73
N LYS A 41 8.64 -15.16 9.62
CA LYS A 41 8.77 -16.11 8.53
C LYS A 41 10.05 -15.87 7.75
N ASN A 42 10.58 -14.65 7.85
CA ASN A 42 11.81 -14.30 7.15
C ASN A 42 12.96 -14.10 8.13
N PRO A 43 13.84 -15.11 8.23
CA PRO A 43 15.00 -15.07 9.13
C PRO A 43 16.05 -14.07 8.67
N ASP A 44 16.45 -14.16 7.40
CA ASP A 44 17.45 -13.25 6.85
C ASP A 44 17.17 -11.82 7.25
N ASN A 45 15.99 -11.32 6.86
CA ASN A 45 15.61 -9.95 7.19
C ASN A 45 14.23 -9.92 7.86
N LYS A 46 14.22 -9.60 9.14
CA LYS A 46 12.98 -9.53 9.90
C LYS A 46 12.42 -8.12 9.91
N GLU A 47 13.28 -7.14 10.20
CA GLU A 47 12.87 -5.74 10.25
C GLU A 47 12.33 -5.30 8.89
N GLU A 48 13.10 -5.56 7.84
CA GLU A 48 12.70 -5.19 6.49
C GLU A 48 11.29 -5.66 6.19
N ALA A 49 11.05 -6.95 6.43
CA ALA A 49 9.73 -7.53 6.18
C ALA A 49 8.66 -6.86 7.03
N GLU A 50 8.97 -6.64 8.30
CA GLU A 50 8.03 -6.00 9.22
C GLU A 50 7.45 -4.73 8.59
N LYS A 51 8.31 -3.92 8.00
CA LYS A 51 7.89 -2.68 7.37
C LYS A 51 6.73 -2.92 6.41
N LYS A 52 6.94 -3.80 5.43
CA LYS A 52 5.91 -4.13 4.45
C LYS A 52 4.61 -4.52 5.14
N PHE A 53 4.73 -5.23 6.26
CA PHE A 53 3.56 -5.67 7.01
C PHE A 53 2.61 -4.50 7.27
N LYS A 54 3.18 -3.34 7.59
CA LYS A 54 2.40 -2.15 7.86
C LYS A 54 1.71 -1.64 6.59
N LEU A 55 2.38 -1.81 5.46
CA LEU A 55 1.84 -1.37 4.18
C LEU A 55 0.62 -2.20 3.80
N VAL A 56 0.78 -3.52 3.81
CA VAL A 56 -0.32 -4.43 3.46
C VAL A 56 -1.51 -4.22 4.38
N SER A 57 -1.25 -3.75 5.60
CA SER A 57 -2.31 -3.50 6.56
C SER A 57 -2.97 -2.15 6.31
N GLU A 58 -2.15 -1.12 6.14
CA GLU A 58 -2.65 0.22 5.90
C GLU A 58 -3.43 0.29 4.58
N ALA A 59 -2.76 -0.06 3.50
CA ALA A 59 -3.38 -0.05 2.18
C ALA A 59 -4.68 -0.84 2.18
N TYR A 60 -4.64 -2.04 2.76
CA TYR A 60 -5.81 -2.90 2.84
C TYR A 60 -7.05 -2.10 3.23
N GLU A 61 -6.89 -1.21 4.20
CA GLU A 61 -8.00 -0.38 4.67
C GLU A 61 -8.25 0.78 3.71
N VAL A 62 -7.18 1.43 3.28
CA VAL A 62 -7.29 2.55 2.35
C VAL A 62 -8.17 2.21 1.17
N LEU A 63 -8.10 0.96 0.72
CA LEU A 63 -8.90 0.50 -0.42
C LEU A 63 -10.25 -0.03 0.05
N SER A 64 -10.23 -0.84 1.11
CA SER A 64 -11.46 -1.41 1.65
C SER A 64 -12.55 -0.35 1.76
N ASP A 65 -12.19 0.82 2.27
CA ASP A 65 -13.13 1.92 2.43
C ASP A 65 -13.53 2.49 1.07
N SER A 66 -14.65 3.22 1.05
CA SER A 66 -15.14 3.81 -0.19
C SER A 66 -14.60 5.22 -0.37
N LYS A 67 -14.60 5.99 0.72
CA LYS A 67 -14.10 7.36 0.68
C LYS A 67 -12.59 7.39 0.46
N LYS A 68 -11.87 6.63 1.26
CA LYS A 68 -10.42 6.57 1.15
C LYS A 68 -10.00 6.01 -0.22
N ARG A 69 -10.67 4.96 -0.66
CA ARG A 69 -10.38 4.34 -1.94
C ARG A 69 -10.49 5.36 -3.08
N SER A 70 -11.67 5.96 -3.19
CA SER A 70 -11.92 6.95 -4.24
C SER A 70 -10.94 8.12 -4.11
N LEU A 71 -10.79 8.64 -2.91
CA LEU A 71 -9.88 9.76 -2.66
C LEU A 71 -8.48 9.43 -3.14
N TYR A 72 -7.95 8.29 -2.69
CA TYR A 72 -6.61 7.86 -3.07
C TYR A 72 -6.36 8.12 -4.55
N ASP A 73 -7.30 7.68 -5.39
CA ASP A 73 -7.18 7.86 -6.83
C ASP A 73 -7.20 9.34 -7.20
N ARG A 74 -8.21 10.05 -6.72
CA ARG A 74 -8.35 11.48 -7.00
C ARG A 74 -7.03 12.20 -6.74
N ALA A 75 -6.50 12.02 -5.53
CA ALA A 75 -5.25 12.67 -5.15
C ALA A 75 -4.25 12.66 -6.31
N GLY A 76 -3.97 11.48 -6.85
CA GLY A 76 -3.04 11.37 -7.96
C GLY A 76 -3.51 12.11 -9.19
N CYS A 77 -2.60 12.86 -9.81
CA CYS A 77 -2.94 13.62 -11.02
C CYS A 77 -1.68 13.93 -11.82
N ASP A 78 -1.88 14.49 -13.01
CA ASP A 78 -0.76 14.84 -13.88
C ASP A 78 -1.15 15.96 -14.85
N SER A 79 -0.18 16.79 -15.21
CA SER A 79 -0.43 17.91 -16.12
C SER A 79 -0.16 17.49 -17.55
N TRP A 80 -0.80 18.18 -18.49
CA TRP A 80 -0.64 17.89 -19.91
C TRP A 80 0.74 18.30 -20.39
N ARG A 81 1.08 19.57 -20.19
CA ARG A 81 2.39 20.08 -20.61
C ARG A 81 3.49 19.10 -20.27
N ALA A 82 3.47 18.58 -19.05
CA ALA A 82 4.47 17.62 -18.60
C ALA A 82 4.14 16.21 -19.07
N GLY A 83 5.16 15.48 -19.52
CA GLY A 83 4.95 14.12 -20.00
C GLY A 83 5.63 13.86 -21.33
N GLY A 84 6.95 13.74 -21.29
CA GLY A 84 7.69 13.49 -22.52
C GLY A 84 9.19 13.41 -22.27
N GLY A 85 9.60 12.51 -21.39
CA GLY A 85 11.00 12.35 -21.08
C GLY A 85 11.44 10.89 -21.08
N ALA A 86 12.03 10.45 -19.98
CA ALA A 86 12.49 9.08 -19.86
C ALA A 86 11.35 8.09 -20.07
N SER A 87 10.21 8.36 -19.44
CA SER A 87 9.04 7.51 -19.56
C SER A 87 7.93 8.20 -20.36
N GLY A 88 7.06 7.40 -20.95
CA GLY A 88 5.96 7.95 -21.73
C GLY A 88 5.91 7.38 -23.14
N PRO A 89 5.13 8.04 -24.02
CA PRO A 89 4.99 7.60 -25.41
C PRO A 89 6.26 7.83 -26.22
N SER A 90 7.30 8.31 -25.56
CA SER A 90 8.58 8.58 -26.22
C SER A 90 9.14 7.30 -26.83
N SER A 91 9.21 6.25 -26.02
CA SER A 91 9.74 4.96 -26.47
C SER A 91 8.61 3.99 -26.79
N GLY A 92 8.97 2.84 -27.34
CA GLY A 92 7.97 1.84 -27.69
C GLY A 92 8.24 1.19 -29.03
N GLY A 1 4.44 -2.87 -15.43
CA GLY A 1 4.19 -1.44 -15.50
C GLY A 1 5.29 -0.63 -14.85
N SER A 2 5.34 -0.65 -13.52
CA SER A 2 6.36 0.09 -12.78
C SER A 2 7.76 -0.32 -13.22
N SER A 3 8.76 0.42 -12.75
CA SER A 3 10.14 0.15 -13.10
C SER A 3 11.08 0.59 -11.97
N GLY A 4 12.05 -0.27 -11.66
CA GLY A 4 12.99 0.04 -10.60
C GLY A 4 12.33 0.68 -9.40
N SER A 5 12.79 1.87 -9.04
CA SER A 5 12.24 2.58 -7.88
C SER A 5 11.61 3.90 -8.32
N SER A 6 10.52 4.27 -7.65
CA SER A 6 9.82 5.52 -7.97
C SER A 6 9.52 6.31 -6.71
N GLY A 7 9.19 7.59 -6.88
CA GLY A 7 8.88 8.44 -5.75
C GLY A 7 7.84 7.84 -4.83
N MET A 8 6.58 8.18 -5.06
CA MET A 8 5.49 7.66 -4.25
C MET A 8 5.24 6.19 -4.54
N ALA A 9 4.62 5.49 -3.60
CA ALA A 9 4.32 4.08 -3.75
C ALA A 9 2.82 3.83 -3.86
N ASN A 10 2.41 3.23 -4.97
CA ASN A 10 0.99 2.94 -5.20
C ASN A 10 0.51 1.81 -4.28
N TYR A 11 -0.60 2.04 -3.61
CA TYR A 11 -1.17 1.05 -2.70
C TYR A 11 -1.53 -0.23 -3.46
N TYR A 12 -2.41 -0.10 -4.45
CA TYR A 12 -2.85 -1.24 -5.24
C TYR A 12 -1.68 -2.16 -5.56
N GLU A 13 -0.53 -1.57 -5.84
CA GLU A 13 0.68 -2.33 -6.17
C GLU A 13 1.16 -3.11 -4.95
N VAL A 14 1.36 -2.41 -3.84
CA VAL A 14 1.83 -3.03 -2.60
C VAL A 14 1.08 -4.33 -2.34
N LEU A 15 -0.24 -4.30 -2.47
CA LEU A 15 -1.06 -5.48 -2.25
C LEU A 15 -0.99 -6.43 -3.44
N GLY A 16 -1.03 -5.87 -4.64
CA GLY A 16 -0.97 -6.68 -5.84
C GLY A 16 -2.34 -6.89 -6.47
N VAL A 17 -3.15 -5.83 -6.51
CA VAL A 17 -4.48 -5.91 -7.08
C VAL A 17 -4.83 -4.64 -7.83
N GLN A 18 -5.88 -4.70 -8.65
CA GLN A 18 -6.32 -3.55 -9.43
C GLN A 18 -7.68 -3.05 -8.93
N ALA A 19 -7.97 -1.78 -9.20
CA ALA A 19 -9.23 -1.19 -8.79
C ALA A 19 -10.41 -2.08 -9.17
N SER A 20 -10.39 -2.60 -10.39
CA SER A 20 -11.46 -3.46 -10.87
C SER A 20 -11.69 -4.63 -9.91
N ALA A 21 -10.64 -4.99 -9.17
CA ALA A 21 -10.73 -6.09 -8.22
C ALA A 21 -11.88 -5.87 -7.23
N SER A 22 -12.52 -6.97 -6.84
CA SER A 22 -13.64 -6.90 -5.90
C SER A 22 -13.15 -6.59 -4.49
N PRO A 23 -14.08 -6.14 -3.64
CA PRO A 23 -13.77 -5.80 -2.24
C PRO A 23 -13.46 -7.03 -1.40
N GLU A 24 -13.64 -8.20 -1.98
CA GLU A 24 -13.38 -9.46 -1.28
C GLU A 24 -11.98 -9.97 -1.60
N ASP A 25 -11.57 -9.84 -2.86
CA ASP A 25 -10.25 -10.29 -3.29
C ASP A 25 -9.16 -9.54 -2.53
N ILE A 26 -9.33 -8.24 -2.38
CA ILE A 26 -8.35 -7.42 -1.67
C ILE A 26 -8.23 -7.84 -0.21
N LYS A 27 -9.37 -8.12 0.41
CA LYS A 27 -9.41 -8.54 1.81
C LYS A 27 -8.60 -9.82 2.01
N LYS A 28 -8.90 -10.84 1.21
CA LYS A 28 -8.21 -12.11 1.30
C LYS A 28 -6.72 -11.94 1.01
N ALA A 29 -6.40 -11.16 -0.01
CA ALA A 29 -5.01 -10.92 -0.39
C ALA A 29 -4.21 -10.39 0.80
N TYR A 30 -4.79 -9.47 1.55
CA TYR A 30 -4.13 -8.89 2.71
C TYR A 30 -3.87 -9.96 3.77
N ARG A 31 -4.94 -10.55 4.27
CA ARG A 31 -4.83 -11.59 5.29
C ARG A 31 -3.59 -12.46 5.06
N LYS A 32 -3.41 -12.90 3.82
CA LYS A 32 -2.27 -13.73 3.46
C LYS A 32 -0.99 -12.91 3.44
N LEU A 33 -1.01 -11.80 2.71
CA LEU A 33 0.16 -10.93 2.60
C LEU A 33 0.79 -10.71 3.97
N ALA A 34 -0.01 -10.27 4.93
CA ALA A 34 0.48 -10.03 6.28
C ALA A 34 1.40 -11.14 6.75
N LEU A 35 0.97 -12.38 6.56
CA LEU A 35 1.76 -13.54 6.96
C LEU A 35 2.94 -13.75 6.01
N ARG A 36 2.70 -13.51 4.72
CA ARG A 36 3.73 -13.67 3.71
C ARG A 36 4.94 -12.77 4.01
N TRP A 37 4.68 -11.48 4.15
CA TRP A 37 5.73 -10.52 4.44
C TRP A 37 6.02 -10.47 5.94
N HIS A 38 5.58 -11.48 6.66
CA HIS A 38 5.78 -11.55 8.10
C HIS A 38 7.27 -11.70 8.43
N PRO A 39 7.72 -10.99 9.48
CA PRO A 39 9.11 -11.03 9.91
C PRO A 39 9.49 -12.38 10.54
N ASP A 40 8.61 -12.90 11.37
CA ASP A 40 8.84 -14.17 12.03
C ASP A 40 9.02 -15.29 11.02
N LYS A 41 8.24 -15.23 9.94
CA LYS A 41 8.32 -16.24 8.88
C LYS A 41 9.60 -16.09 8.08
N ASN A 42 10.18 -14.90 8.13
CA ASN A 42 11.42 -14.62 7.40
C ASN A 42 12.60 -14.47 8.35
N PRO A 43 13.42 -15.53 8.45
CA PRO A 43 14.59 -15.55 9.33
C PRO A 43 15.70 -14.63 8.84
N ASP A 44 16.06 -14.75 7.56
CA ASP A 44 17.10 -13.92 6.97
C ASP A 44 16.84 -12.45 7.24
N ASN A 45 15.68 -11.96 6.80
CA ASN A 45 15.31 -10.57 6.98
C ASN A 45 14.06 -10.45 7.85
N LYS A 46 14.23 -9.97 9.08
CA LYS A 46 13.11 -9.80 10.00
C LYS A 46 12.53 -8.40 9.91
N GLU A 47 13.36 -7.40 10.22
CA GLU A 47 12.93 -6.01 10.17
C GLU A 47 12.33 -5.68 8.81
N GLU A 48 13.14 -5.80 7.76
CA GLU A 48 12.70 -5.51 6.41
C GLU A 48 11.26 -5.97 6.20
N ALA A 49 11.02 -7.25 6.41
CA ALA A 49 9.69 -7.82 6.26
C ALA A 49 8.65 -7.04 7.05
N GLU A 50 9.01 -6.70 8.30
CA GLU A 50 8.10 -5.95 9.16
C GLU A 50 7.49 -4.77 8.42
N LYS A 51 8.36 -3.89 7.91
CA LYS A 51 7.90 -2.71 7.18
C LYS A 51 6.74 -3.05 6.25
N LYS A 52 6.97 -4.02 5.37
CA LYS A 52 5.95 -4.45 4.43
C LYS A 52 4.63 -4.75 5.14
N PHE A 53 4.73 -5.43 6.27
CA PHE A 53 3.54 -5.78 7.05
C PHE A 53 2.72 -4.53 7.37
N LYS A 54 3.41 -3.43 7.63
CA LYS A 54 2.75 -2.17 7.95
C LYS A 54 2.10 -1.57 6.72
N LEU A 55 2.75 -1.73 5.57
CA LEU A 55 2.24 -1.20 4.31
C LEU A 55 0.97 -1.95 3.88
N VAL A 56 1.06 -3.27 3.88
CA VAL A 56 -0.08 -4.11 3.49
C VAL A 56 -1.29 -3.83 4.38
N SER A 57 -1.03 -3.65 5.69
CA SER A 57 -2.10 -3.40 6.64
C SER A 57 -2.73 -2.04 6.40
N GLU A 58 -1.88 -1.02 6.20
CA GLU A 58 -2.36 0.33 5.96
C GLU A 58 -3.11 0.41 4.64
N ALA A 59 -2.47 -0.03 3.57
CA ALA A 59 -3.08 -0.01 2.24
C ALA A 59 -4.40 -0.78 2.24
N TYR A 60 -4.39 -1.97 2.81
CA TYR A 60 -5.58 -2.80 2.88
C TYR A 60 -6.81 -1.97 3.21
N GLU A 61 -6.68 -1.09 4.20
CA GLU A 61 -7.78 -0.23 4.61
C GLU A 61 -8.01 0.90 3.60
N VAL A 62 -6.93 1.57 3.23
CA VAL A 62 -6.99 2.66 2.27
C VAL A 62 -7.93 2.33 1.12
N LEU A 63 -7.85 1.09 0.64
CA LEU A 63 -8.68 0.64 -0.46
C LEU A 63 -10.01 0.08 0.05
N SER A 64 -9.93 -0.77 1.07
CA SER A 64 -11.12 -1.38 1.65
C SER A 64 -12.20 -0.33 1.88
N ASP A 65 -11.81 0.78 2.49
CA ASP A 65 -12.75 1.87 2.78
C ASP A 65 -13.25 2.51 1.49
N SER A 66 -14.40 3.17 1.58
CA SER A 66 -14.99 3.82 0.42
C SER A 66 -14.46 5.25 0.26
N LYS A 67 -14.32 5.93 1.39
CA LYS A 67 -13.83 7.31 1.39
C LYS A 67 -12.33 7.35 1.09
N LYS A 68 -11.57 6.51 1.78
CA LYS A 68 -10.13 6.45 1.58
C LYS A 68 -9.78 6.05 0.15
N ARG A 69 -10.42 4.99 -0.33
CA ARG A 69 -10.19 4.51 -1.69
C ARG A 69 -10.55 5.58 -2.72
N SER A 70 -11.81 6.02 -2.68
CA SER A 70 -12.29 7.03 -3.61
C SER A 70 -11.35 8.24 -3.63
N LEU A 71 -11.07 8.77 -2.45
CA LEU A 71 -10.19 9.93 -2.33
C LEU A 71 -8.87 9.70 -3.08
N TYR A 72 -8.21 8.60 -2.75
CA TYR A 72 -6.94 8.25 -3.39
C TYR A 72 -7.01 8.47 -4.90
N ASP A 73 -8.12 8.03 -5.49
CA ASP A 73 -8.31 8.18 -6.94
C ASP A 73 -8.58 9.63 -7.30
N ARG A 74 -9.42 10.30 -6.53
CA ARG A 74 -9.76 11.69 -6.77
C ARG A 74 -8.51 12.51 -7.10
N ALA A 75 -7.48 12.34 -6.28
CA ALA A 75 -6.22 13.06 -6.49
C ALA A 75 -5.50 12.54 -7.73
N GLY A 76 -5.13 11.27 -7.71
CA GLY A 76 -4.43 10.67 -8.83
C GLY A 76 -3.47 11.65 -9.50
N CYS A 77 -3.21 11.43 -10.78
CA CYS A 77 -2.31 12.29 -11.53
C CYS A 77 -0.97 12.42 -10.83
N ASP A 78 -0.50 11.31 -10.25
CA ASP A 78 0.77 11.30 -9.54
C ASP A 78 0.74 12.25 -8.35
N SER A 79 -0.37 12.24 -7.62
CA SER A 79 -0.53 13.11 -6.45
C SER A 79 0.48 12.76 -5.37
N TRP A 80 1.32 13.72 -5.03
CA TRP A 80 2.34 13.52 -4.00
C TRP A 80 1.72 12.98 -2.72
N ARG A 81 0.69 13.66 -2.24
CA ARG A 81 0.00 13.25 -1.01
C ARG A 81 -1.48 13.58 -1.09
N ALA A 82 -2.32 12.55 -1.14
CA ALA A 82 -3.76 12.73 -1.22
C ALA A 82 -4.40 12.51 0.15
N GLY A 83 -5.57 13.13 0.35
CA GLY A 83 -6.26 12.99 1.61
C GLY A 83 -5.98 14.14 2.56
N GLY A 84 -6.78 14.25 3.62
CA GLY A 84 -6.60 15.31 4.58
C GLY A 84 -7.40 15.08 5.85
N GLY A 85 -7.94 16.16 6.41
CA GLY A 85 -8.71 16.04 7.64
C GLY A 85 -8.02 15.20 8.69
N ALA A 86 -8.49 13.96 8.86
CA ALA A 86 -7.91 13.05 9.83
C ALA A 86 -8.17 11.60 9.45
N SER A 87 -7.12 10.78 9.51
CA SER A 87 -7.23 9.37 9.17
C SER A 87 -8.48 8.76 9.78
N GLY A 88 -8.54 8.77 11.12
CA GLY A 88 -9.68 8.20 11.82
C GLY A 88 -10.99 8.80 11.36
N PRO A 89 -11.89 7.96 10.82
CA PRO A 89 -13.20 8.40 10.34
C PRO A 89 -14.13 8.82 11.47
N SER A 90 -14.99 9.79 11.20
CA SER A 90 -15.93 10.29 12.19
C SER A 90 -16.41 9.16 13.10
N SER A 91 -17.03 8.16 12.49
CA SER A 91 -17.54 7.02 13.24
C SER A 91 -16.44 5.98 13.46
N GLY A 92 -16.33 5.49 14.70
CA GLY A 92 -15.33 4.50 15.02
C GLY A 92 -15.70 3.68 16.23
N GLY A 1 18.51 -3.88 -5.02
CA GLY A 1 18.12 -3.44 -6.34
C GLY A 1 16.78 -2.72 -6.34
N SER A 2 16.83 -1.41 -6.13
CA SER A 2 15.61 -0.60 -6.10
C SER A 2 15.34 0.03 -7.45
N SER A 3 14.14 -0.19 -7.98
CA SER A 3 13.76 0.35 -9.28
C SER A 3 12.87 1.58 -9.11
N GLY A 4 12.83 2.42 -10.14
CA GLY A 4 12.02 3.62 -10.08
C GLY A 4 12.37 4.51 -8.91
N SER A 5 11.60 5.57 -8.72
CA SER A 5 11.83 6.51 -7.62
C SER A 5 11.40 5.89 -6.29
N SER A 6 12.08 6.28 -5.22
CA SER A 6 11.77 5.77 -3.89
C SER A 6 11.22 6.87 -3.00
N GLY A 7 9.98 6.69 -2.54
CA GLY A 7 9.35 7.68 -1.69
C GLY A 7 7.91 7.34 -1.37
N MET A 8 7.15 6.96 -2.40
CA MET A 8 5.75 6.61 -2.22
C MET A 8 5.53 5.12 -2.42
N ALA A 9 4.30 4.67 -2.21
CA ALA A 9 3.96 3.26 -2.37
C ALA A 9 2.50 3.09 -2.74
N ASN A 10 2.24 2.75 -4.01
CA ASN A 10 0.88 2.56 -4.50
C ASN A 10 0.17 1.46 -3.70
N TYR A 11 -0.88 1.85 -2.98
CA TYR A 11 -1.63 0.89 -2.18
C TYR A 11 -1.94 -0.37 -2.97
N TYR A 12 -2.63 -0.21 -4.09
CA TYR A 12 -2.99 -1.34 -4.95
C TYR A 12 -1.78 -2.25 -5.18
N GLU A 13 -0.64 -1.62 -5.46
CA GLU A 13 0.59 -2.38 -5.71
C GLU A 13 0.98 -3.20 -4.48
N VAL A 14 1.07 -2.53 -3.34
CA VAL A 14 1.44 -3.20 -2.09
C VAL A 14 0.66 -4.50 -1.91
N LEU A 15 -0.63 -4.45 -2.21
CA LEU A 15 -1.48 -5.63 -2.08
C LEU A 15 -1.34 -6.54 -3.30
N GLY A 16 -1.14 -5.93 -4.47
CA GLY A 16 -0.98 -6.70 -5.69
C GLY A 16 -2.31 -6.95 -6.39
N VAL A 17 -3.18 -5.94 -6.37
CA VAL A 17 -4.48 -6.06 -7.01
C VAL A 17 -4.80 -4.83 -7.84
N GLN A 18 -5.90 -4.89 -8.58
CA GLN A 18 -6.31 -3.77 -9.43
C GLN A 18 -7.59 -3.12 -8.89
N ALA A 19 -7.77 -1.84 -9.19
CA ALA A 19 -8.95 -1.11 -8.73
C ALA A 19 -10.23 -1.86 -9.09
N SER A 20 -10.31 -2.34 -10.32
CA SER A 20 -11.48 -3.05 -10.79
C SER A 20 -11.72 -4.31 -9.94
N ALA A 21 -10.72 -4.67 -9.15
CA ALA A 21 -10.82 -5.85 -8.28
C ALA A 21 -11.99 -5.72 -7.32
N SER A 22 -12.49 -6.86 -6.85
CA SER A 22 -13.61 -6.87 -5.92
C SER A 22 -13.16 -6.47 -4.52
N PRO A 23 -14.11 -5.99 -3.71
CA PRO A 23 -13.83 -5.56 -2.33
C PRO A 23 -13.53 -6.74 -1.41
N GLU A 24 -13.77 -7.95 -1.92
CA GLU A 24 -13.53 -9.16 -1.14
C GLU A 24 -12.14 -9.73 -1.44
N ASP A 25 -11.71 -9.57 -2.68
CA ASP A 25 -10.40 -10.07 -3.11
C ASP A 25 -9.28 -9.26 -2.46
N ILE A 26 -9.53 -7.98 -2.22
CA ILE A 26 -8.55 -7.12 -1.60
C ILE A 26 -8.33 -7.48 -0.13
N LYS A 27 -9.42 -7.84 0.54
CA LYS A 27 -9.36 -8.21 1.95
C LYS A 27 -8.62 -9.53 2.13
N LYS A 28 -9.07 -10.56 1.41
CA LYS A 28 -8.45 -11.88 1.49
C LYS A 28 -6.96 -11.80 1.14
N ALA A 29 -6.63 -10.98 0.15
CA ALA A 29 -5.24 -10.82 -0.27
C ALA A 29 -4.36 -10.39 0.89
N TYR A 30 -4.79 -9.36 1.60
CA TYR A 30 -4.03 -8.84 2.74
C TYR A 30 -3.74 -9.96 3.75
N ARG A 31 -4.79 -10.55 4.30
CA ARG A 31 -4.65 -11.62 5.27
C ARG A 31 -3.48 -12.53 4.91
N LYS A 32 -3.50 -13.05 3.69
CA LYS A 32 -2.44 -13.94 3.22
C LYS A 32 -1.11 -13.19 3.13
N LEU A 33 -1.14 -11.99 2.56
CA LEU A 33 0.06 -11.18 2.43
C LEU A 33 0.76 -11.00 3.77
N ALA A 34 0.05 -10.39 4.73
CA ALA A 34 0.60 -10.16 6.05
C ALA A 34 1.49 -11.33 6.48
N LEU A 35 1.03 -12.54 6.22
CA LEU A 35 1.79 -13.74 6.58
C LEU A 35 3.02 -13.90 5.70
N ARG A 36 2.85 -13.61 4.41
CA ARG A 36 3.97 -13.71 3.46
C ARG A 36 5.08 -12.72 3.81
N TRP A 37 4.72 -11.46 3.91
CA TRP A 37 5.68 -10.41 4.24
C TRP A 37 5.95 -10.37 5.74
N HIS A 38 5.53 -11.42 6.45
CA HIS A 38 5.73 -11.49 7.88
C HIS A 38 7.21 -11.58 8.23
N PRO A 39 7.62 -10.84 9.28
CA PRO A 39 9.01 -10.80 9.73
C PRO A 39 9.45 -12.11 10.36
N ASP A 40 8.55 -12.74 11.11
CA ASP A 40 8.83 -14.00 11.78
C ASP A 40 9.02 -15.12 10.76
N LYS A 41 8.23 -15.06 9.68
CA LYS A 41 8.31 -16.07 8.63
C LYS A 41 9.58 -15.91 7.80
N ASN A 42 10.17 -14.72 7.87
CA ASN A 42 11.40 -14.43 7.12
C ASN A 42 12.58 -14.32 8.08
N PRO A 43 13.40 -15.38 8.13
CA PRO A 43 14.58 -15.42 9.00
C PRO A 43 15.69 -14.49 8.51
N ASP A 44 16.02 -14.59 7.23
CA ASP A 44 17.05 -13.75 6.64
C ASP A 44 16.92 -12.31 7.12
N ASN A 45 15.78 -11.69 6.83
CA ASN A 45 15.53 -10.31 7.23
C ASN A 45 14.17 -10.19 7.94
N LYS A 46 14.22 -9.75 9.19
CA LYS A 46 13.00 -9.58 9.97
C LYS A 46 12.45 -8.16 9.84
N GLU A 47 13.33 -7.17 10.00
CA GLU A 47 12.94 -5.77 9.89
C GLU A 47 12.39 -5.47 8.51
N GLU A 48 13.23 -5.65 7.49
CA GLU A 48 12.84 -5.39 6.11
C GLU A 48 11.42 -5.86 5.86
N ALA A 49 11.13 -7.10 6.25
CA ALA A 49 9.80 -7.67 6.06
C ALA A 49 8.77 -6.97 6.93
N GLU A 50 9.14 -6.69 8.18
CA GLU A 50 8.24 -6.02 9.12
C GLU A 50 7.63 -4.78 8.48
N LYS A 51 8.48 -3.88 8.00
CA LYS A 51 8.03 -2.64 7.37
C LYS A 51 6.84 -2.91 6.45
N LYS A 52 7.07 -3.75 5.44
CA LYS A 52 6.02 -4.10 4.48
C LYS A 52 4.75 -4.51 5.20
N PHE A 53 4.90 -5.24 6.31
CA PHE A 53 3.76 -5.71 7.08
C PHE A 53 2.83 -4.54 7.42
N LYS A 54 3.41 -3.39 7.74
CA LYS A 54 2.63 -2.21 8.08
C LYS A 54 1.99 -1.60 6.84
N LEU A 55 2.72 -1.64 5.72
CA LEU A 55 2.22 -1.09 4.47
C LEU A 55 1.03 -1.89 3.97
N VAL A 56 1.17 -3.21 3.91
CA VAL A 56 0.10 -4.09 3.46
C VAL A 56 -1.15 -3.90 4.30
N SER A 57 -0.96 -3.47 5.54
CA SER A 57 -2.08 -3.26 6.46
C SER A 57 -2.67 -1.86 6.29
N GLU A 58 -1.78 -0.87 6.15
CA GLU A 58 -2.21 0.51 5.98
C GLU A 58 -3.01 0.69 4.70
N ALA A 59 -2.51 0.10 3.62
CA ALA A 59 -3.17 0.18 2.33
C ALA A 59 -4.49 -0.59 2.33
N TYR A 60 -4.45 -1.83 2.80
CA TYR A 60 -5.63 -2.67 2.87
C TYR A 60 -6.85 -1.86 3.31
N GLU A 61 -6.64 -0.96 4.25
CA GLU A 61 -7.73 -0.12 4.76
C GLU A 61 -8.05 1.01 3.78
N VAL A 62 -7.02 1.68 3.30
CA VAL A 62 -7.20 2.78 2.35
C VAL A 62 -8.12 2.37 1.20
N LEU A 63 -7.95 1.13 0.73
CA LEU A 63 -8.77 0.62 -0.36
C LEU A 63 -10.05 -0.03 0.17
N SER A 64 -9.91 -0.83 1.22
CA SER A 64 -11.05 -1.50 1.82
C SER A 64 -12.22 -0.54 1.99
N ASP A 65 -11.91 0.69 2.41
CA ASP A 65 -12.93 1.71 2.61
C ASP A 65 -13.44 2.25 1.28
N SER A 66 -14.51 3.03 1.33
CA SER A 66 -15.10 3.61 0.14
C SER A 66 -14.55 5.01 -0.11
N LYS A 67 -14.43 5.80 0.95
CA LYS A 67 -13.91 7.15 0.85
C LYS A 67 -12.41 7.15 0.57
N LYS A 68 -11.68 6.33 1.31
CA LYS A 68 -10.24 6.23 1.14
C LYS A 68 -9.89 5.71 -0.25
N ARG A 69 -10.63 4.70 -0.70
CA ARG A 69 -10.39 4.11 -2.01
C ARG A 69 -10.62 5.14 -3.12
N SER A 70 -11.77 5.79 -3.09
CA SER A 70 -12.11 6.80 -4.10
C SER A 70 -11.18 8.00 -3.99
N LEU A 71 -10.98 8.48 -2.77
CA LEU A 71 -10.12 9.63 -2.52
C LEU A 71 -8.74 9.40 -3.13
N TYR A 72 -8.12 8.28 -2.79
CA TYR A 72 -6.80 7.95 -3.30
C TYR A 72 -6.73 8.17 -4.81
N ASP A 73 -7.78 7.77 -5.51
CA ASP A 73 -7.85 7.91 -6.96
C ASP A 73 -7.92 9.39 -7.36
N ARG A 74 -8.78 10.14 -6.67
CA ARG A 74 -8.94 11.57 -6.95
C ARG A 74 -7.58 12.25 -7.13
N ALA A 75 -6.74 12.16 -6.09
CA ALA A 75 -5.41 12.76 -6.13
C ALA A 75 -4.50 11.98 -7.06
N GLY A 76 -4.26 10.71 -6.74
CA GLY A 76 -3.40 9.89 -7.57
C GLY A 76 -1.94 9.98 -7.16
N CYS A 77 -1.27 11.03 -7.63
CA CYS A 77 0.14 11.24 -7.30
C CYS A 77 0.30 11.83 -5.91
N ASP A 78 1.47 11.62 -5.31
CA ASP A 78 1.74 12.14 -3.97
C ASP A 78 3.00 12.99 -3.98
N SER A 79 2.83 14.30 -3.79
CA SER A 79 3.96 15.23 -3.77
C SER A 79 4.24 15.71 -2.36
N TRP A 80 5.51 15.68 -1.98
CA TRP A 80 5.91 16.12 -0.64
C TRP A 80 6.41 17.56 -0.67
N ARG A 81 5.56 18.48 -0.23
CA ARG A 81 5.91 19.89 -0.21
C ARG A 81 6.28 20.34 1.21
N ALA A 82 7.57 20.49 1.46
CA ALA A 82 8.05 20.91 2.77
C ALA A 82 7.66 19.91 3.85
N GLY A 83 7.79 18.63 3.53
CA GLY A 83 7.44 17.58 4.48
C GLY A 83 8.64 16.76 4.90
N GLY A 84 9.08 15.86 4.04
CA GLY A 84 10.22 15.01 4.35
C GLY A 84 11.46 15.42 3.60
N GLY A 85 12.46 14.54 3.59
CA GLY A 85 13.70 14.84 2.88
C GLY A 85 14.92 14.63 3.75
N ALA A 86 15.11 13.40 4.22
CA ALA A 86 16.26 13.07 5.07
C ALA A 86 17.48 12.76 4.23
N SER A 87 17.31 11.92 3.22
CA SER A 87 18.41 11.53 2.34
C SER A 87 18.22 12.10 0.94
N GLY A 88 19.33 12.43 0.29
CA GLY A 88 19.25 12.99 -1.05
C GLY A 88 19.95 14.33 -1.16
N PRO A 89 20.11 14.81 -2.40
CA PRO A 89 20.77 16.10 -2.67
C PRO A 89 19.92 17.28 -2.20
N SER A 90 20.55 18.19 -1.46
CA SER A 90 19.86 19.37 -0.96
C SER A 90 20.81 20.55 -0.85
N SER A 91 20.25 21.76 -0.77
CA SER A 91 21.05 22.97 -0.66
C SER A 91 21.47 23.22 0.78
N GLY A 92 20.51 23.09 1.70
CA GLY A 92 20.81 23.30 3.10
C GLY A 92 20.38 22.13 3.97
N GLY A 1 19.03 8.99 -4.36
CA GLY A 1 20.03 7.95 -4.26
C GLY A 1 20.37 7.34 -5.61
N SER A 2 21.14 6.25 -5.60
CA SER A 2 21.53 5.58 -6.82
C SER A 2 20.46 4.58 -7.27
N SER A 3 20.00 3.76 -6.33
CA SER A 3 18.98 2.76 -6.63
C SER A 3 17.84 2.83 -5.62
N GLY A 4 16.62 2.57 -6.09
CA GLY A 4 15.46 2.62 -5.21
C GLY A 4 14.19 2.95 -5.96
N SER A 5 13.16 3.34 -5.21
CA SER A 5 11.87 3.69 -5.81
C SER A 5 11.79 5.20 -6.07
N SER A 6 12.15 5.98 -5.06
CA SER A 6 12.11 7.43 -5.17
C SER A 6 10.73 7.91 -5.62
N GLY A 7 9.69 7.31 -5.04
CA GLY A 7 8.33 7.69 -5.39
C GLY A 7 7.31 7.09 -4.44
N MET A 8 6.08 7.59 -4.51
CA MET A 8 5.00 7.10 -3.65
C MET A 8 4.61 5.68 -4.04
N ALA A 9 4.59 4.78 -3.05
CA ALA A 9 4.21 3.39 -3.29
C ALA A 9 2.72 3.26 -3.52
N ASN A 10 2.35 2.75 -4.69
CA ASN A 10 0.94 2.57 -5.03
C ASN A 10 0.32 1.45 -4.21
N TYR A 11 -0.74 1.77 -3.49
CA TYR A 11 -1.44 0.80 -2.65
C TYR A 11 -1.82 -0.45 -3.46
N TYR A 12 -2.52 -0.22 -4.57
CA TYR A 12 -2.95 -1.32 -5.43
C TYR A 12 -1.78 -2.23 -5.78
N GLU A 13 -0.63 -1.62 -6.06
CA GLU A 13 0.57 -2.39 -6.41
C GLU A 13 1.10 -3.15 -5.20
N VAL A 14 1.36 -2.42 -4.11
CA VAL A 14 1.88 -3.01 -2.89
C VAL A 14 1.15 -4.32 -2.57
N LEU A 15 -0.17 -4.31 -2.72
CA LEU A 15 -0.98 -5.48 -2.45
C LEU A 15 -0.99 -6.43 -3.65
N GLY A 16 -1.08 -5.86 -4.85
CA GLY A 16 -1.09 -6.66 -6.05
C GLY A 16 -2.49 -6.86 -6.60
N VAL A 17 -3.29 -5.80 -6.59
CA VAL A 17 -4.65 -5.85 -7.09
C VAL A 17 -5.02 -4.59 -7.85
N GLN A 18 -6.06 -4.68 -8.67
CA GLN A 18 -6.50 -3.53 -9.46
C GLN A 18 -7.84 -3.00 -8.96
N ALA A 19 -8.10 -1.73 -9.23
CA ALA A 19 -9.35 -1.11 -8.80
C ALA A 19 -10.55 -1.94 -9.23
N SER A 20 -10.51 -2.45 -10.45
CA SER A 20 -11.61 -3.25 -10.98
C SER A 20 -11.90 -4.44 -10.06
N ALA A 21 -10.90 -4.84 -9.29
CA ALA A 21 -11.05 -5.96 -8.37
C ALA A 21 -12.24 -5.75 -7.44
N SER A 22 -12.63 -6.81 -6.74
CA SER A 22 -13.77 -6.74 -5.82
C SER A 22 -13.29 -6.50 -4.39
N PRO A 23 -14.22 -6.06 -3.52
CA PRO A 23 -13.92 -5.79 -2.11
C PRO A 23 -13.64 -7.06 -1.32
N GLU A 24 -13.87 -8.21 -1.96
CA GLU A 24 -13.64 -9.50 -1.30
C GLU A 24 -12.25 -10.03 -1.63
N ASP A 25 -11.85 -9.89 -2.88
CA ASP A 25 -10.54 -10.36 -3.32
C ASP A 25 -9.42 -9.63 -2.58
N ILE A 26 -9.58 -8.32 -2.43
CA ILE A 26 -8.59 -7.50 -1.75
C ILE A 26 -8.47 -7.91 -0.28
N LYS A 27 -9.60 -8.17 0.36
CA LYS A 27 -9.62 -8.57 1.76
C LYS A 27 -8.82 -9.85 1.98
N LYS A 28 -9.15 -10.89 1.21
CA LYS A 28 -8.46 -12.16 1.32
C LYS A 28 -6.97 -12.00 1.00
N ALA A 29 -6.66 -11.12 0.06
CA ALA A 29 -5.28 -10.87 -0.32
C ALA A 29 -4.45 -10.39 0.87
N TYR A 30 -4.95 -9.38 1.56
CA TYR A 30 -4.26 -8.83 2.73
C TYR A 30 -4.01 -9.91 3.77
N ARG A 31 -5.06 -10.68 4.08
CA ARG A 31 -4.95 -11.75 5.07
C ARG A 31 -3.65 -12.53 4.89
N LYS A 32 -3.46 -13.07 3.69
CA LYS A 32 -2.26 -13.84 3.39
C LYS A 32 -1.04 -12.93 3.30
N LEU A 33 -1.10 -11.95 2.42
CA LEU A 33 0.01 -11.01 2.24
C LEU A 33 0.66 -10.67 3.58
N ALA A 34 -0.15 -10.16 4.50
CA ALA A 34 0.34 -9.79 5.83
C ALA A 34 1.29 -10.85 6.37
N LEU A 35 0.87 -12.10 6.32
CA LEU A 35 1.68 -13.21 6.81
C LEU A 35 2.90 -13.43 5.91
N ARG A 36 2.69 -13.27 4.60
CA ARG A 36 3.78 -13.46 3.64
C ARG A 36 4.92 -12.49 3.93
N TRP A 37 4.60 -11.20 4.02
CA TRP A 37 5.61 -10.19 4.29
C TRP A 37 5.86 -10.05 5.79
N HIS A 38 5.44 -11.06 6.55
CA HIS A 38 5.63 -11.05 8.00
C HIS A 38 7.10 -11.20 8.36
N PRO A 39 7.55 -10.44 9.37
CA PRO A 39 8.93 -10.48 9.85
C PRO A 39 9.28 -11.79 10.54
N ASP A 40 8.33 -12.31 11.31
CA ASP A 40 8.53 -13.56 12.03
C ASP A 40 8.67 -14.73 11.06
N LYS A 41 7.89 -14.69 9.99
CA LYS A 41 7.92 -15.75 8.98
C LYS A 41 9.21 -15.69 8.17
N ASN A 42 9.86 -14.54 8.19
CA ASN A 42 11.11 -14.36 7.45
C ASN A 42 12.30 -14.28 8.42
N PRO A 43 13.04 -15.39 8.53
CA PRO A 43 14.21 -15.46 9.41
C PRO A 43 15.37 -14.62 8.90
N ASP A 44 15.72 -14.79 7.64
CA ASP A 44 16.82 -14.05 7.03
C ASP A 44 16.69 -12.55 7.33
N ASN A 45 15.56 -11.97 6.93
CA ASN A 45 15.31 -10.55 7.15
C ASN A 45 14.02 -10.35 7.95
N LYS A 46 14.17 -9.89 9.19
CA LYS A 46 13.02 -9.65 10.06
C LYS A 46 12.56 -8.19 9.95
N GLU A 47 13.43 -7.27 10.34
CA GLU A 47 13.11 -5.86 10.28
C GLU A 47 12.59 -5.46 8.90
N GLU A 48 13.42 -5.66 7.88
CA GLU A 48 13.04 -5.33 6.52
C GLU A 48 11.59 -5.75 6.23
N ALA A 49 11.31 -7.03 6.42
CA ALA A 49 9.97 -7.56 6.19
C ALA A 49 8.93 -6.79 7.00
N GLU A 50 9.27 -6.47 8.24
CA GLU A 50 8.36 -5.72 9.11
C GLU A 50 7.76 -4.53 8.38
N LYS A 51 8.64 -3.70 7.81
CA LYS A 51 8.20 -2.51 7.10
C LYS A 51 7.02 -2.84 6.16
N LYS A 52 7.25 -3.80 5.27
CA LYS A 52 6.22 -4.22 4.32
C LYS A 52 4.91 -4.52 5.04
N PHE A 53 5.00 -5.18 6.19
CA PHE A 53 3.82 -5.53 6.97
C PHE A 53 2.94 -4.31 7.19
N LYS A 54 3.56 -3.20 7.60
CA LYS A 54 2.83 -1.97 7.84
C LYS A 54 2.13 -1.48 6.58
N LEU A 55 2.83 -1.59 5.45
CA LEU A 55 2.29 -1.15 4.18
C LEU A 55 1.08 -2.01 3.78
N VAL A 56 1.26 -3.31 3.84
CA VAL A 56 0.19 -4.25 3.49
C VAL A 56 -1.07 -3.96 4.30
N SER A 57 -0.89 -3.70 5.59
CA SER A 57 -2.01 -3.41 6.48
C SER A 57 -2.61 -2.02 6.18
N GLU A 58 -1.74 -1.02 6.10
CA GLU A 58 -2.17 0.34 5.82
C GLU A 58 -2.92 0.41 4.50
N ALA A 59 -2.25 0.03 3.41
CA ALA A 59 -2.86 0.04 2.09
C ALA A 59 -4.14 -0.77 2.07
N TYR A 60 -4.12 -1.93 2.72
CA TYR A 60 -5.29 -2.80 2.77
C TYR A 60 -6.53 -2.02 3.17
N GLU A 61 -6.38 -1.13 4.14
CA GLU A 61 -7.49 -0.31 4.61
C GLU A 61 -7.81 0.81 3.62
N VAL A 62 -6.77 1.43 3.08
CA VAL A 62 -6.94 2.52 2.12
C VAL A 62 -7.93 2.13 1.02
N LEU A 63 -7.86 0.87 0.59
CA LEU A 63 -8.75 0.37 -0.45
C LEU A 63 -10.04 -0.18 0.15
N SER A 64 -9.90 -1.00 1.19
CA SER A 64 -11.05 -1.60 1.85
C SER A 64 -12.12 -0.54 2.13
N ASP A 65 -11.68 0.64 2.55
CA ASP A 65 -12.59 1.74 2.85
C ASP A 65 -13.03 2.45 1.58
N SER A 66 -14.30 2.83 1.52
CA SER A 66 -14.84 3.52 0.36
C SER A 66 -14.32 4.95 0.28
N LYS A 67 -14.34 5.64 1.42
CA LYS A 67 -13.88 7.01 1.49
C LYS A 67 -12.39 7.10 1.14
N LYS A 68 -11.60 6.20 1.72
CA LYS A 68 -10.17 6.17 1.47
C LYS A 68 -9.87 5.74 0.03
N ARG A 69 -10.53 4.67 -0.40
CA ARG A 69 -10.33 4.16 -1.76
C ARG A 69 -10.67 5.22 -2.80
N SER A 70 -11.87 5.78 -2.71
CA SER A 70 -12.31 6.80 -3.65
C SER A 70 -11.38 8.01 -3.61
N LEU A 71 -11.17 8.55 -2.41
CA LEU A 71 -10.30 9.70 -2.23
C LEU A 71 -8.92 9.44 -2.83
N TYR A 72 -8.37 8.27 -2.53
CA TYR A 72 -7.05 7.91 -3.04
C TYR A 72 -6.93 8.21 -4.54
N ASP A 73 -7.81 7.60 -5.32
CA ASP A 73 -7.80 7.80 -6.77
C ASP A 73 -7.70 9.28 -7.10
N ARG A 74 -8.44 10.10 -6.37
CA ARG A 74 -8.45 11.54 -6.59
C ARG A 74 -7.10 12.15 -6.20
N ALA A 75 -6.59 11.75 -5.05
CA ALA A 75 -5.31 12.25 -4.57
C ALA A 75 -4.23 12.13 -5.64
N GLY A 76 -4.31 11.08 -6.44
CA GLY A 76 -3.34 10.87 -7.49
C GLY A 76 -3.65 11.66 -8.74
N CYS A 77 -4.36 12.78 -8.57
CA CYS A 77 -4.74 13.63 -9.70
C CYS A 77 -5.31 12.80 -10.84
N ASP A 78 -5.98 11.70 -10.50
CA ASP A 78 -6.57 10.82 -11.49
C ASP A 78 -7.08 11.62 -12.69
N SER A 79 -7.72 12.75 -12.41
CA SER A 79 -8.25 13.61 -13.46
C SER A 79 -7.32 14.78 -13.75
N TRP A 80 -7.02 14.99 -15.02
CA TRP A 80 -6.14 16.08 -15.43
C TRP A 80 -6.40 17.33 -14.61
N ARG A 81 -7.65 17.79 -14.61
CA ARG A 81 -8.03 18.99 -13.87
C ARG A 81 -9.11 18.66 -12.85
N ALA A 82 -8.83 18.97 -11.58
CA ALA A 82 -9.78 18.70 -10.51
C ALA A 82 -10.18 20.00 -9.80
N GLY A 83 -11.48 20.26 -9.74
CA GLY A 83 -11.97 21.47 -9.10
C GLY A 83 -12.92 22.25 -9.98
N GLY A 84 -12.37 23.14 -10.81
CA GLY A 84 -13.19 23.94 -11.69
C GLY A 84 -13.68 23.16 -12.89
N GLY A 85 -14.86 22.56 -12.75
CA GLY A 85 -15.43 21.77 -13.84
C GLY A 85 -16.93 21.59 -13.71
N ALA A 86 -17.36 20.34 -13.57
CA ALA A 86 -18.78 20.04 -13.44
C ALA A 86 -19.02 19.06 -12.29
N SER A 87 -20.26 19.01 -11.81
CA SER A 87 -20.62 18.12 -10.72
C SER A 87 -21.69 17.14 -11.15
N GLY A 88 -21.72 15.96 -10.51
CA GLY A 88 -22.69 14.95 -10.85
C GLY A 88 -23.34 14.35 -9.62
N PRO A 89 -24.51 14.92 -9.22
CA PRO A 89 -25.25 14.44 -8.06
C PRO A 89 -25.88 13.07 -8.28
N SER A 90 -25.29 12.05 -7.69
CA SER A 90 -25.78 10.69 -7.83
C SER A 90 -25.96 10.32 -9.29
N SER A 91 -25.03 10.77 -10.13
CA SER A 91 -25.08 10.50 -11.56
C SER A 91 -24.50 9.13 -11.86
N GLY A 92 -25.19 8.37 -12.71
CA GLY A 92 -24.74 7.04 -13.07
C GLY A 92 -23.57 7.07 -14.04
N GLY A 1 10.52 -3.31 -15.89
CA GLY A 1 11.10 -1.98 -15.89
C GLY A 1 12.53 -1.96 -15.41
N SER A 2 13.45 -1.62 -16.30
CA SER A 2 14.87 -1.57 -15.95
C SER A 2 15.23 -0.23 -15.32
N SER A 3 14.83 0.85 -15.97
CA SER A 3 15.12 2.20 -15.48
C SER A 3 13.89 2.81 -14.82
N GLY A 4 13.87 2.81 -13.49
CA GLY A 4 12.74 3.35 -12.76
C GLY A 4 13.13 3.89 -11.40
N SER A 5 13.14 5.22 -11.26
CA SER A 5 13.51 5.85 -10.00
C SER A 5 12.49 5.52 -8.91
N SER A 6 12.97 4.91 -7.83
CA SER A 6 12.11 4.53 -6.72
C SER A 6 11.66 5.77 -5.94
N GLY A 7 10.35 5.90 -5.75
CA GLY A 7 9.82 7.04 -5.02
C GLY A 7 8.70 6.64 -4.07
N MET A 8 7.47 7.06 -4.39
CA MET A 8 6.32 6.75 -3.57
C MET A 8 5.75 5.38 -3.92
N ALA A 9 5.27 4.66 -2.92
CA ALA A 9 4.70 3.33 -3.14
C ALA A 9 3.24 3.43 -3.55
N ASN A 10 2.75 2.41 -4.25
CA ASN A 10 1.36 2.39 -4.70
C ASN A 10 0.56 1.33 -3.96
N TYR A 11 -0.46 1.76 -3.24
CA TYR A 11 -1.30 0.84 -2.49
C TYR A 11 -1.70 -0.37 -3.33
N TYR A 12 -2.37 -0.11 -4.45
CA TYR A 12 -2.80 -1.16 -5.35
C TYR A 12 -1.69 -2.19 -5.56
N GLU A 13 -0.51 -1.72 -5.94
CA GLU A 13 0.63 -2.59 -6.17
C GLU A 13 0.99 -3.35 -4.90
N VAL A 14 1.18 -2.62 -3.81
CA VAL A 14 1.53 -3.22 -2.53
C VAL A 14 0.71 -4.48 -2.27
N LEU A 15 -0.61 -4.36 -2.44
CA LEU A 15 -1.51 -5.50 -2.22
C LEU A 15 -1.43 -6.48 -3.38
N GLY A 16 -1.37 -5.95 -4.61
CA GLY A 16 -1.29 -6.80 -5.78
C GLY A 16 -2.64 -7.02 -6.42
N VAL A 17 -3.44 -5.96 -6.50
CA VAL A 17 -4.77 -6.06 -7.10
C VAL A 17 -4.98 -4.95 -8.14
N GLN A 18 -5.94 -5.18 -9.04
CA GLN A 18 -6.23 -4.20 -10.08
C GLN A 18 -7.18 -3.12 -9.56
N ALA A 19 -7.19 -1.98 -10.23
CA ALA A 19 -8.05 -0.87 -9.84
C ALA A 19 -9.51 -1.31 -9.76
N SER A 20 -9.91 -2.19 -10.67
CA SER A 20 -11.28 -2.69 -10.70
C SER A 20 -11.39 -4.02 -9.95
N ALA A 21 -10.40 -4.32 -9.13
CA ALA A 21 -10.38 -5.55 -8.36
C ALA A 21 -11.62 -5.66 -7.49
N SER A 22 -12.00 -6.89 -7.16
CA SER A 22 -13.18 -7.14 -6.33
C SER A 22 -12.93 -6.69 -4.89
N PRO A 23 -14.02 -6.42 -4.16
CA PRO A 23 -13.95 -5.99 -2.76
C PRO A 23 -13.48 -7.09 -1.83
N GLU A 24 -13.53 -8.33 -2.32
CA GLU A 24 -13.10 -9.48 -1.52
C GLU A 24 -11.65 -9.84 -1.82
N ASP A 25 -11.19 -9.49 -3.01
CA ASP A 25 -9.82 -9.77 -3.43
C ASP A 25 -8.83 -9.00 -2.58
N ILE A 26 -9.17 -7.76 -2.25
CA ILE A 26 -8.31 -6.90 -1.44
C ILE A 26 -8.26 -7.39 0.00
N LYS A 27 -9.35 -7.99 0.46
CA LYS A 27 -9.44 -8.50 1.82
C LYS A 27 -8.68 -9.82 1.96
N LYS A 28 -9.00 -10.76 1.08
CA LYS A 28 -8.34 -12.08 1.09
C LYS A 28 -6.84 -11.93 0.92
N ALA A 29 -6.43 -10.97 0.08
CA ALA A 29 -5.02 -10.73 -0.18
C ALA A 29 -4.30 -10.29 1.09
N TYR A 30 -4.85 -9.30 1.77
CA TYR A 30 -4.27 -8.79 3.01
C TYR A 30 -3.98 -9.93 3.98
N ARG A 31 -5.01 -10.69 4.30
CA ARG A 31 -4.87 -11.81 5.23
C ARG A 31 -3.56 -12.56 4.98
N LYS A 32 -3.43 -13.11 3.78
CA LYS A 32 -2.22 -13.86 3.42
C LYS A 32 -1.00 -12.96 3.46
N LEU A 33 -1.05 -11.86 2.73
CA LEU A 33 0.07 -10.92 2.68
C LEU A 33 0.65 -10.71 4.08
N ALA A 34 -0.16 -10.15 4.98
CA ALA A 34 0.27 -9.90 6.34
C ALA A 34 1.21 -11.00 6.84
N LEU A 35 0.86 -12.25 6.54
CA LEU A 35 1.67 -13.39 6.95
C LEU A 35 2.86 -13.57 6.02
N ARG A 36 2.66 -13.29 4.74
CA ARG A 36 3.72 -13.42 3.74
C ARG A 36 4.88 -12.47 4.05
N TRP A 37 4.55 -11.21 4.26
CA TRP A 37 5.56 -10.19 4.57
C TRP A 37 5.84 -10.13 6.06
N HIS A 38 5.39 -11.16 6.78
CA HIS A 38 5.60 -11.22 8.22
C HIS A 38 7.08 -11.41 8.56
N PRO A 39 7.54 -10.72 9.61
CA PRO A 39 8.94 -10.80 10.06
C PRO A 39 9.28 -12.15 10.67
N ASP A 40 8.39 -12.65 11.52
CA ASP A 40 8.59 -13.94 12.17
C ASP A 40 8.64 -15.07 11.14
N LYS A 41 7.89 -14.90 10.06
CA LYS A 41 7.84 -15.91 9.00
C LYS A 41 9.11 -15.87 8.15
N ASN A 42 9.81 -14.74 8.21
CA ASN A 42 11.04 -14.57 7.45
C ASN A 42 12.26 -14.57 8.37
N PRO A 43 12.97 -15.72 8.41
CA PRO A 43 14.16 -15.87 9.25
C PRO A 43 15.33 -15.04 8.74
N ASP A 44 15.64 -15.18 7.46
CA ASP A 44 16.75 -14.45 6.85
C ASP A 44 16.66 -12.96 7.19
N ASN A 45 15.54 -12.33 6.81
CA ASN A 45 15.34 -10.91 7.08
C ASN A 45 14.03 -10.68 7.82
N LYS A 46 14.15 -10.20 9.06
CA LYS A 46 12.97 -9.94 9.88
C LYS A 46 12.50 -8.49 9.72
N GLU A 47 13.39 -7.55 10.05
CA GLU A 47 13.07 -6.14 9.93
C GLU A 47 12.52 -5.81 8.56
N GLU A 48 13.33 -6.04 7.52
CA GLU A 48 12.91 -5.77 6.16
C GLU A 48 11.44 -6.14 5.95
N ALA A 49 11.10 -7.38 6.26
CA ALA A 49 9.73 -7.86 6.11
C ALA A 49 8.76 -7.03 6.94
N GLU A 50 9.12 -6.78 8.19
CA GLU A 50 8.28 -5.99 9.09
C GLU A 50 7.82 -4.71 8.40
N LYS A 51 8.77 -3.97 7.84
CA LYS A 51 8.46 -2.71 7.16
C LYS A 51 7.26 -2.89 6.23
N LYS A 52 7.40 -3.78 5.25
CA LYS A 52 6.32 -4.05 4.29
C LYS A 52 5.00 -4.26 5.02
N PHE A 53 5.05 -5.00 6.13
CA PHE A 53 3.85 -5.29 6.90
C PHE A 53 2.99 -4.04 7.07
N LYS A 54 3.62 -2.95 7.53
CA LYS A 54 2.92 -1.69 7.73
C LYS A 54 2.22 -1.24 6.45
N LEU A 55 2.92 -1.36 5.33
CA LEU A 55 2.38 -0.96 4.03
C LEU A 55 1.11 -1.74 3.71
N VAL A 56 1.18 -3.06 3.86
CA VAL A 56 0.04 -3.92 3.60
C VAL A 56 -1.14 -3.55 4.49
N SER A 57 -0.87 -3.32 5.76
CA SER A 57 -1.91 -2.96 6.71
C SER A 57 -2.53 -1.60 6.37
N GLU A 58 -1.66 -0.62 6.10
CA GLU A 58 -2.12 0.71 5.76
C GLU A 58 -2.86 0.71 4.43
N ALA A 59 -2.16 0.33 3.36
CA ALA A 59 -2.76 0.28 2.03
C ALA A 59 -4.06 -0.52 2.04
N TYR A 60 -4.02 -1.69 2.66
CA TYR A 60 -5.19 -2.55 2.73
C TYR A 60 -6.41 -1.76 3.20
N GLU A 61 -6.21 -0.85 4.13
CA GLU A 61 -7.28 -0.03 4.66
C GLU A 61 -7.67 1.07 3.67
N VAL A 62 -6.66 1.75 3.12
CA VAL A 62 -6.89 2.82 2.15
C VAL A 62 -7.88 2.38 1.09
N LEU A 63 -7.78 1.13 0.65
CA LEU A 63 -8.67 0.60 -0.37
C LEU A 63 -9.90 -0.06 0.26
N SER A 64 -9.67 -0.87 1.28
CA SER A 64 -10.76 -1.56 1.97
C SER A 64 -11.91 -0.60 2.23
N ASP A 65 -11.59 0.60 2.71
CA ASP A 65 -12.60 1.60 3.00
C ASP A 65 -13.19 2.17 1.72
N SER A 66 -14.32 2.87 1.85
CA SER A 66 -14.98 3.45 0.69
C SER A 66 -14.54 4.90 0.50
N LYS A 67 -14.45 5.65 1.60
CA LYS A 67 -14.03 7.05 1.54
C LYS A 67 -12.54 7.15 1.28
N LYS A 68 -11.77 6.23 1.85
CA LYS A 68 -10.32 6.24 1.67
C LYS A 68 -9.96 5.85 0.24
N ARG A 69 -10.55 4.77 -0.25
CA ARG A 69 -10.28 4.30 -1.60
C ARG A 69 -10.75 5.32 -2.64
N SER A 70 -11.93 5.89 -2.41
CA SER A 70 -12.50 6.87 -3.32
C SER A 70 -11.65 8.15 -3.33
N LEU A 71 -11.38 8.67 -2.14
CA LEU A 71 -10.58 9.88 -2.00
C LEU A 71 -9.25 9.76 -2.73
N TYR A 72 -8.56 8.64 -2.51
CA TYR A 72 -7.28 8.39 -3.14
C TYR A 72 -7.42 8.34 -4.66
N ASP A 73 -8.51 7.75 -5.12
CA ASP A 73 -8.78 7.65 -6.56
C ASP A 73 -9.02 9.02 -7.17
N ARG A 74 -10.06 9.70 -6.70
CA ARG A 74 -10.40 11.02 -7.21
C ARG A 74 -9.18 11.94 -7.21
N ALA A 75 -8.36 11.82 -6.18
CA ALA A 75 -7.15 12.62 -6.05
C ALA A 75 -6.15 12.29 -7.15
N GLY A 76 -5.80 11.01 -7.25
CA GLY A 76 -4.85 10.57 -8.27
C GLY A 76 -3.42 10.74 -7.83
N CYS A 77 -2.49 10.31 -8.67
CA CYS A 77 -1.06 10.42 -8.36
C CYS A 77 -0.24 10.55 -9.63
N ASP A 78 0.79 11.39 -9.58
CA ASP A 78 1.67 11.59 -10.74
C ASP A 78 3.08 11.93 -10.29
N SER A 79 4.06 11.55 -11.11
CA SER A 79 5.46 11.79 -10.79
C SER A 79 5.73 13.29 -10.66
N TRP A 80 5.95 13.74 -9.43
CA TRP A 80 6.23 15.15 -9.17
C TRP A 80 7.34 15.31 -8.15
N ARG A 81 8.41 16.00 -8.55
CA ARG A 81 9.55 16.22 -7.67
C ARG A 81 9.30 17.41 -6.75
N ALA A 82 9.03 18.56 -7.34
CA ALA A 82 8.76 19.77 -6.58
C ALA A 82 7.76 19.50 -5.45
N GLY A 83 6.66 18.85 -5.80
CA GLY A 83 5.64 18.55 -4.81
C GLY A 83 6.22 17.95 -3.54
N GLY A 84 6.19 16.63 -3.45
CA GLY A 84 6.72 15.96 -2.27
C GLY A 84 7.27 14.57 -2.60
N GLY A 85 7.03 13.62 -1.70
CA GLY A 85 7.52 12.27 -1.91
C GLY A 85 8.18 11.70 -0.68
N ALA A 86 9.20 12.40 -0.18
CA ALA A 86 9.93 11.96 1.00
C ALA A 86 8.98 11.39 2.05
N SER A 87 7.94 12.14 2.37
CA SER A 87 6.95 11.72 3.36
C SER A 87 7.64 11.31 4.65
N GLY A 88 8.67 12.07 5.05
CA GLY A 88 9.39 11.77 6.27
C GLY A 88 9.84 13.02 6.99
N PRO A 89 8.95 13.58 7.83
CA PRO A 89 9.25 14.79 8.60
C PRO A 89 10.27 14.54 9.71
N SER A 90 10.90 15.62 10.16
CA SER A 90 11.91 15.52 11.21
C SER A 90 11.27 15.55 12.60
N SER A 91 10.46 16.58 12.83
CA SER A 91 9.78 16.74 14.12
C SER A 91 9.18 15.40 14.57
N GLY A 92 8.47 14.74 13.67
CA GLY A 92 7.86 13.47 14.00
C GLY A 92 6.52 13.64 14.70
N GLY A 1 16.68 0.11 -18.24
CA GLY A 1 16.78 -0.99 -17.31
C GLY A 1 16.55 -0.55 -15.87
N SER A 2 15.66 -1.24 -15.17
CA SER A 2 15.35 -0.91 -13.79
C SER A 2 14.87 0.53 -13.66
N SER A 3 14.03 0.96 -14.61
CA SER A 3 13.51 2.32 -14.61
C SER A 3 11.98 2.30 -14.67
N GLY A 4 11.36 3.11 -13.82
CA GLY A 4 9.91 3.18 -13.80
C GLY A 4 9.40 4.31 -12.92
N SER A 5 8.64 3.97 -11.89
CA SER A 5 8.09 4.96 -10.97
C SER A 5 8.82 4.95 -9.64
N SER A 6 9.13 6.13 -9.13
CA SER A 6 9.85 6.26 -7.86
C SER A 6 9.11 7.21 -6.92
N GLY A 7 9.14 6.89 -5.63
CA GLY A 7 8.47 7.73 -4.64
C GLY A 7 7.36 6.99 -3.92
N MET A 8 6.16 7.55 -3.97
CA MET A 8 5.01 6.93 -3.30
C MET A 8 4.80 5.51 -3.79
N ALA A 9 4.48 4.61 -2.88
CA ALA A 9 4.25 3.21 -3.21
C ALA A 9 2.77 2.96 -3.53
N ASN A 10 2.49 2.60 -4.77
CA ASN A 10 1.12 2.33 -5.21
C ASN A 10 0.51 1.21 -4.37
N TYR A 11 -0.54 1.54 -3.63
CA TYR A 11 -1.23 0.55 -2.80
C TYR A 11 -1.63 -0.67 -3.61
N TYR A 12 -2.34 -0.43 -4.71
CA TYR A 12 -2.79 -1.52 -5.58
C TYR A 12 -1.66 -2.51 -5.84
N GLU A 13 -0.46 -1.98 -6.07
CA GLU A 13 0.70 -2.83 -6.33
C GLU A 13 1.12 -3.59 -5.08
N VAL A 14 1.35 -2.86 -3.99
CA VAL A 14 1.76 -3.47 -2.73
C VAL A 14 0.92 -4.70 -2.43
N LEU A 15 -0.40 -4.56 -2.53
CA LEU A 15 -1.31 -5.67 -2.27
C LEU A 15 -1.29 -6.67 -3.41
N GLY A 16 -1.30 -6.16 -4.64
CA GLY A 16 -1.29 -7.03 -5.80
C GLY A 16 -2.68 -7.31 -6.34
N VAL A 17 -3.48 -6.26 -6.48
CA VAL A 17 -4.84 -6.40 -6.99
C VAL A 17 -5.08 -5.45 -8.15
N GLN A 18 -6.27 -5.54 -8.73
CA GLN A 18 -6.64 -4.69 -9.87
C GLN A 18 -7.43 -3.48 -9.41
N ALA A 19 -7.46 -2.45 -10.25
CA ALA A 19 -8.19 -1.22 -9.93
C ALA A 19 -9.68 -1.49 -9.78
N SER A 20 -10.19 -2.43 -10.59
CA SER A 20 -11.60 -2.78 -10.56
C SER A 20 -11.82 -4.09 -9.81
N ALA A 21 -10.83 -4.49 -9.02
CA ALA A 21 -10.91 -5.73 -8.26
C ALA A 21 -12.07 -5.68 -7.27
N SER A 22 -12.51 -6.86 -6.83
CA SER A 22 -13.62 -6.95 -5.88
C SER A 22 -13.15 -6.64 -4.46
N PRO A 23 -14.11 -6.30 -3.59
CA PRO A 23 -13.82 -5.97 -2.19
C PRO A 23 -13.38 -7.20 -1.38
N GLU A 24 -13.68 -8.38 -1.91
CA GLU A 24 -13.31 -9.62 -1.24
C GLU A 24 -11.90 -10.06 -1.63
N ASP A 25 -11.57 -9.91 -2.91
CA ASP A 25 -10.25 -10.29 -3.42
C ASP A 25 -9.15 -9.56 -2.65
N ILE A 26 -9.38 -8.27 -2.37
CA ILE A 26 -8.41 -7.47 -1.65
C ILE A 26 -8.24 -7.96 -0.21
N LYS A 27 -9.35 -8.35 0.41
CA LYS A 27 -9.33 -8.85 1.78
C LYS A 27 -8.50 -10.12 1.88
N LYS A 28 -8.89 -11.13 1.12
CA LYS A 28 -8.18 -12.41 1.12
C LYS A 28 -6.69 -12.20 0.84
N ALA A 29 -6.38 -11.27 -0.05
CA ALA A 29 -5.00 -10.98 -0.40
C ALA A 29 -4.23 -10.47 0.82
N TYR A 30 -4.86 -9.59 1.59
CA TYR A 30 -4.22 -9.03 2.78
C TYR A 30 -3.79 -10.13 3.74
N ARG A 31 -4.76 -10.85 4.29
CA ARG A 31 -4.48 -11.93 5.22
C ARG A 31 -3.22 -12.69 4.82
N LYS A 32 -3.27 -13.33 3.66
CA LYS A 32 -2.14 -14.10 3.16
C LYS A 32 -0.87 -13.24 3.14
N LEU A 33 -0.99 -12.02 2.63
CA LEU A 33 0.14 -11.11 2.56
C LEU A 33 0.78 -10.93 3.93
N ALA A 34 -0.01 -10.44 4.89
CA ALA A 34 0.47 -10.23 6.25
C ALA A 34 1.42 -11.35 6.67
N LEU A 35 1.05 -12.59 6.35
CA LEU A 35 1.87 -13.74 6.70
C LEU A 35 3.08 -13.85 5.79
N ARG A 36 2.89 -13.54 4.51
CA ARG A 36 3.97 -13.61 3.53
C ARG A 36 5.08 -12.61 3.89
N TRP A 37 4.70 -11.35 4.05
CA TRP A 37 5.66 -10.30 4.39
C TRP A 37 5.87 -10.22 5.90
N HIS A 38 5.47 -11.28 6.60
CA HIS A 38 5.60 -11.32 8.05
C HIS A 38 7.07 -11.47 8.46
N PRO A 39 7.49 -10.70 9.45
CA PRO A 39 8.87 -10.73 9.96
C PRO A 39 9.20 -12.02 10.70
N ASP A 40 8.22 -12.51 11.47
CA ASP A 40 8.40 -13.74 12.23
C ASP A 40 8.60 -14.94 11.30
N LYS A 41 7.91 -14.91 10.16
CA LYS A 41 8.01 -15.99 9.18
C LYS A 41 9.31 -15.90 8.40
N ASN A 42 9.90 -14.70 8.38
CA ASN A 42 11.16 -14.48 7.67
C ASN A 42 12.31 -14.28 8.65
N PRO A 43 13.12 -15.33 8.82
CA PRO A 43 14.27 -15.30 9.73
C PRO A 43 15.39 -14.41 9.20
N ASP A 44 15.78 -14.61 7.96
CA ASP A 44 16.84 -13.83 7.34
C ASP A 44 16.56 -12.34 7.50
N ASN A 45 15.42 -11.89 6.98
CA ASN A 45 15.04 -10.48 7.06
C ASN A 45 13.87 -10.29 8.02
N LYS A 46 14.15 -9.74 9.19
CA LYS A 46 13.12 -9.51 10.19
C LYS A 46 12.57 -8.09 10.08
N GLU A 47 13.45 -7.13 9.88
CA GLU A 47 13.06 -5.73 9.75
C GLU A 47 12.35 -5.49 8.42
N GLU A 48 13.08 -5.70 7.32
CA GLU A 48 12.52 -5.50 5.99
C GLU A 48 11.06 -5.95 5.94
N ALA A 49 10.80 -7.17 6.40
CA ALA A 49 9.44 -7.71 6.41
C ALA A 49 8.51 -6.81 7.22
N GLU A 50 8.94 -6.43 8.40
CA GLU A 50 8.14 -5.57 9.27
C GLU A 50 7.62 -4.35 8.51
N LYS A 51 8.56 -3.59 7.93
CA LYS A 51 8.20 -2.40 7.18
C LYS A 51 7.08 -2.69 6.18
N LYS A 52 7.28 -3.71 5.35
CA LYS A 52 6.29 -4.09 4.35
C LYS A 52 4.93 -4.30 5.00
N PHE A 53 4.93 -4.89 6.19
CA PHE A 53 3.69 -5.16 6.91
C PHE A 53 2.81 -3.92 6.94
N LYS A 54 3.35 -2.83 7.49
CA LYS A 54 2.61 -1.57 7.58
C LYS A 54 2.02 -1.19 6.23
N LEU A 55 2.81 -1.36 5.17
CA LEU A 55 2.36 -1.03 3.82
C LEU A 55 1.12 -1.83 3.45
N VAL A 56 1.21 -3.15 3.57
CA VAL A 56 0.08 -4.03 3.25
C VAL A 56 -1.13 -3.69 4.10
N SER A 57 -0.94 -3.65 5.42
CA SER A 57 -2.03 -3.34 6.33
C SER A 57 -2.66 -1.99 6.00
N GLU A 58 -1.82 -1.01 5.72
CA GLU A 58 -2.29 0.34 5.39
C GLU A 58 -3.08 0.32 4.08
N ALA A 59 -2.43 -0.14 3.01
CA ALA A 59 -3.07 -0.20 1.71
C ALA A 59 -4.39 -0.96 1.77
N TYR A 60 -4.37 -2.13 2.39
CA TYR A 60 -5.57 -2.95 2.52
C TYR A 60 -6.75 -2.11 2.99
N GLU A 61 -6.49 -1.18 3.90
CA GLU A 61 -7.53 -0.31 4.42
C GLU A 61 -7.83 0.83 3.46
N VAL A 62 -6.76 1.42 2.91
CA VAL A 62 -6.91 2.53 1.97
C VAL A 62 -7.93 2.20 0.89
N LEU A 63 -7.92 0.96 0.44
CA LEU A 63 -8.86 0.52 -0.60
C LEU A 63 -10.13 -0.04 0.02
N SER A 64 -9.97 -0.91 1.02
CA SER A 64 -11.11 -1.53 1.69
C SER A 64 -12.16 -0.47 2.04
N ASP A 65 -11.70 0.67 2.53
CA ASP A 65 -12.60 1.77 2.90
C ASP A 65 -13.10 2.50 1.67
N SER A 66 -14.13 3.33 1.85
CA SER A 66 -14.70 4.09 0.75
C SER A 66 -14.08 5.48 0.66
N LYS A 67 -14.13 6.21 1.77
CA LYS A 67 -13.57 7.55 1.82
C LYS A 67 -12.07 7.54 1.51
N LYS A 68 -11.38 6.50 1.98
CA LYS A 68 -9.95 6.36 1.74
C LYS A 68 -9.67 6.11 0.27
N ARG A 69 -10.29 5.08 -0.29
CA ARG A 69 -10.10 4.73 -1.70
C ARG A 69 -10.51 5.90 -2.59
N SER A 70 -11.68 6.46 -2.33
CA SER A 70 -12.18 7.57 -3.12
C SER A 70 -11.24 8.77 -3.03
N LEU A 71 -10.89 9.14 -1.80
CA LEU A 71 -10.00 10.28 -1.57
C LEU A 71 -8.68 10.09 -2.31
N TYR A 72 -8.14 8.87 -2.25
CA TYR A 72 -6.88 8.57 -2.91
C TYR A 72 -7.01 8.72 -4.42
N ASP A 73 -8.13 8.26 -4.96
CA ASP A 73 -8.38 8.34 -6.40
C ASP A 73 -8.51 9.79 -6.84
N ARG A 74 -9.52 10.48 -6.31
CA ARG A 74 -9.76 11.88 -6.65
C ARG A 74 -8.48 12.70 -6.50
N ALA A 75 -7.76 12.47 -5.41
CA ALA A 75 -6.53 13.18 -5.15
C ALA A 75 -5.50 12.93 -6.25
N GLY A 76 -5.04 11.69 -6.36
CA GLY A 76 -4.07 11.34 -7.38
C GLY A 76 -2.92 12.32 -7.42
N CYS A 77 -2.04 12.15 -8.42
CA CYS A 77 -0.88 13.02 -8.57
C CYS A 77 -1.27 14.48 -8.37
N ASP A 78 -2.45 14.84 -8.86
CA ASP A 78 -2.94 16.21 -8.73
C ASP A 78 -2.89 16.67 -7.28
N SER A 79 -2.14 17.74 -7.02
CA SER A 79 -1.99 18.28 -5.68
C SER A 79 -3.14 19.24 -5.35
N TRP A 80 -3.57 20.00 -6.35
CA TRP A 80 -4.67 20.94 -6.17
C TRP A 80 -5.97 20.38 -6.69
N ARG A 81 -6.82 19.92 -5.77
CA ARG A 81 -8.11 19.35 -6.14
C ARG A 81 -9.14 20.44 -6.36
N ALA A 82 -9.49 20.66 -7.63
CA ALA A 82 -10.47 21.69 -7.98
C ALA A 82 -11.79 21.06 -8.42
N GLY A 83 -12.79 21.13 -7.55
CA GLY A 83 -14.09 20.56 -7.87
C GLY A 83 -14.93 20.30 -6.64
N GLY A 84 -15.51 21.37 -6.10
CA GLY A 84 -16.34 21.24 -4.91
C GLY A 84 -15.86 22.12 -3.78
N GLY A 85 -15.45 21.50 -2.68
CA GLY A 85 -14.98 22.26 -1.53
C GLY A 85 -14.80 21.39 -0.30
N ALA A 86 -13.55 21.06 0.01
CA ALA A 86 -13.24 20.23 1.17
C ALA A 86 -12.51 21.04 2.25
N SER A 87 -12.23 20.39 3.37
CA SER A 87 -11.54 21.05 4.48
C SER A 87 -10.53 20.11 5.11
N GLY A 88 -9.37 20.66 5.49
CA GLY A 88 -8.33 19.87 6.12
C GLY A 88 -8.52 19.73 7.61
N PRO A 89 -8.13 18.57 8.15
CA PRO A 89 -8.25 18.29 9.58
C PRO A 89 -7.28 19.10 10.42
N SER A 90 -7.82 20.00 11.24
CA SER A 90 -7.00 20.85 12.09
C SER A 90 -6.12 21.77 11.25
N SER A 91 -6.72 22.35 10.20
CA SER A 91 -5.98 23.25 9.32
C SER A 91 -6.93 24.28 8.70
N GLY A 92 -6.63 25.55 8.91
CA GLY A 92 -7.46 26.62 8.37
C GLY A 92 -8.41 27.19 9.40
N GLY A 1 9.24 5.17 -6.08
CA GLY A 1 9.31 4.05 -7.01
C GLY A 1 8.29 2.98 -6.72
N SER A 2 8.07 2.10 -7.69
CA SER A 2 7.10 1.02 -7.54
C SER A 2 7.12 0.46 -6.12
N SER A 3 8.33 0.18 -5.61
CA SER A 3 8.49 -0.36 -4.28
C SER A 3 9.64 0.34 -3.55
N GLY A 4 9.70 0.15 -2.23
CA GLY A 4 10.75 0.76 -1.44
C GLY A 4 10.24 1.32 -0.13
N SER A 5 11.15 1.71 0.75
CA SER A 5 10.79 2.26 2.05
C SER A 5 10.67 3.78 1.97
N SER A 6 11.62 4.42 1.29
CA SER A 6 11.61 5.87 1.16
C SER A 6 10.62 6.30 0.09
N GLY A 7 10.80 5.79 -1.12
CA GLY A 7 9.92 6.15 -2.22
C GLY A 7 8.47 5.76 -1.95
N MET A 8 7.56 6.32 -2.73
CA MET A 8 6.14 6.03 -2.56
C MET A 8 5.83 4.58 -2.91
N ALA A 9 4.60 4.16 -2.62
CA ALA A 9 4.19 2.78 -2.89
C ALA A 9 2.71 2.72 -3.25
N ASN A 10 2.43 2.39 -4.52
CA ASN A 10 1.05 2.30 -4.99
C ASN A 10 0.27 1.26 -4.18
N TYR A 11 -0.67 1.73 -3.37
CA TYR A 11 -1.48 0.84 -2.55
C TYR A 11 -1.87 -0.42 -3.32
N TYR A 12 -2.53 -0.23 -4.46
CA TYR A 12 -2.96 -1.34 -5.29
C TYR A 12 -1.81 -2.31 -5.53
N GLU A 13 -0.62 -1.78 -5.80
CA GLU A 13 0.56 -2.60 -6.05
C GLU A 13 0.99 -3.32 -4.77
N VAL A 14 1.18 -2.55 -3.70
CA VAL A 14 1.61 -3.10 -2.43
C VAL A 14 0.84 -4.38 -2.11
N LEU A 15 -0.47 -4.35 -2.33
CA LEU A 15 -1.33 -5.51 -2.07
C LEU A 15 -1.20 -6.54 -3.18
N GLY A 16 -1.19 -6.06 -4.43
CA GLY A 16 -1.08 -6.95 -5.57
C GLY A 16 -2.41 -7.19 -6.25
N VAL A 17 -3.25 -6.16 -6.30
CA VAL A 17 -4.56 -6.26 -6.92
C VAL A 17 -4.81 -5.10 -7.88
N GLN A 18 -5.80 -5.26 -8.74
CA GLN A 18 -6.15 -4.22 -9.71
C GLN A 18 -7.28 -3.34 -9.18
N ALA A 19 -7.46 -2.18 -9.80
CA ALA A 19 -8.50 -1.25 -9.40
C ALA A 19 -9.88 -1.83 -9.64
N SER A 20 -9.96 -2.76 -10.59
CA SER A 20 -11.23 -3.40 -10.93
C SER A 20 -11.47 -4.63 -10.07
N ALA A 21 -10.73 -4.73 -8.96
CA ALA A 21 -10.86 -5.86 -8.06
C ALA A 21 -12.02 -5.66 -7.09
N SER A 22 -12.59 -6.76 -6.62
CA SER A 22 -13.72 -6.71 -5.70
C SER A 22 -13.24 -6.40 -4.27
N PRO A 23 -14.17 -5.94 -3.43
CA PRO A 23 -13.87 -5.60 -2.03
C PRO A 23 -13.57 -6.84 -1.19
N GLU A 24 -13.78 -8.01 -1.77
CA GLU A 24 -13.52 -9.27 -1.07
C GLU A 24 -12.13 -9.79 -1.39
N ASP A 25 -11.71 -9.61 -2.63
CA ASP A 25 -10.39 -10.07 -3.07
C ASP A 25 -9.28 -9.44 -2.24
N ILE A 26 -9.32 -8.11 -2.14
CA ILE A 26 -8.32 -7.38 -1.38
C ILE A 26 -8.29 -7.85 0.08
N LYS A 27 -9.42 -8.33 0.56
CA LYS A 27 -9.52 -8.81 1.94
C LYS A 27 -8.81 -10.16 2.09
N LYS A 28 -9.21 -11.12 1.27
CA LYS A 28 -8.61 -12.45 1.31
C LYS A 28 -7.11 -12.38 1.07
N ALA A 29 -6.71 -11.56 0.10
CA ALA A 29 -5.30 -11.40 -0.23
C ALA A 29 -4.52 -10.87 0.96
N TYR A 30 -5.07 -9.86 1.63
CA TYR A 30 -4.42 -9.25 2.79
C TYR A 30 -4.06 -10.31 3.82
N ARG A 31 -5.08 -11.00 4.35
CA ARG A 31 -4.87 -12.04 5.34
C ARG A 31 -3.56 -12.78 5.09
N LYS A 32 -3.45 -13.38 3.90
CA LYS A 32 -2.25 -14.13 3.53
C LYS A 32 -1.05 -13.20 3.44
N LEU A 33 -1.23 -12.07 2.76
CA LEU A 33 -0.14 -11.10 2.60
C LEU A 33 0.54 -10.82 3.93
N ALA A 34 -0.23 -10.32 4.89
CA ALA A 34 0.30 -10.00 6.22
C ALA A 34 1.32 -11.05 6.66
N LEU A 35 0.94 -12.32 6.55
CA LEU A 35 1.81 -13.42 6.94
C LEU A 35 2.97 -13.57 5.96
N ARG A 36 2.67 -13.35 4.68
CA ARG A 36 3.68 -13.47 3.63
C ARG A 36 4.84 -12.50 3.88
N TRP A 37 4.50 -11.25 4.17
CA TRP A 37 5.50 -10.23 4.43
C TRP A 37 5.85 -10.17 5.91
N HIS A 38 5.50 -11.22 6.64
CA HIS A 38 5.78 -11.30 8.07
C HIS A 38 7.28 -11.38 8.34
N PRO A 39 7.75 -10.64 9.36
CA PRO A 39 9.16 -10.61 9.74
C PRO A 39 9.63 -11.93 10.35
N ASP A 40 8.79 -12.51 11.19
CA ASP A 40 9.11 -13.78 11.83
C ASP A 40 9.28 -14.89 10.80
N LYS A 41 8.49 -14.83 9.73
CA LYS A 41 8.56 -15.82 8.67
C LYS A 41 9.81 -15.64 7.81
N ASN A 42 10.36 -14.44 7.85
CA ASN A 42 11.56 -14.13 7.09
C ASN A 42 12.77 -13.97 8.01
N PRO A 43 13.61 -15.02 8.06
CA PRO A 43 14.83 -15.02 8.89
C PRO A 43 15.88 -14.07 8.37
N ASP A 44 16.18 -14.15 7.08
CA ASP A 44 17.18 -13.29 6.45
C ASP A 44 16.85 -11.82 6.70
N ASN A 45 15.65 -11.40 6.28
CA ASN A 45 15.23 -10.02 6.45
C ASN A 45 14.03 -9.94 7.40
N LYS A 46 14.28 -9.41 8.60
CA LYS A 46 13.22 -9.28 9.60
C LYS A 46 12.59 -7.89 9.52
N GLU A 47 13.41 -6.85 9.55
CA GLU A 47 12.93 -5.48 9.49
C GLU A 47 12.24 -5.22 8.15
N GLU A 48 13.00 -5.31 7.07
CA GLU A 48 12.47 -5.07 5.73
C GLU A 48 11.05 -5.61 5.60
N ALA A 49 10.81 -6.79 6.18
CA ALA A 49 9.50 -7.41 6.14
C ALA A 49 8.51 -6.65 7.01
N GLU A 50 8.93 -6.29 8.22
CA GLU A 50 8.08 -5.57 9.15
C GLU A 50 7.36 -4.42 8.45
N LYS A 51 8.14 -3.51 7.87
CA LYS A 51 7.58 -2.36 7.17
C LYS A 51 6.43 -2.78 6.27
N LYS A 52 6.69 -3.75 5.39
CA LYS A 52 5.66 -4.24 4.48
C LYS A 52 4.37 -4.54 5.22
N PHE A 53 4.50 -5.18 6.38
CA PHE A 53 3.34 -5.53 7.19
C PHE A 53 2.40 -4.32 7.35
N LYS A 54 2.96 -3.20 7.77
CA LYS A 54 2.17 -1.98 7.94
C LYS A 54 1.49 -1.57 6.64
N LEU A 55 2.23 -1.63 5.55
CA LEU A 55 1.70 -1.26 4.24
C LEU A 55 0.50 -2.13 3.88
N VAL A 56 0.67 -3.45 3.98
CA VAL A 56 -0.40 -4.38 3.67
C VAL A 56 -1.69 -4.00 4.38
N SER A 57 -1.58 -3.72 5.69
CA SER A 57 -2.74 -3.34 6.48
C SER A 57 -3.26 -1.97 6.06
N GLU A 58 -2.36 -0.99 5.98
CA GLU A 58 -2.74 0.36 5.60
C GLU A 58 -3.48 0.36 4.27
N ALA A 59 -2.78 -0.04 3.21
CA ALA A 59 -3.37 -0.09 1.87
C ALA A 59 -4.64 -0.94 1.87
N TYR A 60 -4.59 -2.07 2.56
CA TYR A 60 -5.73 -2.98 2.63
C TYR A 60 -7.00 -2.22 3.02
N GLU A 61 -6.85 -1.26 3.94
CA GLU A 61 -7.99 -0.48 4.40
C GLU A 61 -8.26 0.69 3.45
N VAL A 62 -7.21 1.44 3.12
CA VAL A 62 -7.34 2.57 2.22
C VAL A 62 -8.19 2.22 1.01
N LEU A 63 -8.06 0.99 0.54
CA LEU A 63 -8.83 0.53 -0.62
C LEU A 63 -10.18 -0.03 -0.18
N SER A 64 -10.17 -0.84 0.87
CA SER A 64 -11.39 -1.45 1.38
C SER A 64 -12.46 -0.39 1.62
N ASP A 65 -12.08 0.69 2.28
CA ASP A 65 -13.00 1.78 2.57
C ASP A 65 -13.45 2.48 1.29
N SER A 66 -14.54 3.24 1.38
CA SER A 66 -15.06 3.96 0.23
C SER A 66 -14.51 5.38 0.16
N LYS A 67 -14.38 6.00 1.33
CA LYS A 67 -13.86 7.37 1.40
C LYS A 67 -12.36 7.40 1.09
N LYS A 68 -11.65 6.39 1.56
CA LYS A 68 -10.21 6.30 1.34
C LYS A 68 -9.92 5.85 -0.09
N ARG A 69 -10.58 4.77 -0.52
CA ARG A 69 -10.39 4.24 -1.87
C ARG A 69 -10.47 5.35 -2.90
N SER A 70 -11.56 6.11 -2.86
CA SER A 70 -11.76 7.22 -3.80
C SER A 70 -10.75 8.34 -3.56
N LEU A 71 -10.61 8.74 -2.30
CA LEU A 71 -9.69 9.79 -1.94
C LEU A 71 -8.30 9.52 -2.50
N TYR A 72 -7.86 8.27 -2.41
CA TYR A 72 -6.56 7.88 -2.93
C TYR A 72 -6.37 8.33 -4.38
N ASP A 73 -7.23 7.84 -5.25
CA ASP A 73 -7.16 8.19 -6.66
C ASP A 73 -6.88 9.69 -6.84
N ARG A 74 -7.56 10.51 -6.06
CA ARG A 74 -7.38 11.95 -6.12
C ARG A 74 -5.93 12.33 -5.85
N ALA A 75 -5.44 11.95 -4.67
CA ALA A 75 -4.07 12.26 -4.27
C ALA A 75 -3.08 11.72 -5.31
N GLY A 76 -3.21 10.45 -5.66
CA GLY A 76 -2.31 9.85 -6.63
C GLY A 76 -2.00 10.78 -7.78
N CYS A 77 -3.04 11.47 -8.27
CA CYS A 77 -2.87 12.40 -9.39
C CYS A 77 -2.54 13.80 -8.88
N ASP A 78 -1.29 14.20 -9.05
CA ASP A 78 -0.85 15.52 -8.60
C ASP A 78 0.46 15.92 -9.29
N SER A 79 0.79 17.20 -9.23
CA SER A 79 2.01 17.71 -9.84
C SER A 79 3.23 17.42 -8.98
N TRP A 80 3.23 17.96 -7.77
CA TRP A 80 4.34 17.75 -6.84
C TRP A 80 3.83 17.57 -5.42
N ARG A 81 3.85 16.34 -4.93
CA ARG A 81 3.40 16.03 -3.58
C ARG A 81 4.57 15.59 -2.70
N ALA A 82 4.82 16.37 -1.65
CA ALA A 82 5.89 16.07 -0.72
C ALA A 82 5.36 15.73 0.66
N GLY A 83 6.23 15.21 1.53
CA GLY A 83 5.82 14.85 2.87
C GLY A 83 6.88 14.05 3.60
N GLY A 84 6.46 13.24 4.56
CA GLY A 84 7.38 12.44 5.33
C GLY A 84 6.69 11.57 6.36
N GLY A 85 6.45 12.14 7.54
CA GLY A 85 5.79 11.40 8.60
C GLY A 85 4.46 12.01 9.00
N ALA A 86 3.56 11.18 9.49
CA ALA A 86 2.23 11.65 9.91
C ALA A 86 1.78 10.94 11.17
N SER A 87 1.00 11.64 12.00
CA SER A 87 0.50 11.08 13.24
C SER A 87 -0.97 10.72 13.12
N GLY A 88 -1.41 9.75 13.92
CA GLY A 88 -2.80 9.33 13.89
C GLY A 88 -3.66 10.11 14.87
N PRO A 89 -4.98 9.93 14.76
CA PRO A 89 -5.95 10.62 15.63
C PRO A 89 -5.90 10.10 17.07
N SER A 90 -6.26 10.97 18.01
CA SER A 90 -6.25 10.61 19.42
C SER A 90 -7.50 9.83 19.78
N SER A 91 -8.66 10.43 19.55
CA SER A 91 -9.94 9.79 19.85
C SER A 91 -10.05 9.48 21.35
N GLY A 92 -9.62 10.43 22.17
CA GLY A 92 -9.67 10.24 23.61
C GLY A 92 -9.32 8.83 24.02
N GLY A 1 18.43 1.46 -6.85
CA GLY A 1 18.39 2.83 -7.33
C GLY A 1 18.62 3.84 -6.22
N SER A 2 19.80 4.45 -6.21
CA SER A 2 20.14 5.43 -5.18
C SER A 2 19.86 6.85 -5.69
N SER A 3 20.52 7.23 -6.77
CA SER A 3 20.35 8.56 -7.34
C SER A 3 18.87 8.90 -7.52
N GLY A 4 18.18 8.08 -8.32
CA GLY A 4 16.77 8.31 -8.55
C GLY A 4 15.93 8.11 -7.29
N SER A 5 14.83 8.83 -7.20
CA SER A 5 13.94 8.73 -6.04
C SER A 5 12.64 8.01 -6.41
N SER A 6 11.89 7.62 -5.40
CA SER A 6 10.62 6.92 -5.61
C SER A 6 9.49 7.61 -4.86
N GLY A 7 8.35 7.76 -5.52
CA GLY A 7 7.20 8.39 -4.89
C GLY A 7 6.54 7.51 -3.85
N MET A 8 5.23 7.69 -3.68
CA MET A 8 4.47 6.90 -2.71
C MET A 8 4.18 5.51 -3.26
N ALA A 9 4.37 4.49 -2.43
CA ALA A 9 4.13 3.11 -2.83
C ALA A 9 2.67 2.91 -3.25
N ASN A 10 2.48 2.49 -4.50
CA ASN A 10 1.14 2.27 -5.03
C ASN A 10 0.42 1.18 -4.24
N TYR A 11 -0.53 1.59 -3.40
CA TYR A 11 -1.30 0.64 -2.59
C TYR A 11 -1.68 -0.59 -3.41
N TYR A 12 -2.36 -0.36 -4.53
CA TYR A 12 -2.78 -1.46 -5.40
C TYR A 12 -1.64 -2.42 -5.66
N GLU A 13 -0.45 -1.87 -5.91
CA GLU A 13 0.73 -2.68 -6.18
C GLU A 13 1.14 -3.48 -4.93
N VAL A 14 1.35 -2.77 -3.83
CA VAL A 14 1.75 -3.41 -2.58
C VAL A 14 0.95 -4.68 -2.34
N LEU A 15 -0.38 -4.57 -2.42
CA LEU A 15 -1.26 -5.71 -2.21
C LEU A 15 -1.21 -6.66 -3.40
N GLY A 16 -1.18 -6.09 -4.60
CA GLY A 16 -1.14 -6.89 -5.81
C GLY A 16 -2.50 -7.03 -6.47
N VAL A 17 -3.29 -5.98 -6.41
CA VAL A 17 -4.62 -5.98 -6.99
C VAL A 17 -4.89 -4.71 -7.78
N GLN A 18 -5.94 -4.71 -8.59
CA GLN A 18 -6.29 -3.56 -9.41
C GLN A 18 -7.66 -3.02 -9.01
N ALA A 19 -7.92 -1.75 -9.36
CA ALA A 19 -9.19 -1.12 -9.04
C ALA A 19 -10.36 -2.00 -9.48
N SER A 20 -10.22 -2.64 -10.63
CA SER A 20 -11.27 -3.50 -11.17
C SER A 20 -11.61 -4.62 -10.18
N ALA A 21 -10.64 -4.96 -9.33
CA ALA A 21 -10.83 -6.01 -8.34
C ALA A 21 -11.98 -5.65 -7.39
N SER A 22 -12.54 -6.68 -6.75
CA SER A 22 -13.65 -6.48 -5.82
C SER A 22 -13.13 -6.26 -4.41
N PRO A 23 -14.00 -5.72 -3.54
CA PRO A 23 -13.66 -5.45 -2.14
C PRO A 23 -13.49 -6.73 -1.32
N GLU A 24 -13.73 -7.87 -1.97
CA GLU A 24 -13.61 -9.16 -1.30
C GLU A 24 -12.23 -9.76 -1.54
N ASP A 25 -11.73 -9.60 -2.75
CA ASP A 25 -10.42 -10.13 -3.11
C ASP A 25 -9.31 -9.40 -2.36
N ILE A 26 -9.45 -8.09 -2.25
CA ILE A 26 -8.47 -7.28 -1.54
C ILE A 26 -8.40 -7.63 -0.06
N LYS A 27 -9.54 -8.00 0.50
CA LYS A 27 -9.62 -8.36 1.91
C LYS A 27 -8.91 -9.70 2.16
N LYS A 28 -9.28 -10.71 1.37
CA LYS A 28 -8.68 -12.03 1.51
C LYS A 28 -7.20 -12.00 1.15
N ALA A 29 -6.87 -11.23 0.12
CA ALA A 29 -5.48 -11.10 -0.32
C ALA A 29 -4.59 -10.53 0.78
N TYR A 30 -5.13 -9.56 1.52
CA TYR A 30 -4.40 -8.93 2.61
C TYR A 30 -3.99 -9.95 3.66
N ARG A 31 -5.00 -10.56 4.30
CA ARG A 31 -4.75 -11.55 5.33
C ARG A 31 -3.52 -12.39 5.00
N LYS A 32 -3.54 -13.02 3.83
CA LYS A 32 -2.43 -13.84 3.38
C LYS A 32 -1.15 -13.03 3.26
N LEU A 33 -1.25 -11.85 2.66
CA LEU A 33 -0.11 -10.97 2.48
C LEU A 33 0.62 -10.74 3.81
N ALA A 34 -0.14 -10.30 4.81
CA ALA A 34 0.43 -10.04 6.14
C ALA A 34 1.40 -11.14 6.54
N LEU A 35 0.96 -12.39 6.38
CA LEU A 35 1.79 -13.54 6.73
C LEU A 35 2.98 -13.65 5.79
N ARG A 36 2.75 -13.37 4.52
CA ARG A 36 3.81 -13.45 3.52
C ARG A 36 4.95 -12.49 3.85
N TRP A 37 4.61 -11.22 4.03
CA TRP A 37 5.60 -10.20 4.36
C TRP A 37 5.90 -10.20 5.86
N HIS A 38 5.48 -11.25 6.54
CA HIS A 38 5.71 -11.36 7.98
C HIS A 38 7.20 -11.52 8.28
N PRO A 39 7.66 -10.83 9.34
CA PRO A 39 9.06 -10.87 9.75
C PRO A 39 9.46 -12.22 10.35
N ASP A 40 8.56 -12.80 11.13
CA ASP A 40 8.81 -14.09 11.76
C ASP A 40 8.97 -15.18 10.70
N LYS A 41 8.22 -15.07 9.61
CA LYS A 41 8.27 -16.05 8.53
C LYS A 41 9.55 -15.88 7.72
N ASN A 42 10.15 -14.70 7.81
CA ASN A 42 11.38 -14.41 7.09
C ASN A 42 12.57 -14.34 8.04
N PRO A 43 13.37 -15.42 8.07
CA PRO A 43 14.55 -15.51 8.93
C PRO A 43 15.67 -14.57 8.48
N ASP A 44 16.02 -14.66 7.20
CA ASP A 44 17.08 -13.82 6.64
C ASP A 44 16.95 -12.38 7.12
N ASN A 45 15.82 -11.76 6.79
CA ASN A 45 15.56 -10.37 7.18
C ASN A 45 14.22 -10.25 7.89
N LYS A 46 14.26 -9.87 9.16
CA LYS A 46 13.04 -9.71 9.95
C LYS A 46 12.55 -8.26 9.90
N GLU A 47 13.44 -7.32 10.14
CA GLU A 47 13.09 -5.91 10.12
C GLU A 47 12.54 -5.50 8.75
N GLU A 48 13.35 -5.69 7.71
CA GLU A 48 12.95 -5.34 6.35
C GLU A 48 11.50 -5.74 6.10
N ALA A 49 11.12 -6.92 6.59
CA ALA A 49 9.76 -7.42 6.42
C ALA A 49 8.77 -6.63 7.28
N GLU A 50 9.10 -6.47 8.55
CA GLU A 50 8.25 -5.74 9.48
C GLU A 50 7.61 -4.54 8.79
N LYS A 51 8.44 -3.62 8.31
CA LYS A 51 7.95 -2.43 7.63
C LYS A 51 6.86 -2.78 6.64
N LYS A 52 7.13 -3.74 5.76
CA LYS A 52 6.15 -4.17 4.76
C LYS A 52 4.82 -4.51 5.42
N PHE A 53 4.89 -5.10 6.61
CA PHE A 53 3.69 -5.49 7.34
C PHE A 53 2.76 -4.29 7.53
N LYS A 54 3.35 -3.13 7.80
CA LYS A 54 2.58 -1.91 8.01
C LYS A 54 1.92 -1.46 6.71
N LEU A 55 2.70 -1.43 5.63
CA LEU A 55 2.19 -1.02 4.33
C LEU A 55 0.98 -1.84 3.93
N VAL A 56 1.12 -3.17 4.00
CA VAL A 56 0.02 -4.06 3.65
C VAL A 56 -1.22 -3.75 4.46
N SER A 57 -1.04 -3.52 5.76
CA SER A 57 -2.16 -3.21 6.64
C SER A 57 -2.80 -1.88 6.27
N GLU A 58 -1.97 -0.85 6.12
CA GLU A 58 -2.45 0.48 5.76
C GLU A 58 -3.14 0.46 4.39
N ALA A 59 -2.36 0.14 3.35
CA ALA A 59 -2.90 0.08 1.99
C ALA A 59 -4.19 -0.73 1.95
N TYR A 60 -4.20 -1.86 2.62
CA TYR A 60 -5.38 -2.73 2.66
C TYR A 60 -6.62 -1.94 3.05
N GLU A 61 -6.45 -1.02 4.00
CA GLU A 61 -7.57 -0.20 4.47
C GLU A 61 -7.84 0.95 3.50
N VAL A 62 -6.78 1.59 3.03
CA VAL A 62 -6.90 2.70 2.09
C VAL A 62 -7.83 2.34 0.94
N LEU A 63 -7.81 1.08 0.53
CA LEU A 63 -8.66 0.61 -0.56
C LEU A 63 -9.95 -0.01 -0.03
N SER A 64 -9.81 -0.87 0.97
CA SER A 64 -10.97 -1.53 1.58
C SER A 64 -12.07 -0.51 1.89
N ASP A 65 -11.65 0.67 2.34
CA ASP A 65 -12.61 1.73 2.67
C ASP A 65 -13.20 2.35 1.41
N SER A 66 -14.41 2.88 1.52
CA SER A 66 -15.09 3.50 0.40
C SER A 66 -14.60 4.94 0.19
N LYS A 67 -14.37 5.64 1.29
CA LYS A 67 -13.90 7.01 1.23
C LYS A 67 -12.42 7.08 0.85
N LYS A 68 -11.60 6.25 1.50
CA LYS A 68 -10.18 6.21 1.22
C LYS A 68 -9.91 5.77 -0.22
N ARG A 69 -10.56 4.66 -0.61
CA ARG A 69 -10.39 4.14 -1.97
C ARG A 69 -10.57 5.25 -3.01
N SER A 70 -11.72 5.92 -2.95
CA SER A 70 -12.01 6.99 -3.90
C SER A 70 -11.08 8.17 -3.68
N LEU A 71 -10.88 8.55 -2.42
CA LEU A 71 -10.00 9.67 -2.08
C LEU A 71 -8.63 9.50 -2.73
N TYR A 72 -8.09 8.29 -2.64
CA TYR A 72 -6.79 8.00 -3.22
C TYR A 72 -6.78 8.26 -4.72
N ASP A 73 -7.87 7.88 -5.39
CA ASP A 73 -7.98 8.08 -6.83
C ASP A 73 -8.06 9.56 -7.16
N ARG A 74 -9.11 10.22 -6.69
CA ARG A 74 -9.30 11.64 -6.95
C ARG A 74 -8.04 12.44 -6.59
N ALA A 75 -7.47 12.13 -5.43
CA ALA A 75 -6.27 12.81 -4.97
C ALA A 75 -5.10 12.52 -5.90
N GLY A 76 -4.75 11.24 -6.05
CA GLY A 76 -3.65 10.86 -6.91
C GLY A 76 -2.30 11.20 -6.29
N CYS A 77 -1.77 12.35 -6.67
CA CYS A 77 -0.47 12.80 -6.17
C CYS A 77 -0.60 14.16 -5.49
N ASP A 78 0.13 14.33 -4.39
CA ASP A 78 0.11 15.58 -3.65
C ASP A 78 1.23 16.51 -4.10
N SER A 79 0.92 17.80 -4.23
CA SER A 79 1.90 18.78 -4.66
C SER A 79 2.88 19.11 -3.55
N TRP A 80 2.42 18.93 -2.30
CA TRP A 80 3.26 19.21 -1.14
C TRP A 80 2.93 18.24 0.00
N ARG A 81 3.89 17.38 0.32
CA ARG A 81 3.71 16.41 1.40
C ARG A 81 4.65 16.70 2.56
N ALA A 82 4.08 17.02 3.72
CA ALA A 82 4.86 17.32 4.91
C ALA A 82 5.91 16.25 5.15
N GLY A 83 5.50 14.98 5.09
CA GLY A 83 6.41 13.89 5.31
C GLY A 83 5.88 12.87 6.30
N GLY A 84 5.79 13.26 7.57
CA GLY A 84 5.30 12.36 8.58
C GLY A 84 4.56 13.09 9.69
N GLY A 85 5.27 14.00 10.36
CA GLY A 85 4.66 14.75 11.45
C GLY A 85 4.41 13.90 12.68
N ALA A 86 3.81 14.51 13.70
CA ALA A 86 3.51 13.80 14.94
C ALA A 86 2.17 13.07 14.85
N SER A 87 1.17 13.76 14.31
CA SER A 87 -0.16 13.17 14.18
C SER A 87 -0.08 11.71 13.75
N GLY A 88 0.50 11.48 12.58
CA GLY A 88 0.64 10.12 12.08
C GLY A 88 -0.66 9.58 11.52
N PRO A 89 -0.63 8.31 11.07
CA PRO A 89 -1.81 7.65 10.50
C PRO A 89 -2.89 7.36 11.55
N SER A 90 -4.14 7.56 11.16
CA SER A 90 -5.27 7.33 12.07
C SER A 90 -5.04 6.08 12.91
N SER A 91 -4.69 4.98 12.24
CA SER A 91 -4.44 3.72 12.93
C SER A 91 -3.05 3.19 12.60
N GLY A 92 -2.36 2.68 13.63
CA GLY A 92 -1.02 2.15 13.43
C GLY A 92 0.05 3.03 14.02
N GLY A 1 23.08 6.58 -10.64
CA GLY A 1 22.81 6.66 -9.22
C GLY A 1 21.68 5.75 -8.80
N SER A 2 20.65 6.32 -8.17
CA SER A 2 19.50 5.54 -7.71
C SER A 2 18.26 5.89 -8.51
N SER A 3 17.34 4.93 -8.60
CA SER A 3 16.10 5.13 -9.35
C SER A 3 14.94 5.43 -8.41
N GLY A 4 14.39 6.63 -8.53
CA GLY A 4 13.27 7.02 -7.68
C GLY A 4 13.31 8.49 -7.32
N SER A 5 12.60 9.32 -8.09
CA SER A 5 12.57 10.75 -7.85
C SER A 5 11.33 11.13 -7.03
N SER A 6 10.19 10.56 -7.41
CA SER A 6 8.93 10.84 -6.73
C SER A 6 8.78 9.96 -5.49
N GLY A 7 8.13 10.50 -4.46
CA GLY A 7 7.93 9.76 -3.23
C GLY A 7 6.48 9.37 -3.02
N MET A 8 6.02 8.37 -3.78
CA MET A 8 4.64 7.90 -3.67
C MET A 8 4.54 6.41 -3.99
N ALA A 9 3.92 5.66 -3.09
CA ALA A 9 3.76 4.22 -3.28
C ALA A 9 2.31 3.87 -3.56
N ASN A 10 2.07 3.32 -4.75
CA ASN A 10 0.72 2.93 -5.16
C ASN A 10 0.20 1.78 -4.29
N TYR A 11 -0.77 2.08 -3.44
CA TYR A 11 -1.36 1.08 -2.56
C TYR A 11 -1.69 -0.20 -3.33
N TYR A 12 -2.43 -0.04 -4.42
CA TYR A 12 -2.83 -1.18 -5.25
C TYR A 12 -1.66 -2.13 -5.46
N GLU A 13 -0.49 -1.56 -5.71
CA GLU A 13 0.72 -2.36 -5.94
C GLU A 13 1.10 -3.12 -4.67
N VAL A 14 1.24 -2.39 -3.57
CA VAL A 14 1.60 -3.00 -2.29
C VAL A 14 0.84 -4.29 -2.06
N LEU A 15 -0.48 -4.23 -2.20
CA LEU A 15 -1.33 -5.40 -2.00
C LEU A 15 -1.23 -6.35 -3.20
N GLY A 16 -1.19 -5.78 -4.40
CA GLY A 16 -1.10 -6.60 -5.60
C GLY A 16 -2.45 -6.84 -6.25
N VAL A 17 -3.30 -5.82 -6.22
CA VAL A 17 -4.63 -5.93 -6.81
C VAL A 17 -4.92 -4.76 -7.74
N GLN A 18 -6.02 -4.86 -8.48
CA GLN A 18 -6.41 -3.82 -9.43
C GLN A 18 -7.54 -2.97 -8.86
N ALA A 19 -7.78 -1.82 -9.47
CA ALA A 19 -8.83 -0.92 -9.04
C ALA A 19 -10.21 -1.54 -9.22
N SER A 20 -10.36 -2.32 -10.30
CA SER A 20 -11.62 -2.98 -10.59
C SER A 20 -11.71 -4.33 -9.88
N ALA A 21 -10.86 -4.52 -8.88
CA ALA A 21 -10.84 -5.76 -8.12
C ALA A 21 -12.05 -5.86 -7.19
N SER A 22 -12.30 -7.05 -6.68
CA SER A 22 -13.43 -7.28 -5.78
C SER A 22 -13.06 -6.89 -4.35
N PRO A 23 -14.09 -6.55 -3.56
CA PRO A 23 -13.91 -6.16 -2.15
C PRO A 23 -13.48 -7.31 -1.27
N GLU A 24 -13.59 -8.54 -1.80
CA GLU A 24 -13.21 -9.73 -1.05
C GLU A 24 -11.78 -10.15 -1.39
N ASP A 25 -11.35 -9.82 -2.60
CA ASP A 25 -10.00 -10.17 -3.04
C ASP A 25 -8.95 -9.38 -2.26
N ILE A 26 -9.18 -8.08 -2.11
CA ILE A 26 -8.26 -7.23 -1.38
C ILE A 26 -8.10 -7.70 0.06
N LYS A 27 -9.22 -8.06 0.68
CA LYS A 27 -9.21 -8.53 2.07
C LYS A 27 -8.44 -9.85 2.18
N LYS A 28 -8.75 -10.79 1.29
CA LYS A 28 -8.11 -12.09 1.30
C LYS A 28 -6.60 -11.95 1.09
N ALA A 29 -6.22 -11.14 0.10
CA ALA A 29 -4.81 -10.92 -0.19
C ALA A 29 -4.08 -10.30 1.00
N TYR A 30 -4.72 -9.33 1.65
CA TYR A 30 -4.13 -8.67 2.80
C TYR A 30 -3.74 -9.68 3.87
N ARG A 31 -4.73 -10.41 4.39
CA ARG A 31 -4.50 -11.41 5.41
C ARG A 31 -3.24 -12.21 5.10
N LYS A 32 -3.26 -12.93 3.99
CA LYS A 32 -2.12 -13.75 3.57
C LYS A 32 -0.86 -12.90 3.47
N LEU A 33 -0.98 -11.73 2.87
CA LEU A 33 0.16 -10.83 2.72
C LEU A 33 0.84 -10.58 4.06
N ALA A 34 0.08 -10.04 5.01
CA ALA A 34 0.60 -9.75 6.33
C ALA A 34 1.56 -10.84 6.80
N LEU A 35 1.10 -12.09 6.72
CA LEU A 35 1.91 -13.23 7.13
C LEU A 35 3.09 -13.43 6.17
N ARG A 36 2.84 -13.23 4.89
CA ARG A 36 3.88 -13.39 3.87
C ARG A 36 5.07 -12.48 4.15
N TRP A 37 4.78 -11.19 4.30
CA TRP A 37 5.83 -10.21 4.59
C TRP A 37 6.21 -10.21 6.06
N HIS A 38 5.79 -11.26 6.77
CA HIS A 38 6.09 -11.39 8.19
C HIS A 38 7.54 -11.82 8.40
N PRO A 39 8.18 -11.23 9.42
CA PRO A 39 9.57 -11.54 9.76
C PRO A 39 9.74 -12.94 10.32
N ASP A 40 8.87 -13.32 11.24
CA ASP A 40 8.91 -14.64 11.86
C ASP A 40 8.98 -15.73 10.80
N LYS A 41 8.31 -15.49 9.67
CA LYS A 41 8.29 -16.46 8.58
C LYS A 41 9.50 -16.27 7.67
N ASN A 42 10.10 -15.10 7.72
CA ASN A 42 11.27 -14.79 6.91
C ASN A 42 12.52 -14.69 7.77
N PRO A 43 13.34 -15.74 7.75
CA PRO A 43 14.59 -15.79 8.53
C PRO A 43 15.65 -14.84 7.98
N ASP A 44 15.90 -14.94 6.69
CA ASP A 44 16.90 -14.09 6.03
C ASP A 44 16.82 -12.66 6.57
N ASN A 45 15.68 -12.01 6.35
CA ASN A 45 15.48 -10.64 6.81
C ASN A 45 14.15 -10.51 7.54
N LYS A 46 14.22 -10.19 8.83
CA LYS A 46 13.02 -10.02 9.64
C LYS A 46 12.59 -8.55 9.68
N GLU A 47 13.41 -7.71 10.27
CA GLU A 47 13.11 -6.28 10.37
C GLU A 47 12.47 -5.78 9.08
N GLU A 48 13.12 -6.05 7.96
CA GLU A 48 12.60 -5.62 6.66
C GLU A 48 11.18 -6.10 6.46
N ALA A 49 10.93 -7.37 6.74
CA ALA A 49 9.59 -7.95 6.59
C ALA A 49 8.56 -7.18 7.41
N GLU A 50 8.80 -7.09 8.72
CA GLU A 50 7.89 -6.38 9.61
C GLU A 50 7.39 -5.09 8.97
N LYS A 51 8.33 -4.20 8.65
CA LYS A 51 7.98 -2.93 8.03
C LYS A 51 6.86 -3.11 7.01
N LYS A 52 7.09 -3.94 6.00
CA LYS A 52 6.10 -4.20 4.97
C LYS A 52 4.74 -4.49 5.59
N PHE A 53 4.73 -5.31 6.63
CA PHE A 53 3.49 -5.68 7.31
C PHE A 53 2.61 -4.45 7.52
N LYS A 54 3.22 -3.36 7.97
CA LYS A 54 2.49 -2.12 8.20
C LYS A 54 1.88 -1.59 6.92
N LEU A 55 2.69 -1.50 5.88
CA LEU A 55 2.23 -1.00 4.57
C LEU A 55 1.01 -1.79 4.11
N VAL A 56 1.12 -3.12 4.13
CA VAL A 56 0.01 -3.97 3.72
C VAL A 56 -1.28 -3.60 4.42
N SER A 57 -1.18 -3.31 5.71
CA SER A 57 -2.35 -2.94 6.50
C SER A 57 -2.94 -1.61 6.01
N GLU A 58 -2.09 -0.60 5.95
CA GLU A 58 -2.52 0.73 5.50
C GLU A 58 -3.22 0.64 4.14
N ALA A 59 -2.50 0.17 3.14
CA ALA A 59 -3.04 0.03 1.80
C ALA A 59 -4.33 -0.78 1.80
N TYR A 60 -4.32 -1.89 2.53
CA TYR A 60 -5.48 -2.76 2.63
C TYR A 60 -6.73 -1.96 3.03
N GLU A 61 -6.54 -1.00 3.92
CA GLU A 61 -7.64 -0.17 4.39
C GLU A 61 -7.95 0.93 3.39
N VAL A 62 -6.92 1.63 2.94
CA VAL A 62 -7.07 2.71 1.97
C VAL A 62 -8.04 2.32 0.86
N LEU A 63 -7.95 1.08 0.41
CA LEU A 63 -8.82 0.58 -0.65
C LEU A 63 -10.10 -0.01 -0.06
N SER A 64 -9.94 -0.84 0.97
CA SER A 64 -11.08 -1.47 1.61
C SER A 64 -12.19 -0.47 1.88
N ASP A 65 -11.81 0.74 2.28
CA ASP A 65 -12.77 1.79 2.57
C ASP A 65 -13.31 2.40 1.27
N SER A 66 -14.44 3.08 1.37
CA SER A 66 -15.06 3.71 0.21
C SER A 66 -14.62 5.16 0.07
N LYS A 67 -14.55 5.87 1.19
CA LYS A 67 -14.14 7.27 1.20
C LYS A 67 -12.66 7.40 0.85
N LYS A 68 -11.85 6.47 1.35
CA LYS A 68 -10.42 6.47 1.09
C LYS A 68 -10.12 6.04 -0.34
N ARG A 69 -10.73 4.92 -0.75
CA ARG A 69 -10.53 4.40 -2.09
C ARG A 69 -10.91 5.43 -3.15
N SER A 70 -12.05 6.09 -2.95
CA SER A 70 -12.53 7.10 -3.87
C SER A 70 -11.59 8.30 -3.91
N LEU A 71 -11.23 8.80 -2.74
CA LEU A 71 -10.34 9.94 -2.63
C LEU A 71 -9.00 9.65 -3.31
N TYR A 72 -8.45 8.48 -3.03
CA TYR A 72 -7.17 8.08 -3.61
C TYR A 72 -7.12 8.38 -5.10
N ASP A 73 -8.09 7.84 -5.85
CA ASP A 73 -8.16 8.05 -7.28
C ASP A 73 -8.16 9.54 -7.61
N ARG A 74 -9.05 10.29 -6.97
CA ARG A 74 -9.16 11.72 -7.19
C ARG A 74 -7.77 12.37 -7.21
N ALA A 75 -6.99 12.11 -6.16
CA ALA A 75 -5.65 12.67 -6.06
C ALA A 75 -4.93 12.62 -7.40
N GLY A 76 -5.03 11.48 -8.08
CA GLY A 76 -4.39 11.33 -9.37
C GLY A 76 -4.48 9.91 -9.91
N CYS A 77 -3.43 9.48 -10.61
CA CYS A 77 -3.39 8.14 -11.17
C CYS A 77 -4.59 7.89 -12.07
N ASP A 78 -4.94 8.90 -12.88
CA ASP A 78 -6.07 8.79 -13.79
C ASP A 78 -5.61 8.87 -15.24
N SER A 79 -6.38 8.25 -16.13
CA SER A 79 -6.04 8.24 -17.55
C SER A 79 -5.75 9.65 -18.05
N TRP A 80 -6.73 10.54 -17.91
CA TRP A 80 -6.57 11.93 -18.33
C TRP A 80 -5.18 12.45 -17.97
N ARG A 81 -4.85 12.41 -16.68
CA ARG A 81 -3.56 12.89 -16.21
C ARG A 81 -2.42 12.26 -17.02
N ALA A 82 -2.35 10.94 -17.00
CA ALA A 82 -1.31 10.21 -17.73
C ALA A 82 -1.37 10.52 -19.22
N GLY A 83 -0.22 10.81 -19.82
CA GLY A 83 -0.17 11.12 -21.23
C GLY A 83 0.13 12.58 -21.49
N GLY A 84 0.15 12.96 -22.77
CA GLY A 84 0.43 14.34 -23.13
C GLY A 84 1.54 14.46 -24.15
N GLY A 85 2.24 15.58 -24.13
CA GLY A 85 3.34 15.80 -25.07
C GLY A 85 4.43 16.68 -24.49
N ALA A 86 4.24 17.98 -24.57
CA ALA A 86 5.22 18.94 -24.04
C ALA A 86 5.53 18.65 -22.58
N SER A 87 4.49 18.55 -21.76
CA SER A 87 4.65 18.30 -20.34
C SER A 87 5.33 16.96 -20.11
N GLY A 88 6.09 16.86 -19.03
CA GLY A 88 6.79 15.62 -18.72
C GLY A 88 7.43 15.65 -17.33
N PRO A 89 8.73 15.92 -17.28
CA PRO A 89 9.48 15.98 -16.02
C PRO A 89 9.10 17.18 -15.18
N SER A 90 9.71 17.29 -14.00
CA SER A 90 9.44 18.40 -13.10
C SER A 90 10.70 19.23 -12.85
N SER A 91 10.59 20.54 -13.06
CA SER A 91 11.72 21.44 -12.87
C SER A 91 12.38 21.20 -11.52
N GLY A 92 11.59 21.26 -10.46
CA GLY A 92 12.11 21.05 -9.12
C GLY A 92 11.31 21.77 -8.06
N GLY A 1 7.46 -9.45 -7.64
CA GLY A 1 6.93 -8.52 -8.62
C GLY A 1 7.68 -7.20 -8.65
N SER A 2 6.94 -6.10 -8.54
CA SER A 2 7.54 -4.77 -8.57
C SER A 2 6.89 -3.87 -7.53
N SER A 3 7.63 -2.84 -7.10
CA SER A 3 7.11 -1.90 -6.12
C SER A 3 7.98 -0.65 -6.06
N GLY A 4 7.48 0.38 -5.39
CA GLY A 4 8.23 1.62 -5.27
C GLY A 4 9.41 1.50 -4.34
N SER A 5 10.61 1.48 -4.91
CA SER A 5 11.83 1.37 -4.12
C SER A 5 12.02 2.58 -3.22
N SER A 6 12.03 3.76 -3.82
CA SER A 6 12.20 5.01 -3.08
C SER A 6 11.24 6.08 -3.56
N GLY A 7 10.36 6.53 -2.68
CA GLY A 7 9.38 7.55 -3.03
C GLY A 7 7.97 7.11 -2.75
N MET A 8 7.03 7.55 -3.59
CA MET A 8 5.63 7.20 -3.43
C MET A 8 5.38 5.76 -3.83
N ALA A 9 4.36 5.15 -3.23
CA ALA A 9 4.01 3.76 -3.53
C ALA A 9 2.52 3.61 -3.76
N ASN A 10 2.16 2.93 -4.84
CA ASN A 10 0.76 2.70 -5.18
C ASN A 10 0.17 1.57 -4.35
N TYR A 11 -0.90 1.87 -3.62
CA TYR A 11 -1.55 0.87 -2.78
C TYR A 11 -1.92 -0.37 -3.59
N TYR A 12 -2.54 -0.15 -4.74
CA TYR A 12 -2.95 -1.25 -5.62
C TYR A 12 -1.80 -2.20 -5.86
N GLU A 13 -0.61 -1.64 -6.12
CA GLU A 13 0.57 -2.46 -6.37
C GLU A 13 1.00 -3.19 -5.10
N VAL A 14 1.16 -2.45 -4.02
CA VAL A 14 1.58 -3.04 -2.74
C VAL A 14 0.81 -4.32 -2.46
N LEU A 15 -0.52 -4.23 -2.53
CA LEU A 15 -1.37 -5.40 -2.28
C LEU A 15 -1.30 -6.39 -3.44
N GLY A 16 -1.31 -5.87 -4.66
CA GLY A 16 -1.25 -6.72 -5.84
C GLY A 16 -2.61 -6.97 -6.45
N VAL A 17 -3.39 -5.91 -6.62
CA VAL A 17 -4.72 -6.02 -7.21
C VAL A 17 -4.94 -4.94 -8.26
N GLN A 18 -6.09 -5.02 -8.93
CA GLN A 18 -6.43 -4.05 -9.96
C GLN A 18 -7.41 -3.00 -9.43
N ALA A 19 -7.47 -1.86 -10.12
CA ALA A 19 -8.36 -0.78 -9.71
C ALA A 19 -9.82 -1.24 -9.70
N SER A 20 -10.18 -2.08 -10.67
CA SER A 20 -11.54 -2.59 -10.77
C SER A 20 -11.69 -3.89 -9.99
N ALA A 21 -10.75 -4.15 -9.09
CA ALA A 21 -10.77 -5.36 -8.28
C ALA A 21 -11.97 -5.36 -7.33
N SER A 22 -12.32 -6.53 -6.84
CA SER A 22 -13.45 -6.67 -5.92
C SER A 22 -13.05 -6.31 -4.50
N PRO A 23 -14.04 -6.03 -3.65
CA PRO A 23 -13.80 -5.66 -2.24
C PRO A 23 -13.30 -6.85 -1.42
N GLU A 24 -13.52 -8.05 -1.93
CA GLU A 24 -13.10 -9.26 -1.23
C GLU A 24 -11.67 -9.64 -1.63
N ASP A 25 -11.36 -9.48 -2.90
CA ASP A 25 -10.03 -9.80 -3.41
C ASP A 25 -8.95 -9.07 -2.61
N ILE A 26 -9.18 -7.78 -2.35
CA ILE A 26 -8.24 -6.98 -1.60
C ILE A 26 -8.09 -7.48 -0.18
N LYS A 27 -9.21 -7.86 0.43
CA LYS A 27 -9.22 -8.36 1.80
C LYS A 27 -8.41 -9.65 1.90
N LYS A 28 -8.78 -10.63 1.09
CA LYS A 28 -8.08 -11.92 1.10
C LYS A 28 -6.59 -11.74 0.83
N ALA A 29 -6.26 -10.81 -0.08
CA ALA A 29 -4.87 -10.54 -0.42
C ALA A 29 -4.07 -10.13 0.82
N TYR A 30 -4.60 -9.15 1.55
CA TYR A 30 -3.93 -8.66 2.76
C TYR A 30 -3.63 -9.81 3.72
N ARG A 31 -4.69 -10.40 4.25
CA ARG A 31 -4.54 -11.51 5.19
C ARG A 31 -3.34 -12.38 4.82
N LYS A 32 -3.40 -12.97 3.63
CA LYS A 32 -2.31 -13.83 3.15
C LYS A 32 -0.99 -13.06 3.11
N LEU A 33 -1.02 -11.87 2.54
CA LEU A 33 0.18 -11.05 2.44
C LEU A 33 0.85 -10.90 3.81
N ALA A 34 0.12 -10.31 4.75
CA ALA A 34 0.63 -10.10 6.10
C ALA A 34 1.53 -11.26 6.53
N LEU A 35 1.03 -12.47 6.38
CA LEU A 35 1.78 -13.67 6.75
C LEU A 35 3.00 -13.84 5.85
N ARG A 36 2.82 -13.54 4.57
CA ARG A 36 3.90 -13.67 3.60
C ARG A 36 5.08 -12.76 3.98
N TRP A 37 4.79 -11.49 4.15
CA TRP A 37 5.81 -10.51 4.52
C TRP A 37 6.05 -10.50 6.01
N HIS A 38 5.56 -11.53 6.69
CA HIS A 38 5.72 -11.65 8.14
C HIS A 38 7.20 -11.78 8.51
N PRO A 39 7.60 -11.10 9.60
CA PRO A 39 8.98 -11.13 10.09
C PRO A 39 9.37 -12.48 10.66
N ASP A 40 8.44 -13.08 11.41
CA ASP A 40 8.68 -14.40 12.02
C ASP A 40 8.87 -15.46 10.95
N LYS A 41 8.11 -15.35 9.86
CA LYS A 41 8.19 -16.31 8.77
C LYS A 41 9.48 -16.13 7.97
N ASN A 42 10.07 -14.94 8.08
CA ASN A 42 11.31 -14.63 7.37
C ASN A 42 12.49 -14.58 8.33
N PRO A 43 13.29 -15.64 8.35
CA PRO A 43 14.46 -15.74 9.22
C PRO A 43 15.58 -14.79 8.79
N ASP A 44 15.93 -14.84 7.52
CA ASP A 44 16.98 -13.98 6.98
C ASP A 44 16.84 -12.55 7.48
N ASN A 45 15.71 -11.93 7.19
CA ASN A 45 15.44 -10.56 7.62
C ASN A 45 14.14 -10.48 8.41
N LYS A 46 14.23 -10.01 9.65
CA LYS A 46 13.07 -9.88 10.52
C LYS A 46 12.47 -8.48 10.42
N GLU A 47 13.31 -7.46 10.63
CA GLU A 47 12.86 -6.08 10.57
C GLU A 47 12.41 -5.72 9.16
N GLU A 48 13.35 -5.78 8.21
CA GLU A 48 13.04 -5.45 6.82
C GLU A 48 11.64 -5.93 6.44
N ALA A 49 11.30 -7.15 6.86
CA ALA A 49 10.00 -7.72 6.57
C ALA A 49 8.90 -7.01 7.34
N GLU A 50 9.12 -6.84 8.64
CA GLU A 50 8.13 -6.17 9.49
C GLU A 50 7.63 -4.89 8.83
N LYS A 51 8.54 -4.14 8.23
CA LYS A 51 8.18 -2.89 7.56
C LYS A 51 7.08 -3.12 6.53
N LYS A 52 7.33 -4.04 5.60
CA LYS A 52 6.36 -4.36 4.56
C LYS A 52 4.99 -4.67 5.17
N PHE A 53 5.00 -5.38 6.28
CA PHE A 53 3.75 -5.74 6.96
C PHE A 53 2.89 -4.51 7.21
N LYS A 54 3.53 -3.42 7.59
CA LYS A 54 2.82 -2.16 7.86
C LYS A 54 2.20 -1.60 6.58
N LEU A 55 2.92 -1.75 5.47
CA LEU A 55 2.44 -1.27 4.19
C LEU A 55 1.18 -2.00 3.75
N VAL A 56 1.24 -3.33 3.78
CA VAL A 56 0.08 -4.15 3.40
C VAL A 56 -1.11 -3.86 4.29
N SER A 57 -0.85 -3.54 5.56
CA SER A 57 -1.90 -3.25 6.51
C SER A 57 -2.50 -1.86 6.26
N GLU A 58 -1.62 -0.89 6.04
CA GLU A 58 -2.04 0.48 5.79
C GLU A 58 -2.86 0.57 4.50
N ALA A 59 -2.25 0.16 3.39
CA ALA A 59 -2.92 0.19 2.10
C ALA A 59 -4.22 -0.61 2.13
N TYR A 60 -4.13 -1.85 2.60
CA TYR A 60 -5.30 -2.72 2.68
C TYR A 60 -6.52 -1.95 3.16
N GLU A 61 -6.31 -1.02 4.09
CA GLU A 61 -7.39 -0.21 4.63
C GLU A 61 -7.76 0.93 3.68
N VAL A 62 -6.74 1.60 3.14
CA VAL A 62 -6.95 2.70 2.22
C VAL A 62 -7.99 2.35 1.17
N LEU A 63 -7.96 1.09 0.71
CA LEU A 63 -8.90 0.62 -0.29
C LEU A 63 -10.18 0.10 0.36
N SER A 64 -10.03 -0.71 1.39
CA SER A 64 -11.17 -1.27 2.10
C SER A 64 -12.19 -0.18 2.44
N ASP A 65 -11.68 0.96 2.87
CA ASP A 65 -12.55 2.09 3.22
C ASP A 65 -13.16 2.72 1.98
N SER A 66 -14.30 3.39 2.16
CA SER A 66 -14.99 4.03 1.05
C SER A 66 -14.51 5.47 0.88
N LYS A 67 -14.35 6.18 1.98
CA LYS A 67 -13.89 7.56 1.95
C LYS A 67 -12.45 7.65 1.47
N LYS A 68 -11.63 6.70 1.89
CA LYS A 68 -10.23 6.67 1.50
C LYS A 68 -10.07 6.17 0.07
N ARG A 69 -10.72 5.06 -0.24
CA ARG A 69 -10.66 4.48 -1.58
C ARG A 69 -11.04 5.52 -2.64
N SER A 70 -12.23 6.10 -2.48
CA SER A 70 -12.71 7.10 -3.41
C SER A 70 -11.71 8.24 -3.56
N LEU A 71 -11.25 8.77 -2.44
CA LEU A 71 -10.28 9.87 -2.44
C LEU A 71 -9.04 9.48 -3.24
N TYR A 72 -8.49 8.32 -2.95
CA TYR A 72 -7.29 7.83 -3.63
C TYR A 72 -7.52 7.77 -5.14
N ASP A 73 -8.70 7.31 -5.53
CA ASP A 73 -9.05 7.20 -6.94
C ASP A 73 -9.09 8.57 -7.60
N ARG A 74 -9.98 9.43 -7.11
CA ARG A 74 -10.12 10.78 -7.65
C ARG A 74 -8.78 11.51 -7.64
N ALA A 75 -8.07 11.42 -6.52
CA ALA A 75 -6.78 12.08 -6.38
C ALA A 75 -5.91 11.83 -7.60
N GLY A 76 -5.61 10.56 -7.88
CA GLY A 76 -4.79 10.21 -9.02
C GLY A 76 -3.51 9.52 -8.62
N CYS A 77 -3.18 8.44 -9.32
CA CYS A 77 -1.96 7.68 -9.03
C CYS A 77 -0.73 8.40 -9.58
N ASP A 78 -0.84 8.89 -10.81
CA ASP A 78 0.27 9.60 -11.44
C ASP A 78 0.36 11.03 -10.93
N SER A 79 1.59 11.46 -10.62
CA SER A 79 1.82 12.81 -10.11
C SER A 79 2.82 13.55 -10.99
N TRP A 80 2.70 14.88 -11.02
CA TRP A 80 3.59 15.71 -11.82
C TRP A 80 3.98 16.97 -11.07
N ARG A 81 5.24 17.05 -10.65
CA ARG A 81 5.72 18.20 -9.92
C ARG A 81 7.19 18.48 -10.25
N ALA A 82 7.51 19.75 -10.47
CA ALA A 82 8.87 20.15 -10.80
C ALA A 82 9.83 19.81 -9.67
N GLY A 83 10.99 19.26 -10.03
CA GLY A 83 11.99 18.89 -9.03
C GLY A 83 13.26 18.35 -9.66
N GLY A 84 13.10 17.54 -10.71
CA GLY A 84 14.26 16.96 -11.37
C GLY A 84 14.97 17.96 -12.26
N GLY A 85 14.26 18.48 -13.26
CA GLY A 85 14.85 19.44 -14.17
C GLY A 85 15.29 20.71 -13.47
N ALA A 86 14.36 21.65 -13.31
CA ALA A 86 14.65 22.91 -12.65
C ALA A 86 14.08 22.95 -11.24
N SER A 87 14.65 23.80 -10.40
CA SER A 87 14.20 23.91 -9.01
C SER A 87 13.45 25.23 -8.80
N GLY A 88 12.32 25.15 -8.10
CA GLY A 88 11.53 26.34 -7.84
C GLY A 88 12.37 27.53 -7.41
N PRO A 89 12.45 28.54 -8.28
CA PRO A 89 13.24 29.75 -8.00
C PRO A 89 12.61 30.60 -6.91
N SER A 90 11.52 30.12 -6.34
CA SER A 90 10.83 30.85 -5.28
C SER A 90 11.30 30.38 -3.91
N SER A 91 10.97 31.16 -2.88
CA SER A 91 11.36 30.84 -1.52
C SER A 91 10.99 29.40 -1.17
N GLY A 92 9.76 29.01 -1.52
CA GLY A 92 9.31 27.67 -1.24
C GLY A 92 8.50 27.58 0.04
#